data_4ZZB
#
_entry.id   4ZZB
#
_cell.length_a   176.966
_cell.length_b   130.528
_cell.length_c   157.526
_cell.angle_alpha   90.00
_cell.angle_beta   100.33
_cell.angle_gamma   90.00
#
_symmetry.space_group_name_H-M   'C 1 2 1'
#
loop_
_entity.id
_entity.type
_entity.pdbx_description
1 polymer 'Proton-gated ion channel'
2 non-polymer DODECYL-BETA-D-MALTOSIDE
3 non-polymer 'CHLORIDE ION'
4 non-polymer 'SODIUM ION'
5 non-polymer 'ACETATE ION'
6 non-polymer XENON
#
_entity_poly.entity_id   1
_entity_poly.type   'polypeptide(L)'
_entity_poly.pdbx_seq_one_letter_code
;AQDMVSPPPPIADEPLTVNTGIYLIESYSLDDCAETFKVNAFLSLSWKDRRLAFDPVRSGVRVKTYEPEAIWIPEIRFVN
VENARDADVVDISVSPDGTVQYLERFSARVLSPLDFRRYPFDSQTLHIYLIVRSVDTRNIVLAVDLEKVGKNDDVFLTGW
DIESFTAVVKPANFALEDRLESKLDYQLRISRQYFSYIPNIILPMLFILFISWTAFWSTSYEANVTLVVSTLIAHIAFNI
LVETNCPKTPYMTYTGAIIFMIYLFYFVAVIEVTVQHYLKVESQPARAASITRASRIAFPVVFLLANIILAFLFFGF
;
_entity_poly.pdbx_strand_id   A,B,C,D,E
#
# COMPACT_ATOMS: atom_id res chain seq x y z
N VAL A 5 -15.38 19.95 -37.25
CA VAL A 5 -14.28 19.75 -36.31
C VAL A 5 -13.38 21.02 -36.26
N SER A 6 -14.04 22.17 -36.10
CA SER A 6 -13.50 23.53 -35.95
C SER A 6 -14.45 24.25 -34.97
N PRO A 7 -14.04 25.24 -34.14
CA PRO A 7 -15.02 25.86 -33.23
C PRO A 7 -16.14 26.64 -33.92
N PRO A 8 -17.35 26.78 -33.32
CA PRO A 8 -18.44 27.53 -33.99
C PRO A 8 -18.07 29.00 -34.25
N PRO A 9 -18.44 29.58 -35.41
CA PRO A 9 -18.06 30.98 -35.67
C PRO A 9 -18.81 32.03 -34.85
N PRO A 10 -18.18 33.17 -34.46
CA PRO A 10 -18.92 34.18 -33.69
C PRO A 10 -19.85 35.02 -34.57
N ILE A 11 -21.03 35.41 -34.03
CA ILE A 11 -21.99 36.24 -34.77
C ILE A 11 -21.43 37.66 -34.94
N ALA A 12 -20.70 38.15 -33.92
CA ALA A 12 -20.07 39.47 -33.91
C ALA A 12 -18.55 39.28 -33.74
N ASP A 13 -18.06 39.28 -32.48
CA ASP A 13 -16.66 39.11 -32.07
C ASP A 13 -16.63 38.56 -30.63
N GLU A 14 -17.82 38.18 -30.11
CA GLU A 14 -18.04 37.66 -28.77
C GLU A 14 -17.35 36.30 -28.51
N PRO A 15 -16.90 36.00 -27.27
CA PRO A 15 -16.30 34.69 -27.02
C PRO A 15 -17.39 33.62 -26.86
N LEU A 16 -17.01 32.33 -27.03
CA LEU A 16 -17.98 31.25 -26.89
C LEU A 16 -18.18 30.92 -25.42
N THR A 17 -19.45 30.92 -24.97
CA THR A 17 -19.79 30.60 -23.60
C THR A 17 -20.18 29.13 -23.47
N VAL A 18 -19.41 28.40 -22.66
CA VAL A 18 -19.66 27.00 -22.37
C VAL A 18 -20.25 26.96 -20.95
N ASN A 19 -21.56 26.70 -20.85
CA ASN A 19 -22.25 26.60 -19.57
C ASN A 19 -21.98 25.22 -19.00
N THR A 20 -21.44 25.20 -17.78
CA THR A 20 -21.07 23.98 -17.08
C THR A 20 -21.98 23.68 -15.89
N GLY A 21 -21.83 22.49 -15.35
CA GLY A 21 -22.55 21.97 -14.21
C GLY A 21 -22.00 20.62 -13.79
N ILE A 22 -21.75 20.45 -12.49
CA ILE A 22 -21.24 19.22 -11.92
C ILE A 22 -22.27 18.72 -10.90
N TYR A 23 -22.68 17.46 -11.02
CA TYR A 23 -23.62 16.84 -10.09
C TYR A 23 -22.95 15.63 -9.45
N LEU A 24 -22.62 15.72 -8.14
CA LEU A 24 -21.96 14.63 -7.41
C LEU A 24 -22.84 13.41 -7.23
N ILE A 25 -22.35 12.28 -7.74
CA ILE A 25 -23.04 10.99 -7.60
C ILE A 25 -22.47 10.32 -6.37
N GLU A 26 -21.12 10.25 -6.29
CA GLU A 26 -20.39 9.66 -5.19
C GLU A 26 -19.17 10.46 -4.83
N SER A 27 -18.91 10.54 -3.53
CA SER A 27 -17.72 11.15 -2.96
C SER A 27 -17.15 10.07 -2.07
N TYR A 28 -15.85 9.78 -2.20
CA TYR A 28 -15.22 8.71 -1.41
C TYR A 28 -13.71 8.90 -1.33
N SER A 29 -13.04 7.99 -0.60
CA SER A 29 -11.59 7.94 -0.44
C SER A 29 -10.93 9.30 -0.18
N LEU A 30 -11.41 10.04 0.85
CA LEU A 30 -10.75 11.29 1.20
C LEU A 30 -9.52 10.90 2.01
N ASP A 31 -8.33 11.18 1.47
CA ASP A 31 -7.07 10.86 2.12
C ASP A 31 -6.47 12.14 2.67
N ASP A 32 -6.33 12.21 3.99
CA ASP A 32 -5.79 13.36 4.70
C ASP A 32 -4.28 13.48 4.50
N CYS A 33 -3.58 12.34 4.47
CA CYS A 33 -2.14 12.25 4.29
C CYS A 33 -1.76 12.69 2.88
N ALA A 34 -2.52 12.21 1.88
CA ALA A 34 -2.26 12.54 0.47
C ALA A 34 -2.90 13.86 0.04
N GLU A 35 -3.85 14.40 0.84
CA GLU A 35 -4.62 15.63 0.56
C GLU A 35 -5.41 15.50 -0.75
N THR A 36 -5.94 14.29 -1.00
CA THR A 36 -6.70 13.95 -2.20
C THR A 36 -8.05 13.38 -1.83
N PHE A 37 -8.99 13.41 -2.78
CA PHE A 37 -10.32 12.81 -2.63
C PHE A 37 -10.80 12.31 -3.98
N LYS A 38 -11.45 11.15 -3.96
CA LYS A 38 -11.97 10.54 -5.17
C LYS A 38 -13.44 10.92 -5.32
N VAL A 39 -13.78 11.37 -6.53
CA VAL A 39 -15.13 11.83 -6.86
C VAL A 39 -15.67 11.12 -8.10
N ASN A 40 -16.98 10.85 -8.10
CA ASN A 40 -17.73 10.26 -9.20
C ASN A 40 -18.92 11.18 -9.42
N ALA A 41 -18.98 11.83 -10.60
CA ALA A 41 -20.01 12.82 -10.89
C ALA A 41 -20.40 12.92 -12.37
N PHE A 42 -21.43 13.73 -12.64
CA PHE A 42 -21.89 14.08 -13.97
C PHE A 42 -21.28 15.42 -14.31
N LEU A 43 -20.87 15.60 -15.57
CA LEU A 43 -20.38 16.88 -16.06
C LEU A 43 -21.26 17.26 -17.24
N SER A 44 -22.04 18.34 -17.08
CA SER A 44 -22.91 18.83 -18.13
C SER A 44 -22.24 20.01 -18.81
N LEU A 45 -22.36 20.06 -20.14
CA LEU A 45 -21.79 21.13 -20.96
C LEU A 45 -22.83 21.63 -21.95
N SER A 46 -22.95 22.96 -22.09
CA SER A 46 -23.90 23.57 -23.03
C SER A 46 -23.33 24.78 -23.73
N TRP A 47 -23.38 24.77 -25.07
CA TRP A 47 -22.87 25.84 -25.93
C TRP A 47 -23.69 25.91 -27.22
N LYS A 48 -23.67 27.07 -27.91
CA LYS A 48 -24.41 27.25 -29.15
C LYS A 48 -23.49 27.17 -30.37
N ASP A 49 -23.85 26.31 -31.32
CA ASP A 49 -23.17 26.13 -32.60
C ASP A 49 -24.24 26.19 -33.67
N ARG A 50 -24.31 27.32 -34.40
CA ARG A 50 -25.31 27.56 -35.43
C ARG A 50 -25.12 26.69 -36.68
N ARG A 51 -23.94 26.07 -36.87
CA ARG A 51 -23.69 25.14 -37.99
C ARG A 51 -24.55 23.87 -37.79
N LEU A 52 -24.94 23.61 -36.54
CA LEU A 52 -25.77 22.46 -36.12
C LEU A 52 -27.25 22.83 -36.00
N ALA A 53 -27.56 24.16 -36.12
CA ALA A 53 -28.92 24.69 -36.06
C ALA A 53 -29.71 24.22 -37.28
N PHE A 54 -30.96 23.79 -37.05
CA PHE A 54 -31.84 23.24 -38.08
C PHE A 54 -33.28 23.70 -37.92
N ASP A 55 -34.04 23.69 -39.03
CA ASP A 55 -35.45 24.04 -39.03
C ASP A 55 -36.23 22.81 -38.55
N PRO A 56 -37.02 22.88 -37.45
CA PRO A 56 -37.74 21.66 -36.99
C PRO A 56 -38.85 21.17 -37.92
N VAL A 57 -39.47 22.08 -38.69
CA VAL A 57 -40.57 21.80 -39.64
C VAL A 57 -40.09 20.86 -40.78
N ARG A 58 -38.94 21.17 -41.40
CA ARG A 58 -38.38 20.38 -42.49
C ARG A 58 -37.49 19.21 -42.00
N SER A 59 -37.22 19.13 -40.68
CA SER A 59 -36.38 18.09 -40.08
C SER A 59 -37.19 17.01 -39.34
N GLY A 60 -38.11 17.46 -38.48
CA GLY A 60 -39.03 16.61 -37.73
C GLY A 60 -38.48 15.75 -36.61
N VAL A 61 -37.63 16.34 -35.75
CA VAL A 61 -37.06 15.68 -34.57
C VAL A 61 -37.03 16.71 -33.43
N ARG A 62 -37.29 16.26 -32.17
CA ARG A 62 -37.23 17.11 -30.96
C ARG A 62 -35.82 17.68 -30.85
N VAL A 63 -34.84 16.77 -30.78
CA VAL A 63 -33.41 17.07 -30.66
C VAL A 63 -32.61 16.02 -31.46
N LYS A 64 -31.52 16.46 -32.11
CA LYS A 64 -30.63 15.57 -32.86
C LYS A 64 -29.57 14.99 -31.93
N THR A 65 -29.30 13.68 -32.05
CA THR A 65 -28.27 13.00 -31.24
C THR A 65 -27.04 12.75 -32.08
N TYR A 66 -25.86 13.08 -31.54
CA TYR A 66 -24.58 12.91 -32.22
C TYR A 66 -23.58 12.08 -31.41
N GLU A 67 -22.59 11.52 -32.10
CA GLU A 67 -21.49 10.78 -31.50
C GLU A 67 -20.38 11.80 -31.22
N PRO A 68 -19.54 11.62 -30.17
CA PRO A 68 -18.49 12.62 -29.86
C PRO A 68 -17.60 13.01 -31.03
N GLU A 69 -17.26 12.02 -31.86
CA GLU A 69 -16.40 12.15 -33.04
C GLU A 69 -17.05 12.96 -34.16
N ALA A 70 -18.40 12.94 -34.24
CA ALA A 70 -19.18 13.62 -35.28
C ALA A 70 -19.21 15.15 -35.20
N ILE A 71 -19.16 15.75 -33.99
CA ILE A 71 -19.25 17.21 -33.83
C ILE A 71 -18.16 17.83 -32.96
N TRP A 72 -18.03 19.17 -33.02
CA TRP A 72 -17.08 19.94 -32.22
C TRP A 72 -17.55 19.98 -30.79
N ILE A 73 -16.66 19.60 -29.86
CA ILE A 73 -16.91 19.61 -28.42
C ILE A 73 -15.74 20.35 -27.75
N PRO A 74 -15.99 21.32 -26.83
CA PRO A 74 -14.87 22.01 -26.18
C PRO A 74 -14.06 21.06 -25.31
N GLU A 75 -12.75 21.25 -25.26
CA GLU A 75 -11.88 20.40 -24.45
C GLU A 75 -11.83 20.95 -23.04
N ILE A 76 -12.68 20.41 -22.15
CA ILE A 76 -12.70 20.81 -20.75
C ILE A 76 -11.80 19.87 -19.97
N ARG A 77 -10.89 20.44 -19.19
CA ARG A 77 -9.96 19.67 -18.36
C ARG A 77 -10.11 20.16 -16.93
N PHE A 78 -9.59 19.37 -15.98
CA PHE A 78 -9.59 19.71 -14.57
C PHE A 78 -8.17 20.12 -14.25
N VAL A 79 -8.02 21.18 -13.46
CA VAL A 79 -6.70 21.70 -13.10
C VAL A 79 -6.02 20.81 -12.06
N ASN A 80 -6.69 20.61 -10.91
CA ASN A 80 -6.14 19.88 -9.77
C ASN A 80 -6.49 18.37 -9.74
N VAL A 81 -6.10 17.64 -10.80
CA VAL A 81 -6.29 16.18 -10.84
C VAL A 81 -4.96 15.45 -10.94
N GLU A 82 -4.91 14.19 -10.42
CA GLU A 82 -3.70 13.35 -10.46
C GLU A 82 -3.43 13.02 -11.95
N ASN A 83 -4.38 12.33 -12.59
CA ASN A 83 -4.35 12.01 -14.02
C ASN A 83 -5.66 12.52 -14.60
N ALA A 84 -5.80 12.52 -15.94
CA ALA A 84 -7.03 12.95 -16.60
C ALA A 84 -8.16 12.04 -16.18
N ARG A 85 -9.34 12.64 -15.92
CA ARG A 85 -10.56 11.95 -15.47
C ARG A 85 -10.95 10.81 -16.41
N ASP A 86 -11.54 9.75 -15.84
CA ASP A 86 -12.06 8.63 -16.62
C ASP A 86 -13.46 9.08 -16.97
N ALA A 87 -13.73 9.37 -18.25
CA ALA A 87 -15.03 9.87 -18.68
C ALA A 87 -15.76 8.93 -19.60
N ASP A 88 -17.08 8.95 -19.50
CA ASP A 88 -18.00 8.17 -20.31
C ASP A 88 -19.11 9.10 -20.75
N VAL A 89 -19.16 9.42 -22.06
CA VAL A 89 -20.19 10.32 -22.61
C VAL A 89 -21.53 9.60 -22.49
N VAL A 90 -22.45 10.21 -21.73
CA VAL A 90 -23.79 9.70 -21.47
C VAL A 90 -24.73 10.13 -22.60
N ASP A 91 -24.74 11.43 -22.97
CA ASP A 91 -25.64 11.97 -23.99
C ASP A 91 -25.15 13.27 -24.64
N ILE A 92 -25.43 13.42 -25.96
CA ILE A 92 -25.16 14.62 -26.76
C ILE A 92 -26.44 14.94 -27.53
N SER A 93 -27.09 16.06 -27.18
CA SER A 93 -28.34 16.50 -27.80
C SER A 93 -28.23 17.89 -28.41
N VAL A 94 -28.74 18.07 -29.65
CA VAL A 94 -28.73 19.35 -30.36
C VAL A 94 -30.16 19.80 -30.64
N SER A 95 -30.52 21.01 -30.16
CA SER A 95 -31.84 21.63 -30.33
C SER A 95 -31.85 22.50 -31.60
N PRO A 96 -33.04 22.82 -32.20
CA PRO A 96 -33.08 23.60 -33.46
C PRO A 96 -32.23 24.87 -33.58
N ASP A 97 -32.01 25.61 -32.48
CA ASP A 97 -31.23 26.85 -32.49
C ASP A 97 -29.70 26.64 -32.53
N GLY A 98 -29.28 25.38 -32.39
CA GLY A 98 -27.88 24.98 -32.39
C GLY A 98 -27.26 24.78 -31.02
N THR A 99 -28.10 24.80 -29.95
CA THR A 99 -27.65 24.61 -28.58
C THR A 99 -27.30 23.14 -28.36
N VAL A 100 -26.01 22.87 -28.12
CA VAL A 100 -25.52 21.51 -27.86
C VAL A 100 -25.59 21.27 -26.36
N GLN A 101 -26.19 20.16 -25.96
CA GLN A 101 -26.32 19.76 -24.57
C GLN A 101 -25.61 18.43 -24.41
N TYR A 102 -24.42 18.51 -23.83
CA TYR A 102 -23.49 17.42 -23.59
C TYR A 102 -23.57 16.98 -22.14
N LEU A 103 -23.48 15.66 -21.91
CA LEU A 103 -23.46 15.05 -20.57
C LEU A 103 -22.55 13.84 -20.56
N GLU A 104 -21.68 13.77 -19.55
CA GLU A 104 -20.75 12.67 -19.34
C GLU A 104 -20.69 12.30 -17.87
N ARG A 105 -20.38 11.04 -17.58
CA ARG A 105 -20.16 10.59 -16.22
C ARG A 105 -18.66 10.37 -16.07
N PHE A 106 -18.06 10.96 -15.04
CA PHE A 106 -16.63 10.84 -14.84
C PHE A 106 -16.25 10.47 -13.40
N SER A 107 -15.04 9.96 -13.24
CA SER A 107 -14.44 9.66 -11.96
C SER A 107 -13.07 10.29 -11.99
N ALA A 108 -12.65 10.93 -10.88
CA ALA A 108 -11.35 11.59 -10.81
C ALA A 108 -10.84 11.67 -9.38
N ARG A 109 -9.51 11.61 -9.22
CA ARG A 109 -8.84 11.76 -7.93
C ARG A 109 -8.32 13.20 -7.92
N VAL A 110 -9.01 14.04 -7.16
CA VAL A 110 -8.79 15.48 -7.08
C VAL A 110 -7.80 15.79 -5.94
N LEU A 111 -6.81 16.66 -6.23
CA LEU A 111 -5.82 17.11 -5.26
C LEU A 111 -6.30 18.44 -4.70
N SER A 112 -6.60 18.47 -3.39
CA SER A 112 -7.08 19.70 -2.74
C SER A 112 -6.37 19.88 -1.39
N PRO A 113 -5.58 20.99 -1.21
CA PRO A 113 -4.88 21.18 0.07
C PRO A 113 -5.82 21.27 1.27
N LEU A 114 -5.38 20.68 2.39
CA LEU A 114 -6.15 20.65 3.63
C LEU A 114 -5.42 21.36 4.76
N ASP A 115 -6.14 22.18 5.53
CA ASP A 115 -5.61 22.94 6.67
C ASP A 115 -5.98 22.22 7.97
N PHE A 116 -4.96 21.65 8.62
CA PHE A 116 -5.10 20.88 9.84
C PHE A 116 -4.82 21.66 11.11
N ARG A 117 -4.63 23.00 11.03
CA ARG A 117 -4.37 23.85 12.20
C ARG A 117 -5.40 23.69 13.32
N ARG A 118 -6.70 23.51 12.99
CA ARG A 118 -7.79 23.36 13.96
C ARG A 118 -8.30 21.92 14.17
N TYR A 119 -7.55 20.90 13.68
CA TYR A 119 -7.91 19.48 13.80
C TYR A 119 -8.07 19.08 15.28
N PRO A 120 -9.09 18.28 15.66
CA PRO A 120 -10.15 17.66 14.84
C PRO A 120 -11.45 18.49 14.74
N PHE A 121 -11.36 19.79 15.01
CA PHE A 121 -12.50 20.72 14.98
C PHE A 121 -12.43 21.57 13.71
N ASP A 122 -11.83 20.99 12.65
CA ASP A 122 -11.62 21.64 11.36
C ASP A 122 -12.75 21.44 10.37
N SER A 123 -12.87 22.41 9.47
CA SER A 123 -13.78 22.41 8.34
C SER A 123 -12.91 22.63 7.11
N GLN A 124 -13.27 21.97 6.00
CA GLN A 124 -12.51 22.05 4.76
C GLN A 124 -13.38 22.42 3.59
N THR A 125 -12.80 23.11 2.60
CA THR A 125 -13.44 23.45 1.34
C THR A 125 -12.64 22.70 0.28
N LEU A 126 -13.24 21.66 -0.28
CA LEU A 126 -12.62 20.85 -1.33
C LEU A 126 -12.89 21.53 -2.66
N HIS A 127 -11.83 21.69 -3.48
CA HIS A 127 -11.93 22.37 -4.76
C HIS A 127 -11.82 21.46 -5.96
N ILE A 128 -12.60 21.77 -7.00
CA ILE A 128 -12.57 21.13 -8.31
C ILE A 128 -12.52 22.27 -9.29
N TYR A 129 -11.37 22.42 -9.97
CA TYR A 129 -11.18 23.51 -10.92
C TYR A 129 -11.34 23.09 -12.37
N LEU A 130 -12.44 23.56 -13.01
CA LEU A 130 -12.70 23.31 -14.44
C LEU A 130 -11.92 24.32 -15.24
N ILE A 131 -11.40 23.92 -16.40
CA ILE A 131 -10.63 24.83 -17.25
C ILE A 131 -10.85 24.53 -18.73
N VAL A 132 -10.76 25.58 -19.55
CA VAL A 132 -10.86 25.51 -21.01
C VAL A 132 -9.81 26.44 -21.63
N ARG A 133 -9.07 25.92 -22.62
CA ARG A 133 -8.08 26.71 -23.32
C ARG A 133 -8.71 27.22 -24.60
N SER A 134 -8.60 28.54 -24.85
CA SER A 134 -9.16 29.17 -26.05
C SER A 134 -8.43 28.70 -27.32
N VAL A 135 -9.10 28.76 -28.46
CA VAL A 135 -8.56 28.29 -29.74
C VAL A 135 -8.17 29.45 -30.69
N ASP A 136 -7.58 29.09 -31.86
CA ASP A 136 -7.09 30.03 -32.88
C ASP A 136 -8.14 31.02 -33.36
N THR A 137 -9.29 30.50 -33.85
CA THR A 137 -10.37 31.32 -34.41
C THR A 137 -11.17 32.10 -33.35
N ARG A 138 -11.38 31.55 -32.12
CA ARG A 138 -12.12 32.31 -31.09
C ARG A 138 -11.83 31.89 -29.64
N ASN A 139 -12.09 32.84 -28.72
CA ASN A 139 -11.93 32.69 -27.28
C ASN A 139 -13.08 31.93 -26.68
N ILE A 140 -12.78 31.03 -25.72
CA ILE A 140 -13.76 30.21 -25.02
C ILE A 140 -13.78 30.63 -23.55
N VAL A 141 -15.00 30.89 -23.04
CA VAL A 141 -15.27 31.32 -21.68
C VAL A 141 -16.27 30.36 -20.98
N LEU A 142 -15.97 29.98 -19.73
CA LEU A 142 -16.83 29.09 -18.94
C LEU A 142 -17.89 29.88 -18.16
N ALA A 143 -19.04 29.25 -17.91
CA ALA A 143 -20.17 29.79 -17.14
C ALA A 143 -20.80 28.69 -16.29
N VAL A 144 -21.57 29.05 -15.26
CA VAL A 144 -22.22 28.08 -14.38
C VAL A 144 -23.74 28.04 -14.58
N ASP A 145 -24.28 26.85 -14.91
CA ASP A 145 -25.72 26.62 -15.01
C ASP A 145 -26.08 26.04 -13.64
N LEU A 146 -26.57 26.91 -12.75
CA LEU A 146 -26.91 26.57 -11.35
C LEU A 146 -27.98 25.48 -11.22
N GLU A 147 -28.79 25.28 -12.27
CA GLU A 147 -29.83 24.24 -12.34
C GLU A 147 -29.17 22.87 -12.46
N LYS A 148 -27.92 22.82 -12.98
CA LYS A 148 -27.18 21.59 -13.20
C LYS A 148 -25.98 21.38 -12.23
N VAL A 149 -25.95 22.14 -11.10
CA VAL A 149 -24.94 22.02 -10.05
C VAL A 149 -25.64 21.50 -8.79
N GLY A 150 -25.25 20.31 -8.35
CA GLY A 150 -25.83 19.66 -7.17
C GLY A 150 -25.09 18.42 -6.72
N LYS A 151 -25.72 17.67 -5.82
CA LYS A 151 -25.18 16.43 -5.27
C LYS A 151 -26.30 15.50 -4.85
N ASN A 152 -26.06 14.18 -4.99
CA ASN A 152 -26.96 13.11 -4.57
C ASN A 152 -27.12 13.21 -3.05
N ASP A 153 -28.34 12.99 -2.54
CA ASP A 153 -28.65 13.07 -1.12
C ASP A 153 -27.89 12.04 -0.28
N ASP A 154 -27.55 10.89 -0.90
CA ASP A 154 -26.83 9.79 -0.28
C ASP A 154 -25.30 9.95 -0.27
N VAL A 155 -24.77 11.05 -0.88
CA VAL A 155 -23.33 11.37 -0.94
C VAL A 155 -22.80 11.49 0.49
N PHE A 156 -21.73 10.73 0.81
CA PHE A 156 -21.18 10.71 2.15
C PHE A 156 -19.66 10.55 2.18
N LEU A 157 -19.06 11.05 3.27
CA LEU A 157 -17.65 10.96 3.59
C LEU A 157 -17.63 10.63 5.07
N THR A 158 -17.19 9.40 5.42
CA THR A 158 -17.16 8.94 6.80
C THR A 158 -16.31 9.87 7.66
N GLY A 159 -16.92 10.35 8.75
CA GLY A 159 -16.31 11.27 9.69
C GLY A 159 -16.46 12.73 9.32
N TRP A 160 -17.28 13.02 8.31
CA TRP A 160 -17.51 14.38 7.83
C TRP A 160 -18.97 14.68 7.58
N ASP A 161 -19.35 15.95 7.76
CA ASP A 161 -20.68 16.46 7.48
C ASP A 161 -20.54 17.28 6.20
N ILE A 162 -21.23 16.84 5.12
CA ILE A 162 -21.20 17.51 3.82
C ILE A 162 -22.22 18.65 3.85
N GLU A 163 -21.72 19.89 4.05
CA GLU A 163 -22.51 21.11 4.17
C GLU A 163 -23.16 21.52 2.86
N SER A 164 -22.35 21.72 1.80
CA SER A 164 -22.84 22.18 0.51
C SER A 164 -21.88 21.88 -0.64
N PHE A 165 -22.43 21.84 -1.86
CA PHE A 165 -21.68 21.72 -3.09
C PHE A 165 -22.13 22.84 -4.00
N THR A 166 -21.26 23.82 -4.21
CA THR A 166 -21.56 25.01 -5.00
C THR A 166 -20.41 25.37 -5.95
N ALA A 167 -20.63 26.37 -6.80
CA ALA A 167 -19.61 26.85 -7.72
C ALA A 167 -19.56 28.37 -7.68
N VAL A 168 -18.34 28.94 -7.81
CA VAL A 168 -18.12 30.38 -7.86
C VAL A 168 -18.42 30.76 -9.32
N VAL A 169 -19.64 31.32 -9.55
CA VAL A 169 -20.21 31.66 -10.86
C VAL A 169 -19.30 32.51 -11.77
N LYS A 170 -18.52 33.45 -11.19
CA LYS A 170 -17.60 34.28 -11.97
C LYS A 170 -16.31 33.51 -12.28
N PRO A 171 -16.00 33.22 -13.57
CA PRO A 171 -14.77 32.48 -13.88
C PRO A 171 -13.52 33.35 -13.73
N ALA A 172 -12.37 32.69 -13.59
CA ALA A 172 -11.07 33.32 -13.48
C ALA A 172 -10.43 33.24 -14.86
N ASN A 173 -10.49 34.34 -15.61
CA ASN A 173 -9.94 34.39 -16.97
C ASN A 173 -8.56 35.01 -16.93
N PHE A 174 -7.57 34.28 -17.47
CA PHE A 174 -6.17 34.68 -17.48
C PHE A 174 -5.45 34.12 -18.69
N ALA A 175 -4.25 34.65 -18.98
CA ALA A 175 -3.42 34.20 -20.10
C ALA A 175 -2.44 33.14 -19.64
N LEU A 176 -2.29 32.09 -20.45
CA LEU A 176 -1.38 30.97 -20.22
C LEU A 176 -0.93 30.40 -21.55
N GLU A 177 0.39 30.32 -21.77
CA GLU A 177 1.02 29.82 -23.00
C GLU A 177 0.47 30.54 -24.26
N ASP A 178 0.34 31.89 -24.16
CA ASP A 178 -0.17 32.82 -25.19
C ASP A 178 -1.65 32.61 -25.59
N ARG A 179 -2.46 32.00 -24.71
CA ARG A 179 -3.89 31.80 -24.95
C ARG A 179 -4.67 32.09 -23.67
N LEU A 180 -5.92 32.54 -23.84
CA LEU A 180 -6.83 32.85 -22.73
C LEU A 180 -7.35 31.53 -22.17
N GLU A 181 -7.40 31.42 -20.84
CA GLU A 181 -7.90 30.24 -20.15
C GLU A 181 -8.97 30.67 -19.14
N SER A 182 -10.16 30.08 -19.24
CA SER A 182 -11.29 30.38 -18.35
C SER A 182 -11.41 29.25 -17.32
N LYS A 183 -11.23 29.60 -16.04
CA LYS A 183 -11.23 28.65 -14.91
C LYS A 183 -12.44 28.83 -13.99
N LEU A 184 -13.08 27.70 -13.60
CA LEU A 184 -14.20 27.72 -12.67
C LEU A 184 -13.87 26.99 -11.39
N ASP A 185 -14.39 27.50 -10.26
CA ASP A 185 -14.13 26.93 -8.95
C ASP A 185 -15.39 26.26 -8.38
N TYR A 186 -15.36 24.92 -8.31
CA TYR A 186 -16.43 24.13 -7.71
C TYR A 186 -15.96 23.78 -6.31
N GLN A 187 -16.79 24.09 -5.31
CA GLN A 187 -16.46 23.91 -3.91
C GLN A 187 -17.38 22.97 -3.18
N LEU A 188 -16.78 22.01 -2.45
CA LEU A 188 -17.49 21.06 -1.60
C LEU A 188 -17.09 21.39 -0.17
N ARG A 189 -18.05 21.90 0.62
CA ARG A 189 -17.79 22.28 2.00
C ARG A 189 -18.14 21.16 2.96
N ILE A 190 -17.14 20.73 3.73
CA ILE A 190 -17.23 19.64 4.70
C ILE A 190 -16.72 20.08 6.07
N SER A 191 -17.32 19.53 7.15
CA SER A 191 -16.90 19.80 8.53
C SER A 191 -16.76 18.46 9.24
N ARG A 192 -15.66 18.29 9.99
CA ARG A 192 -15.33 17.05 10.68
C ARG A 192 -16.28 16.68 11.83
N GLN A 193 -16.56 15.37 11.99
CA GLN A 193 -17.37 14.76 13.04
C GLN A 193 -16.42 14.31 14.18
N TYR A 194 -16.05 15.28 15.03
CA TYR A 194 -15.09 15.17 16.14
C TYR A 194 -15.56 14.51 17.44
N PHE A 195 -16.74 13.85 17.49
CA PHE A 195 -17.18 13.37 18.80
C PHE A 195 -16.35 12.24 19.41
N SER A 196 -16.18 11.08 18.73
CA SER A 196 -15.43 9.97 19.34
C SER A 196 -13.96 10.31 19.70
N TYR A 197 -13.45 11.47 19.24
CA TYR A 197 -12.10 11.95 19.52
C TYR A 197 -11.85 12.17 21.03
N ILE A 198 -12.84 12.75 21.73
CA ILE A 198 -12.78 12.99 23.17
C ILE A 198 -12.60 11.64 23.92
N PRO A 199 -13.55 10.67 23.88
CA PRO A 199 -13.33 9.40 24.59
C PRO A 199 -12.24 8.49 24.02
N ASN A 200 -11.95 8.58 22.72
CA ASN A 200 -10.95 7.68 22.12
C ASN A 200 -9.50 8.19 22.22
N ILE A 201 -9.25 9.51 22.06
CA ILE A 201 -7.89 10.04 22.09
C ILE A 201 -7.61 10.96 23.30
N ILE A 202 -8.34 12.08 23.45
CA ILE A 202 -8.10 13.06 24.52
C ILE A 202 -8.19 12.49 25.94
N LEU A 203 -9.36 11.95 26.34
CA LEU A 203 -9.57 11.45 27.70
C LEU A 203 -8.52 10.40 28.15
N PRO A 204 -8.19 9.31 27.40
CA PRO A 204 -7.16 8.39 27.89
C PRO A 204 -5.77 9.02 27.96
N MET A 205 -5.48 10.02 27.09
CA MET A 205 -4.21 10.74 27.11
C MET A 205 -4.09 11.65 28.34
N LEU A 206 -5.23 12.21 28.81
CA LEU A 206 -5.24 13.04 30.01
C LEU A 206 -5.07 12.19 31.25
N PHE A 207 -5.70 10.98 31.28
CA PHE A 207 -5.60 10.05 32.41
C PHE A 207 -4.14 9.65 32.67
N ILE A 208 -3.36 9.33 31.60
CA ILE A 208 -1.93 8.96 31.69
C ILE A 208 -1.11 10.11 32.31
N LEU A 209 -1.42 11.37 31.93
CA LEU A 209 -0.77 12.58 32.47
C LEU A 209 -1.14 12.78 33.94
N PHE A 210 -2.43 12.58 34.28
CA PHE A 210 -2.92 12.71 35.64
C PHE A 210 -2.27 11.70 36.58
N ILE A 211 -2.01 10.46 36.10
CA ILE A 211 -1.32 9.41 36.86
C ILE A 211 0.08 9.89 37.29
N SER A 212 0.79 10.59 36.37
CA SER A 212 2.12 11.15 36.66
C SER A 212 2.08 12.19 37.78
N TRP A 213 0.93 12.87 37.95
CA TRP A 213 0.74 13.88 38.98
C TRP A 213 0.54 13.30 40.39
N THR A 214 0.35 11.97 40.51
CA THR A 214 0.20 11.34 41.83
C THR A 214 1.53 11.33 42.59
N ALA A 215 2.66 11.59 41.88
CA ALA A 215 4.01 11.67 42.44
C ALA A 215 4.13 12.86 43.40
N PHE A 216 3.15 13.78 43.37
CA PHE A 216 3.08 14.96 44.22
C PHE A 216 2.46 14.64 45.60
N TRP A 217 2.01 13.40 45.80
CA TRP A 217 1.45 12.91 47.06
C TRP A 217 2.28 11.70 47.54
N SER A 218 3.55 11.67 47.13
CA SER A 218 4.51 10.62 47.47
C SER A 218 5.89 11.21 47.73
N THR A 219 6.61 10.63 48.71
CA THR A 219 7.97 11.03 49.07
C THR A 219 8.99 9.98 48.59
N SER A 220 8.49 8.78 48.20
CA SER A 220 9.31 7.67 47.70
C SER A 220 9.85 8.00 46.31
N TYR A 221 11.17 8.27 46.22
CA TYR A 221 11.84 8.60 44.96
C TYR A 221 11.76 7.45 43.97
N GLU A 222 11.93 6.21 44.43
CA GLU A 222 11.84 5.01 43.60
C GLU A 222 10.45 4.85 42.99
N ALA A 223 9.38 5.08 43.80
CA ALA A 223 7.99 5.03 43.33
C ALA A 223 7.68 6.20 42.39
N ASN A 224 8.26 7.39 42.66
CA ASN A 224 8.07 8.58 41.84
C ASN A 224 8.71 8.45 40.46
N VAL A 225 9.96 7.92 40.40
CA VAL A 225 10.69 7.67 39.16
C VAL A 225 9.88 6.71 38.29
N THR A 226 9.35 5.63 38.89
CA THR A 226 8.50 4.65 38.22
C THR A 226 7.22 5.34 37.72
N LEU A 227 6.61 6.22 38.53
CA LEU A 227 5.39 6.94 38.12
C LEU A 227 5.59 7.82 36.89
N VAL A 228 6.49 8.83 36.94
CA VAL A 228 6.69 9.77 35.83
C VAL A 228 7.30 9.12 34.58
N VAL A 229 8.34 8.27 34.72
CA VAL A 229 8.98 7.65 33.55
C VAL A 229 8.09 6.57 32.92
N SER A 230 7.44 5.69 33.73
CA SER A 230 6.55 4.68 33.16
C SER A 230 5.33 5.29 32.47
N THR A 231 4.77 6.40 33.00
CA THR A 231 3.64 7.09 32.34
C THR A 231 4.09 7.74 31.04
N LEU A 232 5.34 8.25 30.98
CA LEU A 232 5.90 8.82 29.75
C LEU A 232 5.91 7.72 28.67
N ILE A 233 6.36 6.49 29.03
CA ILE A 233 6.38 5.32 28.15
C ILE A 233 4.94 5.00 27.71
N ALA A 234 3.98 4.99 28.66
CA ALA A 234 2.56 4.75 28.37
C ALA A 234 1.96 5.79 27.43
N HIS A 235 2.36 7.08 27.58
CA HIS A 235 1.94 8.20 26.75
C HIS A 235 2.39 7.99 25.32
N ILE A 236 3.72 7.74 25.14
CA ILE A 236 4.33 7.48 23.83
C ILE A 236 3.64 6.27 23.21
N ALA A 237 3.48 5.16 23.98
CA ALA A 237 2.81 3.93 23.55
C ALA A 237 1.39 4.24 23.07
N PHE A 238 0.63 5.05 23.83
CA PHE A 238 -0.73 5.44 23.47
C PHE A 238 -0.75 6.23 22.16
N ASN A 239 0.22 7.15 21.99
CA ASN A 239 0.35 7.94 20.77
C ASN A 239 0.61 7.05 19.57
N ILE A 240 1.43 5.96 19.73
CA ILE A 240 1.70 4.99 18.67
C ILE A 240 0.38 4.31 18.29
N LEU A 241 -0.44 3.96 19.31
CA LEU A 241 -1.74 3.32 19.13
C LEU A 241 -2.72 4.18 18.36
N VAL A 242 -2.92 5.44 18.79
CA VAL A 242 -3.88 6.27 18.07
C VAL A 242 -3.19 7.29 17.16
N GLU A 243 -2.04 6.87 16.63
CA GLU A 243 -1.25 7.62 15.68
C GLU A 243 -2.13 8.06 14.55
N THR A 244 -1.99 9.32 14.15
CA THR A 244 -2.75 9.93 13.05
C THR A 244 -2.56 9.09 11.79
N ASN A 245 -1.35 8.49 11.65
CA ASN A 245 -0.86 7.67 10.53
C ASN A 245 -0.58 8.57 9.32
N CYS A 246 -0.60 9.90 9.57
CA CYS A 246 -0.30 10.93 8.59
C CYS A 246 1.07 11.52 8.91
N PRO A 247 1.92 11.77 7.88
CA PRO A 247 3.23 12.38 8.15
C PRO A 247 3.04 13.75 8.79
N LYS A 248 3.93 14.08 9.73
CA LYS A 248 3.90 15.34 10.47
C LYS A 248 3.66 16.52 9.53
N THR A 249 2.75 17.42 9.92
CA THR A 249 2.48 18.61 9.13
C THR A 249 3.61 19.58 9.36
N PRO A 250 3.99 20.35 8.31
CA PRO A 250 5.09 21.32 8.45
C PRO A 250 4.78 22.40 9.48
N TYR A 251 3.51 22.80 9.56
CA TYR A 251 3.02 23.83 10.47
C TYR A 251 2.61 23.26 11.82
N MET A 252 2.45 24.15 12.81
CA MET A 252 2.03 23.75 14.14
C MET A 252 0.50 23.71 14.22
N THR A 253 -0.05 22.51 14.49
CA THR A 253 -1.47 22.25 14.63
C THR A 253 -1.91 22.47 16.09
N TYR A 254 -3.24 22.52 16.34
CA TYR A 254 -3.80 22.69 17.68
C TYR A 254 -3.44 21.48 18.54
N THR A 255 -3.79 20.26 18.05
CA THR A 255 -3.50 18.99 18.71
C THR A 255 -1.99 18.82 18.90
N GLY A 256 -1.21 19.28 17.92
CA GLY A 256 0.25 19.25 17.93
C GLY A 256 0.85 20.03 19.08
N ALA A 257 0.25 21.22 19.38
CA ALA A 257 0.67 22.10 20.47
C ALA A 257 0.37 21.45 21.84
N ILE A 258 -0.86 20.87 22.01
CA ILE A 258 -1.30 20.17 23.23
C ILE A 258 -0.32 19.04 23.54
N ILE A 259 -0.01 18.19 22.53
CA ILE A 259 0.90 17.05 22.67
C ILE A 259 2.31 17.52 23.04
N PHE A 260 2.83 18.60 22.40
CA PHE A 260 4.15 19.16 22.74
C PHE A 260 4.18 19.61 24.21
N MET A 261 3.10 20.24 24.68
CA MET A 261 2.92 20.71 26.04
C MET A 261 2.93 19.54 27.02
N ILE A 262 2.26 18.41 26.67
CA ILE A 262 2.21 17.19 27.47
C ILE A 262 3.62 16.63 27.67
N TYR A 263 4.48 16.65 26.61
CA TYR A 263 5.88 16.22 26.71
C TYR A 263 6.68 17.14 27.63
N LEU A 264 6.44 18.46 27.53
CA LEU A 264 7.05 19.48 28.38
C LEU A 264 6.69 19.24 29.86
N PHE A 265 5.40 18.94 30.13
CA PHE A 265 4.88 18.62 31.46
C PHE A 265 5.50 17.38 32.07
N TYR A 266 5.79 16.34 31.23
CA TYR A 266 6.47 15.13 31.70
C TYR A 266 7.89 15.46 32.13
N PHE A 267 8.56 16.37 31.38
CA PHE A 267 9.91 16.80 31.69
C PHE A 267 9.95 17.63 32.96
N VAL A 268 8.99 18.59 33.12
CA VAL A 268 8.87 19.45 34.31
C VAL A 268 8.61 18.61 35.56
N ALA A 269 7.68 17.63 35.47
CA ALA A 269 7.35 16.70 36.57
C ALA A 269 8.56 15.89 36.99
N VAL A 270 9.46 15.53 36.02
CA VAL A 270 10.70 14.82 36.32
C VAL A 270 11.63 15.76 37.10
N ILE A 271 11.79 17.02 36.63
CA ILE A 271 12.60 18.03 37.30
C ILE A 271 12.16 18.18 38.76
N GLU A 272 10.84 18.32 39.00
CA GLU A 272 10.25 18.43 40.34
C GLU A 272 10.68 17.25 41.19
N VAL A 273 10.37 16.01 40.74
CA VAL A 273 10.71 14.74 41.40
C VAL A 273 12.20 14.68 41.75
N THR A 274 13.07 15.14 40.81
CA THR A 274 14.51 15.20 41.00
C THR A 274 14.89 16.23 42.09
N VAL A 275 14.31 17.46 42.01
CA VAL A 275 14.53 18.57 42.94
C VAL A 275 14.11 18.18 44.35
N GLN A 276 12.88 17.65 44.52
CA GLN A 276 12.32 17.19 45.80
C GLN A 276 13.24 16.19 46.50
N HIS A 277 13.69 15.15 45.77
CA HIS A 277 14.59 14.12 46.29
C HIS A 277 15.95 14.69 46.70
N TYR A 278 16.53 15.57 45.84
CA TYR A 278 17.83 16.20 46.12
C TYR A 278 17.76 17.05 47.38
N LEU A 279 16.71 17.87 47.53
CA LEU A 279 16.52 18.72 48.72
C LEU A 279 16.37 17.87 49.99
N LYS A 280 15.63 16.75 49.89
CA LYS A 280 15.41 15.80 50.98
C LYS A 280 16.74 15.19 51.41
N VAL A 281 17.52 14.67 50.44
CA VAL A 281 18.82 14.04 50.66
C VAL A 281 19.87 15.08 51.15
N GLU A 282 19.76 16.34 50.70
CA GLU A 282 20.64 17.44 51.09
C GLU A 282 20.11 18.24 52.31
N SER A 283 19.55 17.50 53.30
CA SER A 283 19.01 17.94 54.58
C SER A 283 18.19 19.25 54.53
N GLN A 284 17.25 19.34 53.59
CA GLN A 284 16.34 20.50 53.42
C GLN A 284 14.90 19.98 53.22
N PRO A 285 14.30 19.23 54.19
CA PRO A 285 12.94 18.69 53.97
C PRO A 285 11.82 19.71 53.96
N ALA A 286 12.06 20.93 54.49
CA ALA A 286 11.06 22.01 54.52
C ALA A 286 10.82 22.53 53.10
N ARG A 287 11.92 22.75 52.34
CA ARG A 287 11.91 23.23 50.96
C ARG A 287 11.32 22.20 50.00
N ALA A 288 11.69 20.91 50.19
CA ALA A 288 11.20 19.79 49.39
C ALA A 288 9.69 19.64 49.53
N ALA A 289 9.19 19.52 50.79
CA ALA A 289 7.76 19.38 51.10
C ALA A 289 6.92 20.56 50.62
N SER A 290 7.47 21.80 50.64
CA SER A 290 6.75 22.98 50.18
C SER A 290 6.61 23.02 48.65
N ILE A 291 7.62 22.50 47.91
CA ILE A 291 7.61 22.43 46.44
C ILE A 291 6.55 21.40 45.99
N THR A 292 6.61 20.17 46.55
CA THR A 292 5.68 19.07 46.26
C THR A 292 4.23 19.47 46.55
N ARG A 293 4.00 20.23 47.65
CA ARG A 293 2.67 20.71 48.02
C ARG A 293 2.18 21.77 47.03
N ALA A 294 3.08 22.65 46.54
CA ALA A 294 2.77 23.70 45.57
C ALA A 294 2.42 23.07 44.22
N SER A 295 3.23 22.08 43.77
CA SER A 295 3.08 21.33 42.52
C SER A 295 1.69 20.71 42.37
N ARG A 296 1.10 20.23 43.50
CA ARG A 296 -0.24 19.64 43.59
C ARG A 296 -1.31 20.56 43.01
N ILE A 297 -1.12 21.89 43.15
CA ILE A 297 -2.01 22.92 42.65
C ILE A 297 -1.44 23.54 41.35
N ALA A 298 -0.12 23.87 41.36
CA ALA A 298 0.61 24.47 40.23
C ALA A 298 0.46 23.70 38.92
N PHE A 299 0.66 22.37 38.94
CA PHE A 299 0.56 21.53 37.75
C PHE A 299 -0.85 21.55 37.13
N PRO A 300 -1.97 21.18 37.81
CA PRO A 300 -3.29 21.26 37.16
C PRO A 300 -3.70 22.68 36.73
N VAL A 301 -3.37 23.71 37.54
CA VAL A 301 -3.70 25.10 37.25
C VAL A 301 -2.95 25.61 36.00
N VAL A 302 -1.60 25.45 35.94
CA VAL A 302 -0.79 25.85 34.79
C VAL A 302 -1.27 25.11 33.51
N PHE A 303 -1.61 23.81 33.63
CA PHE A 303 -2.12 23.00 32.52
C PHE A 303 -3.43 23.56 31.98
N LEU A 304 -4.45 23.70 32.86
CA LEU A 304 -5.78 24.25 32.54
C LEU A 304 -5.69 25.66 31.95
N LEU A 305 -4.75 26.50 32.45
CA LEU A 305 -4.53 27.86 31.96
C LEU A 305 -3.91 27.89 30.57
N ALA A 306 -2.80 27.14 30.37
CA ALA A 306 -2.10 27.04 29.09
C ALA A 306 -2.99 26.48 27.97
N ASN A 307 -3.88 25.52 28.33
CA ASN A 307 -4.85 24.92 27.41
C ASN A 307 -5.87 25.95 26.93
N ILE A 308 -6.32 26.85 27.85
CA ILE A 308 -7.24 27.95 27.55
C ILE A 308 -6.55 28.92 26.58
N ILE A 309 -5.25 29.23 26.84
CA ILE A 309 -4.42 30.11 25.99
C ILE A 309 -4.31 29.51 24.58
N LEU A 310 -4.01 28.19 24.47
CA LEU A 310 -3.90 27.48 23.20
C LEU A 310 -5.22 27.48 22.43
N ALA A 311 -6.33 27.11 23.11
CA ALA A 311 -7.68 27.10 22.54
C ALA A 311 -8.04 28.50 22.01
N PHE A 312 -7.63 29.56 22.74
CA PHE A 312 -7.87 30.94 22.35
C PHE A 312 -7.07 31.30 21.09
N LEU A 313 -5.77 30.95 21.07
CA LEU A 313 -4.86 31.22 19.95
C LEU A 313 -5.27 30.56 18.64
N PHE A 314 -5.76 29.30 18.72
CA PHE A 314 -6.16 28.54 17.53
C PHE A 314 -7.57 28.81 17.06
N PHE A 315 -8.48 29.16 17.99
CA PHE A 315 -9.89 29.43 17.68
C PHE A 315 -10.30 30.84 18.11
N VAL B 5 -27.88 2.10 -34.02
CA VAL B 5 -27.20 2.73 -32.88
C VAL B 5 -27.99 3.98 -32.38
N SER B 6 -29.30 3.77 -32.18
CA SER B 6 -30.32 4.68 -31.67
C SER B 6 -31.29 3.79 -30.87
N PRO B 7 -32.02 4.26 -29.82
CA PRO B 7 -32.90 3.33 -29.09
C PRO B 7 -34.09 2.78 -29.91
N PRO B 8 -34.62 1.57 -29.59
CA PRO B 8 -35.74 1.03 -30.38
C PRO B 8 -36.99 1.93 -30.31
N PRO B 9 -37.73 2.12 -31.41
CA PRO B 9 -38.90 3.01 -31.35
C PRO B 9 -40.09 2.42 -30.56
N PRO B 10 -40.89 3.24 -29.84
CA PRO B 10 -42.05 2.68 -29.13
C PRO B 10 -43.22 2.39 -30.08
N ILE B 11 -43.98 1.31 -29.80
CA ILE B 11 -45.14 0.95 -30.63
C ILE B 11 -46.27 1.97 -30.41
N ALA B 12 -46.40 2.47 -29.17
CA ALA B 12 -47.38 3.48 -28.78
C ALA B 12 -46.64 4.72 -28.25
N ASP B 13 -46.39 4.77 -26.93
CA ASP B 13 -45.70 5.85 -26.20
C ASP B 13 -45.10 5.26 -24.90
N GLU B 14 -45.15 3.92 -24.78
CA GLU B 14 -44.67 3.14 -23.64
C GLU B 14 -43.15 3.22 -23.42
N PRO B 15 -42.66 3.16 -22.15
CA PRO B 15 -41.20 3.18 -21.94
C PRO B 15 -40.58 1.82 -22.23
N LEU B 16 -39.27 1.79 -22.48
CA LEU B 16 -38.57 0.54 -22.72
C LEU B 16 -38.21 -0.12 -21.40
N THR B 17 -38.63 -1.39 -21.23
CA THR B 17 -38.33 -2.15 -20.02
C THR B 17 -37.09 -2.99 -20.23
N VAL B 18 -36.08 -2.74 -19.39
CA VAL B 18 -34.84 -3.49 -19.42
C VAL B 18 -34.87 -4.40 -18.17
N ASN B 19 -35.07 -5.71 -18.41
CA ASN B 19 -35.11 -6.73 -17.37
C ASN B 19 -33.69 -7.07 -16.98
N THR B 20 -33.36 -6.86 -15.70
CA THR B 20 -32.03 -7.09 -15.15
C THR B 20 -31.96 -8.32 -14.25
N GLY B 21 -30.73 -8.71 -13.95
CA GLY B 21 -30.38 -9.83 -13.09
C GLY B 21 -28.89 -9.85 -12.83
N ILE B 22 -28.52 -10.04 -11.54
CA ILE B 22 -27.12 -10.12 -11.11
C ILE B 22 -26.92 -11.46 -10.44
N TYR B 23 -25.91 -12.22 -10.89
CA TYR B 23 -25.59 -13.52 -10.31
C TYR B 23 -24.14 -13.48 -9.82
N LEU B 24 -23.94 -13.49 -8.48
CA LEU B 24 -22.61 -13.43 -7.87
C LEU B 24 -21.78 -14.67 -8.12
N ILE B 25 -20.60 -14.49 -8.70
CA ILE B 25 -19.68 -15.59 -8.94
C ILE B 25 -18.71 -15.65 -7.79
N GLU B 26 -18.12 -14.50 -7.48
CA GLU B 26 -17.16 -14.33 -6.41
C GLU B 26 -17.39 -13.00 -5.72
N SER B 27 -17.17 -12.99 -4.41
CA SER B 27 -17.24 -11.83 -3.54
C SER B 27 -15.93 -11.87 -2.78
N TYR B 28 -15.22 -10.74 -2.68
CA TYR B 28 -13.93 -10.70 -2.00
C TYR B 28 -13.55 -9.29 -1.60
N SER B 29 -12.37 -9.16 -0.97
CA SER B 29 -11.76 -7.90 -0.54
C SER B 29 -12.75 -6.92 0.13
N LEU B 30 -13.48 -7.39 1.15
CA LEU B 30 -14.34 -6.47 1.87
C LEU B 30 -13.42 -5.67 2.78
N ASP B 31 -13.32 -4.37 2.51
CA ASP B 31 -12.48 -3.47 3.28
C ASP B 31 -13.35 -2.72 4.26
N ASP B 32 -13.14 -3.01 5.54
CA ASP B 32 -13.86 -2.39 6.64
C ASP B 32 -13.53 -0.90 6.77
N CYS B 33 -12.25 -0.52 6.62
CA CYS B 33 -11.81 0.86 6.73
C CYS B 33 -12.34 1.72 5.57
N ALA B 34 -12.26 1.20 4.33
CA ALA B 34 -12.70 1.91 3.14
C ALA B 34 -14.20 1.86 2.89
N GLU B 35 -14.91 0.92 3.58
CA GLU B 35 -16.36 0.66 3.43
C GLU B 35 -16.65 0.23 1.97
N THR B 36 -15.75 -0.59 1.41
CA THR B 36 -15.83 -1.06 0.03
C THR B 36 -15.69 -2.57 -0.03
N PHE B 37 -16.20 -3.16 -1.11
CA PHE B 37 -16.10 -4.59 -1.36
C PHE B 37 -15.98 -4.85 -2.85
N LYS B 38 -15.14 -5.82 -3.19
CA LYS B 38 -14.91 -6.18 -4.58
C LYS B 38 -15.80 -7.35 -4.95
N VAL B 39 -16.49 -7.22 -6.09
CA VAL B 39 -17.43 -8.22 -6.56
C VAL B 39 -17.13 -8.65 -7.99
N ASN B 40 -17.36 -9.93 -8.30
CA ASN B 40 -17.22 -10.52 -9.62
C ASN B 40 -18.54 -11.25 -9.89
N ALA B 41 -19.31 -10.79 -10.88
CA ALA B 41 -20.63 -11.34 -11.17
C ALA B 41 -21.04 -11.28 -12.64
N PHE B 42 -22.21 -11.89 -12.93
CA PHE B 42 -22.84 -11.86 -14.23
C PHE B 42 -23.91 -10.78 -14.18
N LEU B 43 -24.07 -10.04 -15.26
CA LEU B 43 -25.12 -9.05 -15.39
C LEU B 43 -25.92 -9.44 -16.62
N SER B 44 -27.18 -9.82 -16.42
CA SER B 44 -28.06 -10.20 -17.52
C SER B 44 -28.98 -9.03 -17.83
N LEU B 45 -29.21 -8.78 -19.12
CA LEU B 45 -30.09 -7.71 -19.59
C LEU B 45 -31.01 -8.22 -20.67
N SER B 46 -32.28 -7.80 -20.64
CA SER B 46 -33.26 -8.19 -21.66
C SER B 46 -34.23 -7.08 -22.00
N TRP B 47 -34.36 -6.80 -23.30
CA TRP B 47 -35.23 -5.76 -23.87
C TRP B 47 -35.67 -6.16 -25.28
N LYS B 48 -36.72 -5.51 -25.79
CA LYS B 48 -37.23 -5.74 -27.15
C LYS B 48 -36.79 -4.61 -28.07
N ASP B 49 -36.06 -4.97 -29.13
CA ASP B 49 -35.62 -4.07 -30.20
C ASP B 49 -36.07 -4.73 -31.50
N ARG B 50 -37.31 -4.41 -31.93
CA ARG B 50 -38.00 -4.95 -33.09
C ARG B 50 -37.26 -4.74 -34.42
N ARG B 51 -36.29 -3.80 -34.46
CA ARG B 51 -35.47 -3.55 -35.66
C ARG B 51 -34.55 -4.75 -35.97
N LEU B 52 -34.32 -5.60 -34.97
CA LEU B 52 -33.48 -6.79 -35.05
C LEU B 52 -34.27 -8.07 -35.36
N ALA B 53 -35.58 -7.90 -35.65
CA ALA B 53 -36.47 -9.01 -35.96
C ALA B 53 -36.07 -9.73 -37.23
N PHE B 54 -36.23 -11.05 -37.22
CA PHE B 54 -35.89 -11.91 -38.34
C PHE B 54 -36.84 -13.11 -38.46
N ASP B 55 -36.89 -13.71 -39.65
CA ASP B 55 -37.67 -14.91 -39.89
C ASP B 55 -36.71 -16.08 -39.73
N PRO B 56 -36.95 -16.98 -38.75
CA PRO B 56 -36.03 -18.12 -38.56
C PRO B 56 -35.97 -19.09 -39.74
N VAL B 57 -36.99 -19.05 -40.62
CA VAL B 57 -37.11 -19.89 -41.82
C VAL B 57 -36.13 -19.39 -42.89
N ARG B 58 -36.22 -18.07 -43.25
CA ARG B 58 -35.35 -17.41 -44.24
C ARG B 58 -33.89 -17.37 -43.80
N SER B 59 -33.65 -17.27 -42.48
CA SER B 59 -32.32 -17.22 -41.86
C SER B 59 -31.72 -18.58 -41.57
N GLY B 60 -32.57 -19.58 -41.30
CA GLY B 60 -32.16 -20.93 -40.94
C GLY B 60 -32.03 -21.10 -39.44
N VAL B 61 -31.38 -20.11 -38.80
CA VAL B 61 -31.11 -20.04 -37.35
C VAL B 61 -32.34 -19.65 -36.54
N ARG B 62 -32.55 -20.27 -35.37
CA ARG B 62 -33.70 -19.97 -34.48
C ARG B 62 -33.41 -18.78 -33.56
N VAL B 63 -32.12 -18.44 -33.38
CA VAL B 63 -31.58 -17.34 -32.55
C VAL B 63 -30.40 -16.71 -33.33
N LYS B 64 -30.21 -15.39 -33.21
CA LYS B 64 -29.12 -14.67 -33.86
C LYS B 64 -28.15 -14.11 -32.83
N THR B 65 -26.84 -14.25 -33.10
CA THR B 65 -25.79 -13.75 -32.24
C THR B 65 -25.17 -12.48 -32.85
N TYR B 66 -25.03 -11.43 -32.03
CA TYR B 66 -24.48 -10.15 -32.45
C TYR B 66 -23.29 -9.72 -31.60
N GLU B 67 -22.47 -8.82 -32.17
CA GLU B 67 -21.34 -8.22 -31.46
C GLU B 67 -21.89 -6.94 -30.80
N PRO B 68 -21.36 -6.51 -29.62
CA PRO B 68 -21.94 -5.32 -28.96
C PRO B 68 -22.03 -4.06 -29.81
N GLU B 69 -21.06 -3.87 -30.72
CA GLU B 69 -20.95 -2.74 -31.63
C GLU B 69 -22.01 -2.78 -32.73
N ALA B 70 -22.49 -3.99 -33.10
CA ALA B 70 -23.46 -4.22 -34.16
C ALA B 70 -24.88 -3.73 -33.84
N ILE B 71 -25.28 -3.75 -32.55
CA ILE B 71 -26.64 -3.38 -32.13
C ILE B 71 -26.68 -2.34 -30.99
N TRP B 72 -27.89 -1.80 -30.72
CA TRP B 72 -28.13 -0.86 -29.62
C TRP B 72 -28.25 -1.65 -28.33
N ILE B 73 -27.50 -1.23 -27.31
CA ILE B 73 -27.49 -1.83 -25.97
C ILE B 73 -27.70 -0.72 -24.94
N PRO B 74 -28.63 -0.86 -23.96
CA PRO B 74 -28.85 0.21 -22.98
C PRO B 74 -27.61 0.47 -22.15
N GLU B 75 -27.38 1.73 -21.82
CA GLU B 75 -26.24 2.12 -21.01
C GLU B 75 -26.60 1.95 -19.54
N ILE B 76 -26.28 0.76 -18.98
CA ILE B 76 -26.53 0.48 -17.57
C ILE B 76 -25.24 0.80 -16.83
N ARG B 77 -25.37 1.62 -15.79
CA ARG B 77 -24.24 2.00 -14.95
C ARG B 77 -24.58 1.64 -13.51
N PHE B 78 -23.56 1.61 -12.66
CA PHE B 78 -23.72 1.35 -11.25
C PHE B 78 -23.54 2.69 -10.56
N VAL B 79 -24.38 2.97 -9.56
CA VAL B 79 -24.35 4.25 -8.86
C VAL B 79 -23.16 4.32 -7.90
N ASN B 80 -23.06 3.35 -6.98
CA ASN B 80 -22.05 3.31 -5.93
C ASN B 80 -20.77 2.51 -6.27
N VAL B 81 -20.08 2.89 -7.36
CA VAL B 81 -18.81 2.25 -7.74
C VAL B 81 -17.68 3.27 -7.72
N GLU B 82 -16.42 2.78 -7.49
CA GLU B 82 -15.22 3.62 -7.48
C GLU B 82 -15.02 4.12 -8.93
N ASN B 83 -14.79 3.20 -9.86
CA ASN B 83 -14.68 3.51 -11.29
C ASN B 83 -15.70 2.62 -12.00
N ALA B 84 -15.92 2.84 -13.30
CA ALA B 84 -16.85 2.01 -14.08
C ALA B 84 -16.33 0.57 -14.08
N ARG B 85 -17.26 -0.39 -13.93
CA ARG B 85 -16.98 -1.83 -13.88
C ARG B 85 -16.17 -2.32 -15.08
N ASP B 86 -15.32 -3.34 -14.87
CA ASP B 86 -14.56 -3.96 -15.93
C ASP B 86 -15.53 -5.03 -16.45
N ALA B 87 -16.04 -4.84 -17.66
CA ALA B 87 -17.03 -5.76 -18.23
C ALA B 87 -16.52 -6.50 -19.45
N ASP B 88 -16.98 -7.74 -19.58
CA ASP B 88 -16.65 -8.64 -20.68
C ASP B 88 -17.96 -9.26 -21.14
N VAL B 89 -18.42 -8.89 -22.35
CA VAL B 89 -19.66 -9.40 -22.88
C VAL B 89 -19.47 -10.89 -23.18
N VAL B 90 -20.29 -11.70 -22.51
CA VAL B 90 -20.26 -13.16 -22.62
C VAL B 90 -21.12 -13.61 -23.82
N ASP B 91 -22.37 -13.11 -23.91
CA ASP B 91 -23.30 -13.50 -24.96
C ASP B 91 -24.39 -12.47 -25.26
N ILE B 92 -24.75 -12.34 -26.55
CA ILE B 92 -25.85 -11.50 -27.05
C ILE B 92 -26.66 -12.37 -27.99
N SER B 93 -27.90 -12.70 -27.58
CA SER B 93 -28.81 -13.56 -28.34
C SER B 93 -30.10 -12.85 -28.65
N VAL B 94 -30.46 -12.83 -29.93
CA VAL B 94 -31.66 -12.17 -30.43
C VAL B 94 -32.61 -13.21 -30.99
N SER B 95 -33.84 -13.26 -30.43
CA SER B 95 -34.89 -14.17 -30.88
C SER B 95 -35.69 -13.50 -32.03
N PRO B 96 -36.46 -14.26 -32.87
CA PRO B 96 -37.13 -13.65 -34.02
C PRO B 96 -38.02 -12.42 -33.78
N ASP B 97 -38.62 -12.29 -32.59
CA ASP B 97 -39.47 -11.14 -32.23
C ASP B 97 -38.68 -9.85 -32.03
N GLY B 98 -37.37 -9.99 -31.89
CA GLY B 98 -36.45 -8.88 -31.64
C GLY B 98 -36.11 -8.73 -30.17
N THR B 99 -36.34 -9.79 -29.36
CA THR B 99 -36.01 -9.78 -27.93
C THR B 99 -34.55 -10.10 -27.78
N VAL B 100 -33.82 -9.16 -27.17
CA VAL B 100 -32.39 -9.30 -26.94
C VAL B 100 -32.14 -9.84 -25.55
N GLN B 101 -31.26 -10.83 -25.47
CA GLN B 101 -30.81 -11.43 -24.23
C GLN B 101 -29.31 -11.25 -24.18
N TYR B 102 -28.90 -10.26 -23.38
CA TYR B 102 -27.53 -9.83 -23.16
C TYR B 102 -27.00 -10.42 -21.86
N LEU B 103 -25.72 -10.82 -21.86
CA LEU B 103 -25.03 -11.33 -20.70
C LEU B 103 -23.57 -10.91 -20.73
N GLU B 104 -23.10 -10.38 -19.60
CA GLU B 104 -21.72 -9.94 -19.42
C GLU B 104 -21.21 -10.36 -18.08
N ARG B 105 -19.89 -10.55 -17.97
CA ARG B 105 -19.25 -10.84 -16.71
C ARG B 105 -18.48 -9.58 -16.34
N PHE B 106 -18.69 -9.11 -15.11
CA PHE B 106 -18.05 -7.88 -14.67
C PHE B 106 -17.40 -8.03 -13.30
N SER B 107 -16.47 -7.13 -13.00
CA SER B 107 -15.82 -7.00 -11.72
C SER B 107 -15.92 -5.52 -11.36
N ALA B 108 -16.22 -5.22 -10.09
CA ALA B 108 -16.37 -3.85 -9.64
C ALA B 108 -16.08 -3.71 -8.15
N ARG B 109 -15.53 -2.55 -7.75
CA ARG B 109 -15.27 -2.21 -6.35
C ARG B 109 -16.41 -1.28 -5.95
N VAL B 110 -17.35 -1.84 -5.19
CA VAL B 110 -18.58 -1.19 -4.75
C VAL B 110 -18.38 -0.48 -3.41
N LEU B 111 -18.86 0.76 -3.32
CA LEU B 111 -18.80 1.56 -2.10
C LEU B 111 -20.15 1.41 -1.37
N SER B 112 -20.11 0.82 -0.18
CA SER B 112 -21.32 0.60 0.62
C SER B 112 -21.06 0.94 2.10
N PRO B 113 -21.78 1.93 2.68
CA PRO B 113 -21.55 2.28 4.09
C PRO B 113 -21.76 1.13 5.06
N LEU B 114 -20.89 1.04 6.09
CA LEU B 114 -20.93 0.00 7.11
C LEU B 114 -21.12 0.58 8.50
N ASP B 115 -22.02 -0.04 9.29
CA ASP B 115 -22.33 0.37 10.67
C ASP B 115 -21.59 -0.53 11.66
N PHE B 116 -20.60 0.03 12.33
CA PHE B 116 -19.75 -0.69 13.29
C PHE B 116 -20.17 -0.54 14.75
N ARG B 117 -21.33 0.08 15.03
CA ARG B 117 -21.83 0.27 16.41
C ARG B 117 -21.90 -1.02 17.22
N ARG B 118 -22.27 -2.17 16.60
CA ARG B 118 -22.39 -3.47 17.26
C ARG B 118 -21.22 -4.45 17.01
N TYR B 119 -20.09 -3.98 16.45
CA TYR B 119 -18.90 -4.78 16.15
C TYR B 119 -18.36 -5.47 17.43
N PRO B 120 -17.94 -6.76 17.38
CA PRO B 120 -17.90 -7.69 16.24
C PRO B 120 -19.14 -8.56 16.07
N PHE B 121 -20.27 -8.14 16.66
CA PHE B 121 -21.55 -8.86 16.60
C PHE B 121 -22.50 -8.17 15.62
N ASP B 122 -21.92 -7.52 14.61
CA ASP B 122 -22.63 -6.77 13.58
C ASP B 122 -23.01 -7.57 12.35
N SER B 123 -24.08 -7.12 11.70
CA SER B 123 -24.59 -7.64 10.43
C SER B 123 -24.66 -6.44 9.50
N GLN B 124 -24.39 -6.66 8.21
CA GLN B 124 -24.39 -5.59 7.20
C GLN B 124 -25.21 -5.95 5.97
N THR B 125 -25.77 -4.91 5.31
CA THR B 125 -26.50 -5.04 4.05
C THR B 125 -25.67 -4.27 3.02
N LEU B 126 -25.01 -5.01 2.13
CA LEU B 126 -24.19 -4.44 1.07
C LEU B 126 -25.09 -4.12 -0.12
N HIS B 127 -24.95 -2.91 -0.67
CA HIS B 127 -25.79 -2.45 -1.76
C HIS B 127 -25.07 -2.33 -3.08
N ILE B 128 -25.77 -2.66 -4.18
CA ILE B 128 -25.32 -2.51 -5.56
C ILE B 128 -26.48 -1.85 -6.27
N TYR B 129 -26.31 -0.57 -6.65
CA TYR B 129 -27.36 0.18 -7.30
C TYR B 129 -27.21 0.27 -8.81
N LEU B 130 -28.10 -0.41 -9.55
CA LEU B 130 -28.13 -0.36 -11.03
C LEU B 130 -28.89 0.88 -11.44
N ILE B 131 -28.46 1.52 -12.52
CA ILE B 131 -29.13 2.73 -13.00
C ILE B 131 -29.10 2.83 -14.53
N VAL B 132 -30.14 3.46 -15.10
CA VAL B 132 -30.27 3.73 -16.53
C VAL B 132 -30.84 5.13 -16.73
N ARG B 133 -30.22 5.90 -17.63
CA ARG B 133 -30.69 7.25 -17.93
C ARG B 133 -31.55 7.18 -19.18
N SER B 134 -32.74 7.79 -19.13
CA SER B 134 -33.67 7.84 -20.25
C SER B 134 -33.14 8.72 -21.38
N VAL B 135 -33.56 8.42 -22.63
CA VAL B 135 -33.11 9.15 -23.80
C VAL B 135 -34.17 10.08 -24.38
N ASP B 136 -33.71 10.90 -25.32
CA ASP B 136 -34.46 11.88 -26.10
C ASP B 136 -35.70 11.27 -26.73
N THR B 137 -35.53 10.15 -27.49
CA THR B 137 -36.62 9.49 -28.20
C THR B 137 -37.53 8.70 -27.26
N ARG B 138 -36.99 8.07 -26.18
CA ARG B 138 -37.87 7.33 -25.24
C ARG B 138 -37.29 7.11 -23.84
N ASN B 139 -38.20 6.91 -22.88
CA ASN B 139 -37.87 6.63 -21.48
C ASN B 139 -37.51 5.16 -21.29
N ILE B 140 -36.49 4.91 -20.45
CA ILE B 140 -36.03 3.57 -20.15
C ILE B 140 -36.28 3.29 -18.67
N VAL B 141 -36.90 2.14 -18.39
CA VAL B 141 -37.27 1.69 -17.06
C VAL B 141 -36.65 0.30 -16.77
N LEU B 142 -36.07 0.13 -15.56
CA LEU B 142 -35.46 -1.13 -15.13
C LEU B 142 -36.48 -2.04 -14.44
N ALA B 143 -36.27 -3.35 -14.56
CA ALA B 143 -37.10 -4.39 -13.95
C ALA B 143 -36.21 -5.54 -13.45
N VAL B 144 -36.70 -6.38 -12.52
CA VAL B 144 -35.93 -7.49 -11.98
C VAL B 144 -36.47 -8.83 -12.49
N ASP B 145 -35.60 -9.64 -13.15
CA ASP B 145 -35.94 -10.99 -13.58
C ASP B 145 -35.37 -11.86 -12.47
N LEU B 146 -36.25 -12.27 -11.53
CA LEU B 146 -35.91 -13.03 -10.33
C LEU B 146 -35.27 -14.39 -10.63
N GLU B 147 -35.57 -14.96 -11.83
CA GLU B 147 -35.00 -16.21 -12.32
C GLU B 147 -33.50 -16.03 -12.59
N LYS B 148 -33.09 -14.79 -12.91
CA LYS B 148 -31.71 -14.40 -13.22
C LYS B 148 -30.95 -13.77 -12.04
N VAL B 149 -31.55 -13.73 -10.83
CA VAL B 149 -30.89 -13.18 -9.64
C VAL B 149 -30.47 -14.32 -8.69
N GLY B 150 -29.20 -14.32 -8.27
CA GLY B 150 -28.66 -15.34 -7.38
C GLY B 150 -27.17 -15.20 -7.05
N LYS B 151 -26.60 -16.24 -6.45
CA LYS B 151 -25.19 -16.31 -6.08
C LYS B 151 -24.69 -17.75 -6.09
N ASN B 152 -23.42 -17.93 -6.45
CA ASN B 152 -22.73 -19.22 -6.47
C ASN B 152 -22.69 -19.71 -5.01
N ASP B 153 -22.88 -21.02 -4.80
CA ASP B 153 -22.88 -21.63 -3.46
C ASP B 153 -21.53 -21.49 -2.74
N ASP B 154 -20.44 -21.43 -3.52
CA ASP B 154 -19.07 -21.32 -3.03
C ASP B 154 -18.63 -19.87 -2.73
N VAL B 155 -19.51 -18.86 -2.98
CA VAL B 155 -19.26 -17.43 -2.70
C VAL B 155 -18.96 -17.30 -1.21
N PHE B 156 -17.83 -16.65 -0.87
CA PHE B 156 -17.40 -16.49 0.52
C PHE B 156 -16.70 -15.17 0.78
N LEU B 157 -16.81 -14.69 2.01
CA LEU B 157 -16.13 -13.51 2.52
C LEU B 157 -15.56 -13.96 3.86
N THR B 158 -14.22 -14.03 3.95
CA THR B 158 -13.55 -14.49 5.15
C THR B 158 -14.03 -13.68 6.36
N GLY B 159 -14.53 -14.40 7.36
CA GLY B 159 -15.04 -13.83 8.60
C GLY B 159 -16.50 -13.40 8.55
N TRP B 160 -17.21 -13.77 7.48
CA TRP B 160 -18.62 -13.41 7.30
C TRP B 160 -19.46 -14.58 6.83
N ASP B 161 -20.75 -14.56 7.22
CA ASP B 161 -21.74 -15.53 6.81
C ASP B 161 -22.65 -14.81 5.82
N ILE B 162 -22.70 -15.30 4.57
CA ILE B 162 -23.53 -14.71 3.52
C ILE B 162 -24.94 -15.27 3.66
N GLU B 163 -25.84 -14.44 4.19
CA GLU B 163 -27.24 -14.80 4.43
C GLU B 163 -28.03 -14.92 3.14
N SER B 164 -28.06 -13.84 2.33
CA SER B 164 -28.83 -13.79 1.09
C SER B 164 -28.37 -12.72 0.12
N PHE B 165 -28.71 -12.92 -1.15
CA PHE B 165 -28.47 -11.95 -2.22
C PHE B 165 -29.80 -11.77 -2.94
N THR B 166 -30.41 -10.60 -2.77
CA THR B 166 -31.73 -10.30 -3.33
C THR B 166 -31.75 -8.91 -3.96
N ALA B 167 -32.86 -8.57 -4.64
CA ALA B 167 -33.06 -7.27 -5.24
C ALA B 167 -34.44 -6.75 -4.91
N VAL B 168 -34.54 -5.42 -4.69
CA VAL B 168 -35.80 -4.73 -4.41
C VAL B 168 -36.42 -4.52 -5.80
N VAL B 169 -37.39 -5.39 -6.16
CA VAL B 169 -38.06 -5.47 -7.46
C VAL B 169 -38.63 -4.14 -7.98
N LYS B 170 -39.14 -3.28 -7.08
CA LYS B 170 -39.71 -1.98 -7.48
C LYS B 170 -38.58 -0.97 -7.70
N PRO B 171 -38.37 -0.47 -8.96
CA PRO B 171 -37.29 0.50 -9.17
C PRO B 171 -37.66 1.89 -8.63
N ALA B 172 -36.63 2.70 -8.41
CA ALA B 172 -36.77 4.08 -7.94
C ALA B 172 -36.64 4.96 -9.16
N ASN B 173 -37.78 5.41 -9.69
CA ASN B 173 -37.82 6.27 -10.87
C ASN B 173 -37.95 7.72 -10.43
N PHE B 174 -37.01 8.55 -10.87
CA PHE B 174 -36.92 9.96 -10.49
C PHE B 174 -36.33 10.80 -11.60
N ALA B 175 -36.51 12.13 -11.52
CA ALA B 175 -35.96 13.06 -12.49
C ALA B 175 -34.61 13.57 -12.03
N LEU B 176 -33.67 13.67 -12.97
CA LEU B 176 -32.31 14.15 -12.75
C LEU B 176 -31.80 14.78 -14.02
N GLU B 177 -31.36 16.05 -13.94
CA GLU B 177 -30.85 16.86 -15.06
C GLU B 177 -31.79 16.81 -16.29
N ASP B 178 -33.10 17.01 -16.02
CA ASP B 178 -34.22 17.04 -16.97
C ASP B 178 -34.51 15.71 -17.69
N ARG B 179 -34.11 14.58 -17.11
CA ARG B 179 -34.39 13.24 -17.67
C ARG B 179 -34.75 12.27 -16.56
N LEU B 180 -35.50 11.22 -16.90
CA LEU B 180 -35.90 10.17 -15.97
C LEU B 180 -34.74 9.20 -15.74
N GLU B 181 -34.56 8.75 -14.49
CA GLU B 181 -33.56 7.76 -14.10
C GLU B 181 -34.29 6.63 -13.37
N SER B 182 -34.04 5.36 -13.78
CA SER B 182 -34.64 4.19 -13.15
C SER B 182 -33.53 3.45 -12.41
N LYS B 183 -33.63 3.41 -11.07
CA LYS B 183 -32.63 2.82 -10.17
C LYS B 183 -33.11 1.53 -9.49
N LEU B 184 -32.24 0.49 -9.45
CA LEU B 184 -32.54 -0.78 -8.77
C LEU B 184 -31.59 -1.04 -7.60
N ASP B 185 -32.11 -1.63 -6.52
CA ASP B 185 -31.32 -1.93 -5.32
C ASP B 185 -31.08 -3.42 -5.15
N TYR B 186 -29.82 -3.85 -5.35
CA TYR B 186 -29.40 -5.23 -5.14
C TYR B 186 -28.72 -5.28 -3.78
N GLN B 187 -29.19 -6.17 -2.91
CA GLN B 187 -28.72 -6.29 -1.54
C GLN B 187 -28.09 -7.63 -1.21
N LEU B 188 -26.90 -7.57 -0.59
CA LEU B 188 -26.16 -8.73 -0.12
C LEU B 188 -26.13 -8.64 1.41
N ARG B 189 -26.84 -9.55 2.09
CA ARG B 189 -26.89 -9.56 3.55
C ARG B 189 -25.84 -10.50 4.13
N ILE B 190 -24.97 -9.93 4.97
CA ILE B 190 -23.86 -10.63 5.63
C ILE B 190 -23.87 -10.41 7.14
N SER B 191 -23.40 -11.42 7.90
CA SER B 191 -23.29 -11.36 9.36
C SER B 191 -21.89 -11.84 9.76
N ARG B 192 -21.23 -11.11 10.65
CA ARG B 192 -19.86 -11.40 11.09
C ARG B 192 -19.69 -12.68 11.91
N GLN B 193 -18.56 -13.39 11.68
CA GLN B 193 -18.14 -14.62 12.37
C GLN B 193 -17.22 -14.22 13.55
N TYR B 194 -17.85 -13.83 14.66
CA TYR B 194 -17.23 -13.30 15.88
C TYR B 194 -16.59 -14.30 16.87
N PHE B 195 -16.41 -15.59 16.52
CA PHE B 195 -15.92 -16.49 17.56
C PHE B 195 -14.49 -16.27 18.04
N SER B 196 -13.47 -16.30 17.15
CA SER B 196 -12.08 -16.13 17.60
C SER B 196 -11.79 -14.80 18.32
N TYR B 197 -12.74 -13.82 18.27
CA TYR B 197 -12.62 -12.51 18.93
CA TYR B 197 -12.60 -12.51 18.92
C TYR B 197 -12.50 -12.64 20.45
N ILE B 198 -13.29 -13.56 21.06
CA ILE B 198 -13.26 -13.82 22.50
C ILE B 198 -11.85 -14.29 22.92
N PRO B 199 -11.31 -15.45 22.45
CA PRO B 199 -9.95 -15.85 22.86
C PRO B 199 -8.80 -15.00 22.32
N ASN B 200 -8.98 -14.34 21.16
CA ASN B 200 -7.89 -13.54 20.57
C ASN B 200 -7.80 -12.11 21.09
N ILE B 201 -8.95 -11.42 21.31
CA ILE B 201 -8.92 -10.02 21.73
C ILE B 201 -9.45 -9.80 23.16
N ILE B 202 -10.72 -10.17 23.43
CA ILE B 202 -11.40 -9.95 24.71
C ILE B 202 -10.69 -10.60 25.93
N LEU B 203 -10.54 -11.94 25.93
CA LEU B 203 -9.94 -12.65 27.07
C LEU B 203 -8.52 -12.16 27.45
N PRO B 204 -7.50 -12.00 26.53
CA PRO B 204 -6.18 -11.51 26.99
C PRO B 204 -6.24 -10.08 27.51
N MET B 205 -7.17 -9.25 27.00
CA MET B 205 -7.36 -7.88 27.45
C MET B 205 -7.92 -7.85 28.87
N LEU B 206 -8.80 -8.81 29.20
CA LEU B 206 -9.39 -8.90 30.54
C LEU B 206 -8.37 -9.35 31.56
N PHE B 207 -7.48 -10.31 31.18
CA PHE B 207 -6.42 -10.82 32.05
C PHE B 207 -5.49 -9.70 32.51
N ILE B 208 -5.06 -8.79 31.59
CA ILE B 208 -4.21 -7.64 31.96
C ILE B 208 -4.91 -6.73 32.98
N LEU B 209 -6.23 -6.46 32.76
CA LEU B 209 -7.03 -5.65 33.67
C LEU B 209 -7.14 -6.33 35.05
N PHE B 210 -7.35 -7.66 35.06
CA PHE B 210 -7.43 -8.43 36.29
C PHE B 210 -6.12 -8.40 37.07
N ILE B 211 -4.96 -8.41 36.37
CA ILE B 211 -3.62 -8.32 36.98
C ILE B 211 -3.50 -7.01 37.78
N SER B 212 -4.03 -5.90 37.22
CA SER B 212 -4.02 -4.60 37.90
C SER B 212 -4.83 -4.62 39.21
N TRP B 213 -5.83 -5.50 39.29
CA TRP B 213 -6.68 -5.65 40.47
C TRP B 213 -6.00 -6.39 41.63
N THR B 214 -4.81 -7.00 41.40
CA THR B 214 -4.09 -7.70 42.46
C THR B 214 -3.48 -6.69 43.47
N ALA B 215 -3.44 -5.40 43.08
CA ALA B 215 -2.95 -4.30 43.91
C ALA B 215 -3.84 -4.08 45.13
N PHE B 216 -5.05 -4.69 45.10
CA PHE B 216 -6.04 -4.63 46.20
C PHE B 216 -5.76 -5.67 47.30
N TRP B 217 -4.73 -6.52 47.10
CA TRP B 217 -4.28 -7.53 48.05
C TRP B 217 -2.82 -7.27 48.40
N SER B 218 -2.40 -6.00 48.27
CA SER B 218 -1.04 -5.54 48.55
C SER B 218 -1.05 -4.17 49.20
N THR B 219 -0.13 -3.96 50.15
CA THR B 219 0.06 -2.71 50.88
C THR B 219 1.31 -1.97 50.39
N SER B 220 2.20 -2.67 49.63
CA SER B 220 3.42 -2.12 49.08
C SER B 220 3.11 -1.16 47.94
N TYR B 221 3.33 0.16 48.19
CA TYR B 221 3.07 1.22 47.20
C TYR B 221 3.94 1.06 45.97
N GLU B 222 5.22 0.71 46.16
CA GLU B 222 6.16 0.49 45.06
C GLU B 222 5.71 -0.66 44.16
N ALA B 223 5.25 -1.78 44.76
CA ALA B 223 4.74 -2.93 44.02
C ALA B 223 3.40 -2.61 43.34
N ASN B 224 2.55 -1.79 44.00
CA ASN B 224 1.25 -1.37 43.47
C ASN B 224 1.40 -0.46 42.25
N VAL B 225 2.32 0.53 42.32
CA VAL B 225 2.61 1.46 41.23
C VAL B 225 3.08 0.67 40.01
N THR B 226 3.99 -0.32 40.24
CA THR B 226 4.48 -1.20 39.18
C THR B 226 3.31 -2.02 38.60
N LEU B 227 2.40 -2.53 39.46
CA LEU B 227 1.25 -3.30 38.99
C LEU B 227 0.32 -2.53 38.05
N VAL B 228 -0.27 -1.41 38.54
CA VAL B 228 -1.23 -0.64 37.74
C VAL B 228 -0.61 0.05 36.51
N VAL B 229 0.57 0.70 36.66
CA VAL B 229 1.18 1.41 35.53
C VAL B 229 1.76 0.43 34.50
N SER B 230 2.46 -0.65 34.93
CA SER B 230 2.99 -1.63 33.97
C SER B 230 1.89 -2.36 33.20
N THR B 231 0.73 -2.67 33.85
CA THR B 231 -0.40 -3.30 33.16
C THR B 231 -1.05 -2.35 32.17
N LEU B 232 -1.08 -1.03 32.49
CA LEU B 232 -1.58 0.00 31.58
C LEU B 232 -0.73 -0.03 30.30
N ILE B 233 0.63 -0.10 30.44
CA ILE B 233 1.59 -0.22 29.34
C ILE B 233 1.28 -1.50 28.53
N ALA B 234 1.10 -2.65 29.24
CA ALA B 234 0.76 -3.94 28.61
C ALA B 234 -0.56 -3.87 27.81
N HIS B 235 -1.59 -3.16 28.37
CA HIS B 235 -2.90 -2.96 27.75
C HIS B 235 -2.75 -2.22 26.44
N ILE B 236 -2.08 -1.05 26.49
CA ILE B 236 -1.81 -0.21 25.32
C ILE B 236 -1.04 -1.04 24.29
N ALA B 237 0.05 -1.73 24.73
CA ALA B 237 0.86 -2.60 23.87
C ALA B 237 0.00 -3.66 23.19
N PHE B 238 -0.92 -4.32 23.94
CA PHE B 238 -1.82 -5.34 23.40
C PHE B 238 -2.75 -4.74 22.36
N ASN B 239 -3.28 -3.53 22.63
CA ASN B 239 -4.14 -2.83 21.69
C ASN B 239 -3.42 -2.51 20.39
N ILE B 240 -2.10 -2.17 20.45
CA ILE B 240 -1.26 -1.92 19.27
C ILE B 240 -1.19 -3.22 18.45
N LEU B 241 -1.00 -4.36 19.16
CA LEU B 241 -0.93 -5.69 18.55
C LEU B 241 -2.22 -6.11 17.85
N VAL B 242 -3.38 -6.08 18.52
CA VAL B 242 -4.63 -6.50 17.88
C VAL B 242 -5.43 -5.30 17.33
N GLU B 243 -4.72 -4.23 16.97
CA GLU B 243 -5.25 -3.01 16.39
C GLU B 243 -6.14 -3.34 15.22
N THR B 244 -7.33 -2.70 15.19
CA THR B 244 -8.31 -2.88 14.13
C THR B 244 -7.69 -2.56 12.79
N ASN B 245 -6.73 -1.59 12.79
CA ASN B 245 -6.00 -1.04 11.64
C ASN B 245 -6.94 -0.13 10.85
N CYS B 246 -8.12 0.15 11.43
CA CYS B 246 -9.14 1.04 10.89
C CYS B 246 -9.12 2.34 11.67
N PRO B 247 -9.19 3.51 10.97
CA PRO B 247 -9.20 4.79 11.69
C PRO B 247 -10.42 4.86 12.60
N LYS B 248 -10.26 5.49 13.77
CA LYS B 248 -11.34 5.63 14.75
C LYS B 248 -12.63 6.06 14.06
N THR B 249 -13.73 5.33 14.34
CA THR B 249 -15.03 5.65 13.76
C THR B 249 -15.54 6.92 14.39
N PRO B 250 -16.20 7.81 13.60
CA PRO B 250 -16.71 9.08 14.17
C PRO B 250 -17.69 8.85 15.31
N TYR B 251 -18.46 7.77 15.22
CA TYR B 251 -19.44 7.36 16.21
C TYR B 251 -18.83 6.43 17.25
N MET B 252 -19.47 6.34 18.41
CA MET B 252 -19.06 5.47 19.50
C MET B 252 -19.59 4.06 19.27
N THR B 253 -18.65 3.11 19.14
CA THR B 253 -18.93 1.69 18.92
C THR B 253 -19.06 0.97 20.27
N TYR B 254 -19.56 -0.28 20.25
CA TYR B 254 -19.72 -1.11 21.45
C TYR B 254 -18.34 -1.41 22.03
N THR B 255 -17.44 -1.98 21.21
CA THR B 255 -16.05 -2.30 21.58
C THR B 255 -15.31 -1.03 22.03
N GLY B 256 -15.60 0.08 21.38
CA GLY B 256 -15.03 1.39 21.69
C GLY B 256 -15.36 1.86 23.09
N ALA B 257 -16.61 1.62 23.54
CA ALA B 257 -17.09 1.97 24.87
C ALA B 257 -16.40 1.11 25.95
N ILE B 258 -16.30 -0.23 25.71
CA ILE B 258 -15.63 -1.19 26.61
C ILE B 258 -14.18 -0.75 26.83
N ILE B 259 -13.45 -0.44 25.74
CA ILE B 259 -12.04 -0.01 25.77
C ILE B 259 -11.90 1.30 26.55
N PHE B 260 -12.80 2.29 26.31
CA PHE B 260 -12.79 3.57 27.04
C PHE B 260 -12.96 3.33 28.54
N MET B 261 -13.86 2.41 28.91
CA MET B 261 -14.15 2.02 30.29
C MET B 261 -12.92 1.38 30.94
N ILE B 262 -12.19 0.52 30.18
CA ILE B 262 -10.96 -0.13 30.64
C ILE B 262 -9.90 0.93 31.00
N TYR B 263 -9.76 2.00 30.17
CA TYR B 263 -8.84 3.12 30.46
C TYR B 263 -9.27 3.87 31.72
N LEU B 264 -10.58 4.08 31.91
CA LEU B 264 -11.17 4.74 33.07
C LEU B 264 -10.87 3.92 34.34
N PHE B 265 -10.99 2.58 34.25
CA PHE B 265 -10.70 1.63 35.33
C PHE B 265 -9.23 1.65 35.74
N TYR B 266 -8.30 1.83 34.77
CA TYR B 266 -6.87 1.93 35.07
C TYR B 266 -6.61 3.22 35.84
N PHE B 267 -7.31 4.31 35.49
CA PHE B 267 -7.19 5.60 36.17
C PHE B 267 -7.75 5.52 37.58
N VAL B 268 -8.95 4.91 37.75
CA VAL B 268 -9.60 4.75 39.06
C VAL B 268 -8.72 3.90 40.00
N ALA B 269 -8.17 2.77 39.49
CA ALA B 269 -7.28 1.89 40.25
C ALA B 269 -6.01 2.64 40.70
N VAL B 270 -5.51 3.60 39.89
CA VAL B 270 -4.37 4.44 40.26
C VAL B 270 -4.79 5.36 41.42
N ILE B 271 -5.96 6.01 41.30
CA ILE B 271 -6.52 6.89 42.33
C ILE B 271 -6.60 6.13 43.66
N GLU B 272 -7.16 4.90 43.65
CA GLU B 272 -7.27 4.03 44.83
C GLU B 272 -5.89 3.82 45.45
N VAL B 273 -4.92 3.29 44.67
CA VAL B 273 -3.53 3.04 45.06
C VAL B 273 -2.89 4.30 45.69
N THR B 274 -3.16 5.47 45.09
CA THR B 274 -2.67 6.76 45.59
C THR B 274 -3.34 7.13 46.93
N VAL B 275 -4.69 6.99 47.02
CA VAL B 275 -5.49 7.27 48.22
C VAL B 275 -5.06 6.38 49.38
N GLN B 276 -4.98 5.05 49.16
CA GLN B 276 -4.58 4.04 50.15
C GLN B 276 -3.22 4.39 50.77
N HIS B 277 -2.20 4.68 49.93
CA HIS B 277 -0.86 5.06 50.36
C HIS B 277 -0.84 6.36 51.17
N TYR B 278 -1.57 7.39 50.69
CA TYR B 278 -1.66 8.69 51.37
C TYR B 278 -2.27 8.54 52.76
N LEU B 279 -3.39 7.78 52.88
CA LEU B 279 -4.06 7.53 54.16
C LEU B 279 -3.14 6.79 55.13
N LYS B 280 -2.38 5.80 54.62
CA LYS B 280 -1.42 5.00 55.39
C LYS B 280 -0.30 5.91 55.92
N VAL B 281 0.29 6.74 55.04
CA VAL B 281 1.36 7.67 55.36
C VAL B 281 0.84 8.80 56.31
N GLU B 282 -0.44 9.20 56.16
CA GLU B 282 -1.08 10.24 56.99
C GLU B 282 -1.81 9.64 58.22
N SER B 283 -1.17 8.64 58.86
CA SER B 283 -1.58 7.92 60.07
C SER B 283 -3.10 7.60 60.16
N GLN B 284 -3.65 7.02 59.08
CA GLN B 284 -5.05 6.59 59.01
C GLN B 284 -5.12 5.18 58.39
N PRO B 285 -4.48 4.14 58.99
CA PRO B 285 -4.50 2.80 58.38
C PRO B 285 -5.85 2.09 58.38
N ALA B 286 -6.80 2.53 59.23
CA ALA B 286 -8.15 1.96 59.29
C ALA B 286 -8.94 2.29 58.01
N ARG B 287 -8.87 3.56 57.56
CA ARG B 287 -9.54 4.06 56.36
C ARG B 287 -8.91 3.47 55.10
N ALA B 288 -7.57 3.39 55.05
CA ALA B 288 -6.83 2.83 53.92
C ALA B 288 -7.20 1.38 53.70
N ALA B 289 -7.08 0.53 54.76
CA ALA B 289 -7.42 -0.89 54.73
C ALA B 289 -8.87 -1.17 54.37
N SER B 290 -9.81 -0.30 54.80
CA SER B 290 -11.23 -0.48 54.49
C SER B 290 -11.55 -0.17 53.02
N ILE B 291 -10.83 0.80 52.41
CA ILE B 291 -10.98 1.16 51.00
C ILE B 291 -10.48 0.02 50.11
N THR B 292 -9.24 -0.45 50.36
CA THR B 292 -8.58 -1.56 49.65
C THR B 292 -9.43 -2.82 49.70
N ARG B 293 -10.04 -3.12 50.88
CA ARG B 293 -10.90 -4.29 51.06
C ARG B 293 -12.21 -4.14 50.28
N ALA B 294 -12.77 -2.92 50.22
CA ALA B 294 -14.00 -2.62 49.47
C ALA B 294 -13.75 -2.76 47.97
N SER B 295 -12.62 -2.19 47.48
CA SER B 295 -12.17 -2.22 46.08
C SER B 295 -12.11 -3.63 45.51
N ARG B 296 -11.70 -4.62 46.33
CA ARG B 296 -11.63 -6.06 46.00
C ARG B 296 -12.96 -6.60 45.45
N ILE B 297 -14.09 -6.05 45.94
CA ILE B 297 -15.44 -6.40 45.53
C ILE B 297 -15.99 -5.33 44.57
N ALA B 298 -15.83 -4.03 44.92
CA ALA B 298 -16.29 -2.87 44.16
C ALA B 298 -15.84 -2.88 42.70
N PHE B 299 -14.54 -3.11 42.44
CA PHE B 299 -13.98 -3.13 41.08
C PHE B 299 -14.60 -4.24 40.19
N PRO B 300 -14.55 -5.57 40.53
CA PRO B 300 -15.21 -6.56 39.65
C PRO B 300 -16.71 -6.37 39.49
N VAL B 301 -17.41 -5.98 40.59
CA VAL B 301 -18.87 -5.77 40.58
C VAL B 301 -19.25 -4.58 39.67
N VAL B 302 -18.63 -3.39 39.87
CA VAL B 302 -18.90 -2.21 39.03
C VAL B 302 -18.58 -2.50 37.55
N PHE B 303 -17.48 -3.25 37.28
CA PHE B 303 -17.10 -3.66 35.93
C PHE B 303 -18.18 -4.53 35.26
N LEU B 304 -18.53 -5.66 35.92
CA LEU B 304 -19.56 -6.60 35.48
C LEU B 304 -20.93 -5.90 35.28
N LEU B 305 -21.27 -4.92 36.15
CA LEU B 305 -22.52 -4.18 36.06
C LEU B 305 -22.53 -3.21 34.88
N ALA B 306 -21.45 -2.38 34.73
CA ALA B 306 -21.33 -1.41 33.65
C ALA B 306 -21.31 -2.08 32.27
N ASN B 307 -20.70 -3.29 32.19
CA ASN B 307 -20.64 -4.10 30.98
C ASN B 307 -22.04 -4.57 30.56
N ILE B 308 -22.89 -4.95 31.55
CA ILE B 308 -24.29 -5.36 31.34
C ILE B 308 -25.08 -4.15 30.81
N ILE B 309 -24.85 -2.95 31.41
CA ILE B 309 -25.47 -1.69 31.00
C ILE B 309 -25.10 -1.36 29.54
N LEU B 310 -23.79 -1.47 29.18
CA LEU B 310 -23.30 -1.24 27.82
C LEU B 310 -23.90 -2.22 26.81
N ALA B 311 -23.88 -3.53 27.14
CA ALA B 311 -24.45 -4.59 26.30
C ALA B 311 -25.94 -4.33 26.08
N PHE B 312 -26.64 -3.83 27.12
CA PHE B 312 -28.06 -3.49 27.04
C PHE B 312 -28.29 -2.29 26.11
N LEU B 313 -27.49 -1.22 26.26
CA LEU B 313 -27.59 0.01 25.47
C LEU B 313 -27.33 -0.22 23.98
N PHE B 314 -26.35 -1.06 23.64
CA PHE B 314 -25.98 -1.33 22.24
C PHE B 314 -26.83 -2.40 21.58
N PHE B 315 -27.33 -3.37 22.35
CA PHE B 315 -28.14 -4.48 21.83
C PHE B 315 -29.51 -4.53 22.51
N VAL C 5 -18.95 -15.32 -37.24
CA VAL C 5 -18.68 -16.71 -36.88
C VAL C 5 -19.62 -17.19 -35.77
N SER C 6 -19.90 -18.51 -35.78
CA SER C 6 -20.85 -19.21 -34.93
C SER C 6 -20.19 -20.53 -34.52
N PRO C 7 -20.64 -21.31 -33.50
CA PRO C 7 -19.92 -22.54 -33.14
C PRO C 7 -19.92 -23.63 -34.22
N PRO C 8 -18.88 -24.52 -34.27
CA PRO C 8 -18.88 -25.58 -35.29
C PRO C 8 -20.07 -26.52 -35.19
N PRO C 9 -20.66 -26.99 -36.31
CA PRO C 9 -21.84 -27.87 -36.21
C PRO C 9 -21.52 -29.30 -35.74
N PRO C 10 -22.42 -29.97 -34.97
CA PRO C 10 -22.12 -31.35 -34.55
C PRO C 10 -22.34 -32.36 -35.67
N ILE C 11 -21.50 -33.41 -35.72
CA ILE C 11 -21.64 -34.46 -36.74
C ILE C 11 -22.89 -35.31 -36.47
N ALA C 12 -23.21 -35.51 -35.18
CA ALA C 12 -24.37 -36.26 -34.72
C ALA C 12 -25.24 -35.34 -33.85
N ASP C 13 -25.00 -35.32 -32.53
CA ASP C 13 -25.70 -34.53 -31.51
C ASP C 13 -24.73 -34.27 -30.34
N GLU C 14 -23.48 -34.76 -30.48
CA GLU C 14 -22.42 -34.71 -29.47
C GLU C 14 -22.02 -33.26 -29.06
N PRO C 15 -21.63 -33.02 -27.79
CA PRO C 15 -21.19 -31.65 -27.42
C PRO C 15 -19.77 -31.40 -27.92
N LEU C 16 -19.38 -30.12 -28.02
CA LEU C 16 -18.03 -29.77 -28.49
C LEU C 16 -17.04 -29.90 -27.33
N THR C 17 -15.97 -30.68 -27.56
CA THR C 17 -14.94 -30.87 -26.55
C THR C 17 -13.79 -29.90 -26.79
N VAL C 18 -13.53 -29.06 -25.78
CA VAL C 18 -12.44 -28.11 -25.80
C VAL C 18 -11.38 -28.67 -24.84
N ASN C 19 -10.27 -29.19 -25.42
CA ASN C 19 -9.15 -29.75 -24.69
C ASN C 19 -8.29 -28.60 -24.18
N THR C 20 -8.15 -28.52 -22.86
CA THR C 20 -7.39 -27.48 -22.19
C THR C 20 -6.07 -27.98 -21.64
N GLY C 21 -5.29 -27.00 -21.18
CA GLY C 21 -3.99 -27.18 -20.56
C GLY C 21 -3.50 -25.85 -20.07
N ILE C 22 -2.84 -25.86 -18.91
CA ILE C 22 -2.24 -24.68 -18.30
C ILE C 22 -0.80 -25.02 -17.96
N TYR C 23 0.15 -24.20 -18.41
CA TYR C 23 1.56 -24.39 -18.13
C TYR C 23 2.09 -23.16 -17.39
N LEU C 24 2.39 -23.31 -16.08
CA LEU C 24 2.88 -22.21 -15.24
C LEU C 24 4.26 -21.72 -15.64
N ILE C 25 4.36 -20.43 -16.00
CA ILE C 25 5.61 -19.78 -16.36
C ILE C 25 6.17 -19.16 -15.08
N GLU C 26 5.32 -18.39 -14.38
CA GLU C 26 5.66 -17.72 -13.13
C GLU C 26 4.53 -17.78 -12.15
N SER C 27 4.89 -17.98 -10.89
CA SER C 27 3.98 -17.95 -9.76
C SER C 27 4.61 -16.93 -8.83
N TYR C 28 3.84 -15.97 -8.34
CA TYR C 28 4.36 -14.92 -7.48
C TYR C 28 3.26 -14.28 -6.65
N SER C 29 3.64 -13.33 -5.79
CA SER C 29 2.76 -12.54 -4.94
C SER C 29 1.67 -13.37 -4.23
N LEU C 30 2.07 -14.44 -3.50
CA LEU C 30 1.08 -15.19 -2.74
C LEU C 30 0.82 -14.39 -1.49
N ASP C 31 -0.42 -13.92 -1.35
CA ASP C 31 -0.87 -13.10 -0.24
C ASP C 31 -1.75 -13.93 0.70
N ASP C 32 -1.22 -14.21 1.90
CA ASP C 32 -1.89 -14.96 2.94
C ASP C 32 -3.14 -14.23 3.49
N CYS C 33 -3.05 -12.89 3.67
CA CYS C 33 -4.13 -12.02 4.14
C CYS C 33 -5.32 -12.06 3.20
N ALA C 34 -5.07 -11.72 1.93
CA ALA C 34 -6.10 -11.63 0.90
C ALA C 34 -6.52 -12.98 0.36
N GLU C 35 -5.75 -14.06 0.66
CA GLU C 35 -5.96 -15.43 0.18
C GLU C 35 -5.91 -15.40 -1.37
N THR C 36 -4.97 -14.60 -1.93
CA THR C 36 -4.81 -14.43 -3.37
C THR C 36 -3.37 -14.67 -3.83
N PHE C 37 -3.20 -15.14 -5.08
CA PHE C 37 -1.88 -15.40 -5.67
C PHE C 37 -1.87 -14.97 -7.13
N LYS C 38 -0.76 -14.38 -7.57
CA LYS C 38 -0.62 -13.92 -8.93
C LYS C 38 0.09 -14.98 -9.75
N VAL C 39 -0.47 -15.29 -10.92
CA VAL C 39 0.04 -16.31 -11.81
C VAL C 39 0.26 -15.79 -13.23
N ASN C 40 1.31 -16.29 -13.89
CA ASN C 40 1.65 -15.98 -15.28
C ASN C 40 1.85 -17.34 -15.94
N ALA C 41 1.00 -17.68 -16.91
CA ALA C 41 1.02 -18.99 -17.55
C ALA C 41 0.56 -19.00 -19.01
N PHE C 42 0.68 -20.17 -19.64
CA PHE C 42 0.21 -20.45 -20.99
C PHE C 42 -1.13 -21.15 -20.85
N LEU C 43 -2.08 -20.82 -21.72
CA LEU C 43 -3.36 -21.51 -21.77
C LEU C 43 -3.50 -22.06 -23.18
N SER C 44 -3.52 -23.39 -23.28
CA SER C 44 -3.66 -24.07 -24.56
C SER C 44 -5.10 -24.54 -24.72
N LEU C 45 -5.63 -24.39 -25.93
CA LEU C 45 -6.99 -24.81 -26.27
C LEU C 45 -6.98 -25.59 -27.57
N SER C 46 -7.73 -26.69 -27.61
CA SER C 46 -7.82 -27.54 -28.79
C SER C 46 -9.22 -28.06 -29.00
N TRP C 47 -9.75 -27.89 -30.23
CA TRP C 47 -11.08 -28.32 -30.64
C TRP C 47 -11.09 -28.56 -32.15
N LYS C 48 -12.16 -29.21 -32.66
CA LYS C 48 -12.30 -29.49 -34.09
C LYS C 48 -13.44 -28.67 -34.69
N ASP C 49 -13.11 -27.96 -35.78
CA ASP C 49 -14.03 -27.15 -36.58
C ASP C 49 -13.86 -27.58 -38.03
N ARG C 50 -14.73 -28.50 -38.49
CA ARG C 50 -14.70 -29.04 -39.84
C ARG C 50 -14.92 -28.00 -40.94
N ARG C 51 -15.49 -26.83 -40.58
CA ARG C 51 -15.67 -25.69 -41.49
C ARG C 51 -14.28 -25.18 -41.89
N LEU C 52 -13.28 -25.38 -41.02
CA LEU C 52 -11.89 -24.97 -41.20
C LEU C 52 -10.98 -26.04 -41.83
N ALA C 53 -11.53 -27.25 -42.11
CA ALA C 53 -10.77 -28.35 -42.74
C ALA C 53 -10.37 -28.00 -44.16
N PHE C 54 -9.17 -28.43 -44.59
CA PHE C 54 -8.65 -28.12 -45.93
C PHE C 54 -7.80 -29.21 -46.56
N ASP C 55 -7.65 -29.16 -47.90
CA ASP C 55 -6.79 -30.08 -48.64
C ASP C 55 -5.40 -29.44 -48.66
N PRO C 56 -4.39 -30.08 -48.03
CA PRO C 56 -3.03 -29.49 -48.02
C PRO C 56 -2.38 -29.37 -49.40
N VAL C 57 -2.90 -30.14 -50.38
CA VAL C 57 -2.42 -30.15 -51.77
C VAL C 57 -2.87 -28.88 -52.51
N ARG C 58 -4.20 -28.61 -52.53
CA ARG C 58 -4.79 -27.46 -53.19
C ARG C 58 -4.70 -26.15 -52.36
N SER C 59 -3.99 -26.19 -51.21
CA SER C 59 -3.70 -25.05 -50.34
C SER C 59 -2.19 -24.73 -50.31
N GLY C 60 -1.37 -25.74 -50.58
CA GLY C 60 0.09 -25.61 -50.61
C GLY C 60 0.75 -25.55 -49.24
N VAL C 61 -0.08 -25.49 -48.17
CA VAL C 61 0.34 -25.43 -46.77
C VAL C 61 -0.16 -26.63 -45.97
N ARG C 62 0.67 -27.11 -45.04
CA ARG C 62 0.34 -28.24 -44.16
C ARG C 62 -0.37 -27.75 -42.89
N VAL C 63 -0.16 -26.47 -42.53
CA VAL C 63 -0.76 -25.79 -41.38
C VAL C 63 -1.25 -24.41 -41.83
N LYS C 64 -2.37 -23.92 -41.25
CA LYS C 64 -2.91 -22.60 -41.52
C LYS C 64 -2.92 -21.76 -40.24
N THR C 65 -2.45 -20.51 -40.33
CA THR C 65 -2.42 -19.58 -39.20
C THR C 65 -3.53 -18.55 -39.37
N TYR C 66 -4.29 -18.31 -38.29
CA TYR C 66 -5.39 -17.36 -38.29
C TYR C 66 -5.26 -16.31 -37.18
N GLU C 67 -5.95 -15.18 -37.36
CA GLU C 67 -6.04 -14.13 -36.35
C GLU C 67 -7.27 -14.47 -35.50
N PRO C 68 -7.30 -14.13 -34.18
CA PRO C 68 -8.45 -14.51 -33.34
C PRO C 68 -9.82 -14.09 -33.86
N GLU C 69 -9.86 -12.92 -34.53
CA GLU C 69 -11.07 -12.31 -35.11
C GLU C 69 -11.55 -13.07 -36.35
N ALA C 70 -10.63 -13.74 -37.07
CA ALA C 70 -10.92 -14.47 -38.30
C ALA C 70 -11.75 -15.75 -38.10
N ILE C 71 -11.60 -16.43 -36.96
CA ILE C 71 -12.28 -17.71 -36.68
C ILE C 71 -13.06 -17.74 -35.35
N TRP C 72 -13.90 -18.79 -35.16
CA TRP C 72 -14.66 -19.02 -33.94
C TRP C 72 -13.71 -19.60 -32.90
N ILE C 73 -13.69 -19.00 -31.71
CA ILE C 73 -12.87 -19.42 -30.56
C ILE C 73 -13.79 -19.52 -29.34
N PRO C 74 -13.77 -20.63 -28.55
CA PRO C 74 -14.64 -20.71 -27.37
C PRO C 74 -14.28 -19.66 -26.32
N GLU C 75 -15.28 -19.11 -25.64
CA GLU C 75 -15.04 -18.11 -24.60
C GLU C 75 -14.74 -18.82 -23.29
N ILE C 76 -13.44 -19.00 -22.98
CA ILE C 76 -13.00 -19.61 -21.73
C ILE C 76 -12.74 -18.51 -20.73
N ARG C 77 -13.33 -18.62 -19.55
CA ARG C 77 -13.15 -17.66 -18.47
C ARG C 77 -12.68 -18.41 -17.23
N PHE C 78 -12.16 -17.68 -16.24
CA PHE C 78 -11.71 -18.23 -14.97
C PHE C 78 -12.76 -17.85 -13.95
N VAL C 79 -13.13 -18.80 -13.08
CA VAL C 79 -14.16 -18.55 -12.07
C VAL C 79 -13.63 -17.69 -10.93
N ASN C 80 -12.54 -18.11 -10.29
CA ASN C 80 -11.98 -17.45 -9.12
C ASN C 80 -10.87 -16.42 -9.41
N VAL C 81 -11.19 -15.40 -10.23
CA VAL C 81 -10.26 -14.31 -10.53
C VAL C 81 -10.81 -12.98 -10.05
N GLU C 82 -9.91 -12.02 -9.71
CA GLU C 82 -10.29 -10.68 -9.26
C GLU C 82 -10.95 -9.96 -10.46
N ASN C 83 -10.21 -9.79 -11.56
CA ASN C 83 -10.68 -9.22 -12.82
C ASN C 83 -10.35 -10.25 -13.90
N ALA C 84 -10.89 -10.07 -15.12
CA ALA C 84 -10.60 -10.97 -16.24
C ALA C 84 -9.10 -10.93 -16.54
N ARG C 85 -8.51 -12.10 -16.81
CA ARG C 85 -7.07 -12.27 -17.09
C ARG C 85 -6.59 -11.37 -18.22
N ASP C 86 -5.33 -10.92 -18.13
CA ASP C 86 -4.69 -10.14 -19.19
C ASP C 86 -4.11 -11.20 -20.11
N ALA C 87 -4.68 -11.34 -21.32
CA ALA C 87 -4.26 -12.37 -22.27
C ALA C 87 -3.64 -11.81 -23.53
N ASP C 88 -2.70 -12.58 -24.08
CA ASP C 88 -1.99 -12.27 -25.31
C ASP C 88 -1.95 -13.56 -26.13
N VAL C 89 -2.68 -13.59 -27.26
CA VAL C 89 -2.72 -14.77 -28.12
C VAL C 89 -1.33 -14.94 -28.74
N VAL C 90 -0.69 -16.08 -28.43
CA VAL C 90 0.64 -16.43 -28.90
C VAL C 90 0.57 -17.07 -30.28
N ASP C 91 -0.31 -18.07 -30.46
CA ASP C 91 -0.44 -18.81 -31.72
C ASP C 91 -1.81 -19.48 -31.93
N ILE C 92 -2.28 -19.49 -33.20
CA ILE C 92 -3.50 -20.18 -33.65
C ILE C 92 -3.10 -20.96 -34.91
N SER C 93 -3.11 -22.31 -34.79
CA SER C 93 -2.74 -23.21 -35.89
C SER C 93 -3.85 -24.18 -36.22
N VAL C 94 -4.19 -24.27 -37.52
CA VAL C 94 -5.23 -25.17 -38.04
C VAL C 94 -4.59 -26.22 -38.94
N SER C 95 -4.94 -27.50 -38.70
CA SER C 95 -4.46 -28.68 -39.43
C SER C 95 -5.51 -29.07 -40.50
N PRO C 96 -5.12 -29.81 -41.58
CA PRO C 96 -6.07 -30.15 -42.66
C PRO C 96 -7.43 -30.76 -42.28
N ASP C 97 -7.56 -31.38 -41.10
CA ASP C 97 -8.81 -32.00 -40.65
C ASP C 97 -9.76 -31.02 -39.94
N GLY C 98 -9.25 -29.83 -39.63
CA GLY C 98 -10.01 -28.79 -38.95
C GLY C 98 -9.75 -28.70 -37.46
N THR C 99 -8.62 -29.27 -37.00
CA THR C 99 -8.25 -29.17 -35.58
C THR C 99 -7.62 -27.81 -35.35
N VAL C 100 -8.13 -27.08 -34.36
CA VAL C 100 -7.62 -25.77 -34.00
C VAL C 100 -6.76 -25.91 -32.76
N GLN C 101 -5.51 -25.44 -32.87
CA GLN C 101 -4.58 -25.43 -31.75
C GLN C 101 -4.29 -23.99 -31.41
N TYR C 102 -4.93 -23.53 -30.33
CA TYR C 102 -4.87 -22.18 -29.79
C TYR C 102 -3.91 -22.15 -28.59
N LEU C 103 -3.13 -21.06 -28.48
CA LEU C 103 -2.21 -20.81 -27.39
C LEU C 103 -2.15 -19.33 -27.07
N GLU C 104 -2.28 -19.01 -25.79
CA GLU C 104 -2.21 -17.64 -25.28
C GLU C 104 -1.37 -17.59 -24.00
N ARG C 105 -0.75 -16.44 -23.74
CA ARG C 105 -0.03 -16.22 -22.50
C ARG C 105 -0.88 -15.26 -21.69
N PHE C 106 -1.15 -15.61 -20.43
CA PHE C 106 -1.98 -14.78 -19.58
C PHE C 106 -1.38 -14.54 -18.20
N SER C 107 -1.85 -13.50 -17.53
CA SER C 107 -1.52 -13.18 -16.16
C SER C 107 -2.84 -12.94 -15.44
N ALA C 108 -2.97 -13.43 -14.21
CA ALA C 108 -4.20 -13.31 -13.43
C ALA C 108 -3.95 -13.37 -11.92
N ARG C 109 -4.76 -12.63 -11.13
CA ARG C 109 -4.72 -12.66 -9.68
C ARG C 109 -5.87 -13.56 -9.27
N VAL C 110 -5.53 -14.77 -8.84
CA VAL C 110 -6.46 -15.83 -8.50
C VAL C 110 -6.81 -15.79 -7.01
N LEU C 111 -8.10 -15.89 -6.68
CA LEU C 111 -8.60 -15.93 -5.32
C LEU C 111 -8.78 -17.40 -4.91
N SER C 112 -8.00 -17.85 -3.93
CA SER C 112 -8.07 -19.23 -3.47
C SER C 112 -8.06 -19.29 -1.94
N PRO C 113 -9.15 -19.82 -1.29
CA PRO C 113 -9.18 -19.87 0.18
C PRO C 113 -8.02 -20.67 0.78
N LEU C 114 -7.48 -20.18 1.89
CA LEU C 114 -6.36 -20.83 2.58
C LEU C 114 -6.77 -21.22 4.00
N ASP C 115 -6.40 -22.46 4.39
CA ASP C 115 -6.68 -23.02 5.71
C ASP C 115 -5.45 -22.90 6.60
N PHE C 116 -5.53 -22.02 7.59
CA PHE C 116 -4.43 -21.73 8.51
C PHE C 116 -4.52 -22.48 9.83
N ARG C 117 -5.47 -23.44 9.97
CA ARG C 117 -5.62 -24.23 11.20
C ARG C 117 -4.33 -24.92 11.66
N ARG C 118 -3.48 -25.41 10.73
CA ARG C 118 -2.22 -26.10 11.02
C ARG C 118 -0.93 -25.25 10.82
N TYR C 119 -1.06 -23.92 10.65
CA TYR C 119 0.06 -23.00 10.45
C TYR C 119 1.06 -23.08 11.63
N PRO C 120 2.40 -23.07 11.37
CA PRO C 120 3.11 -22.97 10.09
C PRO C 120 3.48 -24.32 9.46
N PHE C 121 2.78 -25.40 9.88
CA PHE C 121 3.00 -26.76 9.37
C PHE C 121 1.88 -27.13 8.38
N ASP C 122 1.34 -26.12 7.70
CA ASP C 122 0.25 -26.24 6.75
C ASP C 122 0.69 -26.48 5.32
N SER C 123 -0.18 -27.14 4.58
CA SER C 123 -0.06 -27.41 3.16
C SER C 123 -1.33 -26.85 2.54
N GLN C 124 -1.21 -26.28 1.35
CA GLN C 124 -2.34 -25.67 0.66
C GLN C 124 -2.48 -26.19 -0.75
N THR C 125 -3.72 -26.23 -1.23
CA THR C 125 -4.05 -26.59 -2.60
C THR C 125 -4.63 -25.31 -3.21
N LEU C 126 -3.87 -24.68 -4.10
CA LEU C 126 -4.29 -23.47 -4.80
C LEU C 126 -5.12 -23.89 -6.01
N HIS C 127 -6.29 -23.27 -6.19
CA HIS C 127 -7.20 -23.63 -7.27
C HIS C 127 -7.30 -22.59 -8.36
N ILE C 128 -7.43 -23.06 -9.61
CA ILE C 128 -7.66 -22.25 -10.80
C ILE C 128 -8.80 -22.96 -11.50
N TYR C 129 -9.97 -22.33 -11.52
CA TYR C 129 -11.16 -22.91 -12.14
C TYR C 129 -11.45 -22.38 -13.53
N LEU C 130 -11.27 -23.22 -14.56
CA LEU C 130 -11.58 -22.88 -15.95
C LEU C 130 -13.06 -23.12 -16.16
N ILE C 131 -13.70 -22.29 -16.96
CA ILE C 131 -15.13 -22.44 -17.23
C ILE C 131 -15.48 -22.02 -18.66
N VAL C 132 -16.51 -22.67 -19.21
CA VAL C 132 -17.06 -22.38 -20.54
C VAL C 132 -18.58 -22.44 -20.49
N ARG C 133 -19.23 -21.46 -21.15
CA ARG C 133 -20.68 -21.41 -21.21
C ARG C 133 -21.18 -21.85 -22.57
N SER C 134 -22.15 -22.78 -22.56
CA SER C 134 -22.76 -23.32 -23.77
C SER C 134 -23.66 -22.31 -24.47
N VAL C 135 -23.84 -22.51 -25.78
CA VAL C 135 -24.68 -21.67 -26.62
C VAL C 135 -25.91 -22.49 -27.02
N ASP C 136 -26.94 -21.82 -27.60
CA ASP C 136 -28.17 -22.48 -28.03
C ASP C 136 -27.94 -23.51 -29.15
N THR C 137 -27.03 -23.21 -30.10
CA THR C 137 -26.71 -24.12 -31.21
C THR C 137 -26.13 -25.46 -30.70
N ARG C 138 -25.15 -25.41 -29.77
CA ARG C 138 -24.58 -26.64 -29.19
C ARG C 138 -23.87 -26.42 -27.85
N ASN C 139 -23.82 -27.51 -27.06
CA ASN C 139 -23.20 -27.58 -25.76
C ASN C 139 -21.68 -27.70 -25.87
N ILE C 140 -20.96 -26.98 -25.00
CA ILE C 140 -19.49 -26.97 -24.96
C ILE C 140 -19.03 -27.58 -23.65
N VAL C 141 -18.15 -28.58 -23.74
CA VAL C 141 -17.61 -29.35 -22.63
C VAL C 141 -16.07 -29.26 -22.61
N LEU C 142 -15.49 -29.05 -21.41
CA LEU C 142 -14.05 -28.95 -21.23
C LEU C 142 -13.43 -30.32 -20.94
N ALA C 143 -12.16 -30.48 -21.34
CA ALA C 143 -11.36 -31.70 -21.15
C ALA C 143 -9.91 -31.32 -20.82
N VAL C 144 -9.18 -32.23 -20.18
CA VAL C 144 -7.79 -31.94 -19.84
C VAL C 144 -6.84 -32.84 -20.57
N ASP C 145 -5.82 -32.23 -21.17
CA ASP C 145 -4.72 -32.98 -21.74
C ASP C 145 -3.60 -32.80 -20.73
N LEU C 146 -3.37 -33.83 -19.88
CA LEU C 146 -2.37 -33.79 -18.81
C LEU C 146 -0.93 -33.63 -19.32
N GLU C 147 -0.69 -33.92 -20.61
CA GLU C 147 0.62 -33.73 -21.23
C GLU C 147 0.88 -32.22 -21.34
N LYS C 148 -0.20 -31.45 -21.56
CA LYS C 148 -0.21 -29.99 -21.70
C LYS C 148 -0.35 -29.22 -20.38
N VAL C 149 -0.43 -29.95 -19.24
CA VAL C 149 -0.50 -29.39 -17.88
C VAL C 149 0.88 -29.57 -17.27
N GLY C 150 1.53 -28.46 -16.96
CA GLY C 150 2.85 -28.46 -16.34
C GLY C 150 3.22 -27.13 -15.72
N LYS C 151 4.48 -27.04 -15.32
CA LYS C 151 5.06 -25.84 -14.72
C LYS C 151 6.56 -25.77 -15.00
N ASN C 152 7.06 -24.54 -15.16
CA ASN C 152 8.47 -24.24 -15.36
C ASN C 152 9.23 -24.71 -14.10
N ASP C 153 10.43 -25.28 -14.29
CA ASP C 153 11.25 -25.80 -13.20
C ASP C 153 11.69 -24.69 -12.22
N ASP C 154 11.82 -23.45 -12.73
CA ASP C 154 12.22 -22.28 -11.96
C ASP C 154 11.08 -21.59 -11.20
N VAL C 155 9.82 -22.09 -11.35
CA VAL C 155 8.63 -21.56 -10.66
C VAL C 155 8.87 -21.67 -9.16
N PHE C 156 8.64 -20.58 -8.43
CA PHE C 156 8.86 -20.54 -7.00
C PHE C 156 7.95 -19.59 -6.27
N LEU C 157 7.72 -19.91 -4.99
CA LEU C 157 7.00 -19.10 -4.03
C LEU C 157 7.88 -19.14 -2.81
N THR C 158 8.34 -17.98 -2.35
CA THR C 158 9.23 -17.89 -1.19
C THR C 158 8.52 -18.40 0.06
N GLY C 159 9.16 -19.35 0.75
CA GLY C 159 8.65 -19.98 1.96
C GLY C 159 7.75 -21.17 1.74
N TRP C 160 7.69 -21.64 0.47
CA TRP C 160 6.85 -22.77 0.09
C TRP C 160 7.57 -23.75 -0.81
N ASP C 161 7.18 -25.02 -0.71
CA ASP C 161 7.69 -26.10 -1.55
C ASP C 161 6.55 -26.44 -2.50
N ILE C 162 6.79 -26.28 -3.82
CA ILE C 162 5.79 -26.57 -4.84
C ILE C 162 5.86 -28.06 -5.15
N GLU C 163 4.87 -28.80 -4.64
CA GLU C 163 4.77 -30.25 -4.79
C GLU C 163 4.39 -30.65 -6.21
N SER C 164 3.24 -30.16 -6.71
CA SER C 164 2.73 -30.51 -8.02
C SER C 164 1.72 -29.52 -8.58
N PHE C 165 1.57 -29.53 -9.92
CA PHE C 165 0.58 -28.75 -10.62
C PHE C 165 -0.16 -29.73 -11.52
N THR C 166 -1.43 -30.00 -11.17
CA THR C 166 -2.26 -30.98 -11.87
C THR C 166 -3.67 -30.46 -12.08
N ALA C 167 -4.50 -31.22 -12.81
CA ALA C 167 -5.89 -30.88 -13.06
C ALA C 167 -6.78 -32.09 -12.82
N VAL C 168 -7.98 -31.85 -12.26
CA VAL C 168 -8.99 -32.88 -12.02
C VAL C 168 -9.67 -33.09 -13.37
N VAL C 169 -9.29 -34.20 -14.06
CA VAL C 169 -9.70 -34.59 -15.41
C VAL C 169 -11.21 -34.55 -15.66
N LYS C 170 -12.04 -34.94 -14.68
CA LYS C 170 -13.49 -34.92 -14.81
C LYS C 170 -14.03 -33.50 -14.60
N PRO C 171 -14.64 -32.87 -15.64
CA PRO C 171 -15.19 -31.51 -15.44
C PRO C 171 -16.49 -31.53 -14.64
N ALA C 172 -16.84 -30.38 -14.06
CA ALA C 172 -18.06 -30.19 -13.30
C ALA C 172 -19.05 -29.52 -14.22
N ASN C 173 -19.96 -30.31 -14.80
CA ASN C 173 -20.98 -29.81 -15.72
C ASN C 173 -22.27 -29.61 -14.96
N PHE C 174 -22.79 -28.39 -15.04
CA PHE C 174 -24.00 -27.98 -14.33
C PHE C 174 -24.76 -26.92 -15.10
N ALA C 175 -26.04 -26.72 -14.74
CA ALA C 175 -26.88 -25.71 -15.36
C ALA C 175 -26.82 -24.42 -14.57
N LEU C 176 -26.77 -23.29 -15.29
CA LEU C 176 -26.70 -21.95 -14.73
C LEU C 176 -27.33 -21.00 -15.71
N GLU C 177 -28.34 -20.23 -15.25
CA GLU C 177 -29.09 -19.25 -16.05
C GLU C 177 -29.55 -19.82 -17.42
N ASP C 178 -30.15 -21.04 -17.36
CA ASP C 178 -30.71 -21.81 -18.48
C ASP C 178 -29.68 -22.29 -19.54
N ARG C 179 -28.39 -22.40 -19.18
CA ARG C 179 -27.33 -22.90 -20.07
C ARG C 179 -26.37 -23.81 -19.30
N LEU C 180 -25.82 -24.83 -19.97
CA LEU C 180 -24.84 -25.74 -19.38
C LEU C 180 -23.50 -25.03 -19.23
N GLU C 181 -22.84 -25.28 -18.10
CA GLU C 181 -21.54 -24.75 -17.80
C GLU C 181 -20.60 -25.90 -17.40
N SER C 182 -19.48 -26.04 -18.13
CA SER C 182 -18.48 -27.07 -17.90
C SER C 182 -17.29 -26.42 -17.21
N LYS C 183 -16.92 -26.94 -16.03
CA LYS C 183 -15.85 -26.37 -15.20
C LYS C 183 -14.70 -27.33 -14.91
N LEU C 184 -13.45 -26.82 -14.94
CA LEU C 184 -12.27 -27.63 -14.65
C LEU C 184 -11.52 -27.11 -13.45
N ASP C 185 -10.97 -28.03 -12.66
CA ASP C 185 -10.21 -27.68 -11.47
C ASP C 185 -8.72 -27.95 -11.65
N TYR C 186 -7.94 -26.85 -11.73
CA TYR C 186 -6.47 -26.92 -11.81
C TYR C 186 -5.96 -26.66 -10.41
N GLN C 187 -5.12 -27.58 -9.91
CA GLN C 187 -4.61 -27.52 -8.55
C GLN C 187 -3.11 -27.42 -8.47
N LEU C 188 -2.64 -26.47 -7.66
CA LEU C 188 -1.23 -26.25 -7.37
C LEU C 188 -1.04 -26.59 -5.90
N ARG C 189 -0.33 -27.69 -5.63
CA ARG C 189 -0.10 -28.16 -4.26
C ARG C 189 1.22 -27.64 -3.73
N ILE C 190 1.13 -26.90 -2.62
CA ILE C 190 2.25 -26.26 -1.94
C ILE C 190 2.27 -26.63 -0.46
N SER C 191 3.47 -26.72 0.13
CA SER C 191 3.66 -27.01 1.54
C SER C 191 4.65 -25.99 2.10
N ARG C 192 4.33 -25.41 3.26
CA ARG C 192 5.12 -24.37 3.90
C ARG C 192 6.50 -24.83 4.40
N GLN C 193 7.51 -23.94 4.26
CA GLN C 193 8.90 -24.12 4.71
C GLN C 193 9.02 -23.51 6.12
N TYR C 194 8.59 -24.31 7.12
CA TYR C 194 8.49 -23.94 8.54
C TYR C 194 9.81 -23.95 9.35
N PHE C 195 11.01 -24.06 8.71
CA PHE C 195 12.26 -24.14 9.47
C PHE C 195 12.55 -22.94 10.35
N SER C 196 12.76 -21.75 9.75
CA SER C 196 13.14 -20.56 10.52
C SER C 196 12.14 -20.14 11.61
N TYR C 197 10.91 -20.71 11.61
CA TYR C 197 9.86 -20.42 12.59
CA TYR C 197 9.86 -20.40 12.59
C TYR C 197 10.27 -20.80 14.01
N ILE C 198 10.97 -21.95 14.17
CA ILE C 198 11.45 -22.42 15.47
C ILE C 198 12.45 -21.39 16.07
N PRO C 199 13.63 -21.10 15.43
CA PRO C 199 14.54 -20.10 16.01
C PRO C 199 14.06 -18.64 15.96
N ASN C 200 13.20 -18.28 14.99
CA ASN C 200 12.74 -16.89 14.88
C ASN C 200 11.51 -16.55 15.73
N ILE C 201 10.56 -17.47 15.94
CA ILE C 201 9.35 -17.14 16.70
C ILE C 201 9.20 -17.93 18.00
N ILE C 202 9.08 -19.26 17.90
CA ILE C 202 8.81 -20.17 19.00
C ILE C 202 9.83 -20.09 20.13
N LEU C 203 11.12 -20.36 19.83
CA LEU C 203 12.15 -20.37 20.86
C LEU C 203 12.23 -19.06 21.65
N PRO C 204 12.26 -17.86 21.00
CA PRO C 204 12.27 -16.61 21.80
C PRO C 204 11.01 -16.43 22.63
N MET C 205 9.82 -16.80 22.08
CA MET C 205 8.55 -16.70 22.81
C MET C 205 8.60 -17.58 24.04
N LEU C 206 9.12 -18.81 23.89
CA LEU C 206 9.28 -19.77 24.97
C LEU C 206 10.24 -19.26 26.02
N PHE C 207 11.36 -18.62 25.60
CA PHE C 207 12.34 -18.07 26.53
C PHE C 207 11.71 -17.03 27.43
N ILE C 208 10.92 -16.11 26.87
CA ILE C 208 10.22 -15.09 27.66
C ILE C 208 9.34 -15.74 28.74
N LEU C 209 8.54 -16.74 28.36
CA LEU C 209 7.66 -17.48 29.27
C LEU C 209 8.47 -18.16 30.37
N PHE C 210 9.62 -18.74 30.00
CA PHE C 210 10.52 -19.41 30.93
C PHE C 210 11.09 -18.41 31.92
N ILE C 211 11.35 -17.16 31.47
CA ILE C 211 11.84 -16.09 32.33
C ILE C 211 10.82 -15.79 33.41
N SER C 212 9.53 -15.70 33.02
CA SER C 212 8.44 -15.44 33.97
C SER C 212 8.40 -16.51 35.07
N TRP C 213 8.83 -17.75 34.74
CA TRP C 213 8.83 -18.87 35.68
C TRP C 213 9.90 -18.81 36.77
N THR C 214 10.90 -17.91 36.65
CA THR C 214 11.95 -17.78 37.65
C THR C 214 11.42 -17.18 38.96
N ALA C 215 10.17 -16.63 38.92
CA ALA C 215 9.47 -16.06 40.06
C ALA C 215 9.14 -17.14 41.10
N PHE C 216 9.25 -18.43 40.69
CA PHE C 216 9.01 -19.60 41.53
C PHE C 216 10.24 -19.97 42.39
N TRP C 217 11.36 -19.26 42.20
CA TRP C 217 12.60 -19.43 42.95
C TRP C 217 12.95 -18.12 43.64
N SER C 218 11.92 -17.29 43.91
CA SER C 218 12.04 -15.99 44.55
C SER C 218 10.88 -15.75 45.50
N THR C 219 11.18 -15.10 46.64
CA THR C 219 10.21 -14.73 47.67
C THR C 219 9.92 -13.22 47.64
N SER C 220 10.76 -12.44 46.93
CA SER C 220 10.63 -11.00 46.78
C SER C 220 9.46 -10.67 45.87
N TYR C 221 8.37 -10.13 46.48
CA TYR C 221 7.15 -9.76 45.75
C TYR C 221 7.41 -8.67 44.72
N GLU C 222 8.24 -7.66 45.07
CA GLU C 222 8.61 -6.60 44.16
C GLU C 222 9.36 -7.14 42.93
N ALA C 223 10.31 -8.06 43.14
CA ALA C 223 11.06 -8.68 42.05
C ALA C 223 10.16 -9.61 41.22
N ASN C 224 9.21 -10.31 41.88
CA ASN C 224 8.27 -11.21 41.21
C ASN C 224 7.28 -10.45 40.32
N VAL C 225 6.72 -9.31 40.81
CA VAL C 225 5.80 -8.45 40.07
C VAL C 225 6.51 -7.95 38.81
N THR C 226 7.78 -7.50 38.96
CA THR C 226 8.60 -7.04 37.84
C THR C 226 8.84 -8.19 36.87
N LEU C 227 9.12 -9.41 37.37
CA LEU C 227 9.33 -10.57 36.50
C LEU C 227 8.12 -10.92 35.63
N VAL C 228 6.95 -11.24 36.23
CA VAL C 228 5.76 -11.66 35.47
C VAL C 228 5.17 -10.55 34.61
N VAL C 229 5.02 -9.31 35.13
CA VAL C 229 4.41 -8.22 34.37
C VAL C 229 5.36 -7.71 33.27
N SER C 230 6.67 -7.53 33.55
CA SER C 230 7.61 -7.08 32.52
C SER C 230 7.77 -8.10 31.39
N THR C 231 7.74 -9.43 31.71
CA THR C 231 7.80 -10.47 30.66
C THR C 231 6.53 -10.48 29.82
N LEU C 232 5.36 -10.18 30.44
CA LEU C 232 4.09 -10.09 29.71
C LEU C 232 4.23 -8.96 28.66
N ILE C 233 4.81 -7.79 29.06
CA ILE C 233 5.08 -6.65 28.17
C ILE C 233 6.03 -7.11 27.05
N ALA C 234 7.13 -7.83 27.40
CA ALA C 234 8.10 -8.35 26.44
C ALA C 234 7.45 -9.33 25.43
N HIS C 235 6.51 -10.19 25.92
CA HIS C 235 5.76 -11.16 25.11
C HIS C 235 4.94 -10.44 24.06
N ILE C 236 4.10 -9.46 24.53
CA ILE C 236 3.24 -8.64 23.67
C ILE C 236 4.14 -7.92 22.64
N ALA C 237 5.22 -7.27 23.13
CA ALA C 237 6.20 -6.57 22.29
C ALA C 237 6.76 -7.49 21.21
N PHE C 238 7.17 -8.72 21.59
CA PHE C 238 7.70 -9.71 20.66
C PHE C 238 6.67 -10.09 19.61
N ASN C 239 5.41 -10.28 20.03
CA ASN C 239 4.31 -10.61 19.12
C ASN C 239 4.11 -9.52 18.10
N ILE C 240 4.24 -8.23 18.50
CA ILE C 240 4.13 -7.09 17.58
C ILE C 240 5.27 -7.19 16.57
N LEU C 241 6.49 -7.50 17.03
CA LEU C 241 7.65 -7.62 16.16
C LEU C 241 7.45 -8.68 15.07
N VAL C 242 7.08 -9.90 15.46
CA VAL C 242 6.95 -10.96 14.48
C VAL C 242 5.54 -11.12 13.88
N GLU C 243 4.58 -10.31 14.34
CA GLU C 243 3.22 -10.32 13.81
C GLU C 243 3.27 -9.89 12.36
N THR C 244 2.54 -10.61 11.51
CA THR C 244 2.48 -10.26 10.10
C THR C 244 1.75 -8.92 9.93
N ASN C 245 0.79 -8.61 10.85
CA ASN C 245 -0.05 -7.40 10.89
C ASN C 245 -1.05 -7.45 9.77
N CYS C 246 -1.21 -8.64 9.22
CA CYS C 246 -2.00 -8.89 8.05
C CYS C 246 -3.24 -9.79 8.30
N PRO C 247 -3.20 -10.92 9.07
CA PRO C 247 -4.41 -11.75 9.16
C PRO C 247 -5.06 -11.84 10.53
N LYS C 248 -6.37 -11.59 10.57
CA LYS C 248 -7.22 -11.76 11.72
C LYS C 248 -8.06 -12.97 11.30
N THR C 249 -7.88 -14.12 11.96
CA THR C 249 -8.55 -15.37 11.59
C THR C 249 -9.87 -15.55 12.31
N PRO C 250 -10.95 -15.87 11.56
CA PRO C 250 -12.25 -16.13 12.20
C PRO C 250 -12.25 -17.41 13.04
N TYR C 251 -11.51 -18.42 12.57
CA TYR C 251 -11.40 -19.72 13.23
C TYR C 251 -10.21 -19.78 14.19
N MET C 252 -10.17 -20.82 15.03
CA MET C 252 -9.06 -21.02 15.95
C MET C 252 -7.96 -21.85 15.28
N THR C 253 -6.78 -21.24 15.13
CA THR C 253 -5.60 -21.86 14.55
C THR C 253 -4.78 -22.59 15.63
N TYR C 254 -3.78 -23.41 15.21
CA TYR C 254 -2.90 -24.15 16.12
C TYR C 254 -2.06 -23.15 16.90
N THR C 255 -1.34 -22.26 16.18
CA THR C 255 -0.50 -21.20 16.76
C THR C 255 -1.34 -20.26 17.63
N GLY C 256 -2.58 -20.01 17.21
CA GLY C 256 -3.54 -19.18 17.92
C GLY C 256 -3.90 -19.72 19.29
N ALA C 257 -4.04 -21.06 19.39
CA ALA C 257 -4.34 -21.76 20.64
C ALA C 257 -3.14 -21.68 21.61
N ILE C 258 -1.91 -21.93 21.10
CA ILE C 258 -0.65 -21.87 21.86
C ILE C 258 -0.50 -20.47 22.47
N ILE C 259 -0.68 -19.41 21.65
CA ILE C 259 -0.57 -18.00 22.07
C ILE C 259 -1.62 -17.67 23.15
N PHE C 260 -2.89 -18.12 22.98
CA PHE C 260 -3.94 -17.92 23.97
C PHE C 260 -3.56 -18.55 25.30
N MET C 261 -2.98 -19.76 25.25
CA MET C 261 -2.52 -20.54 26.40
C MET C 261 -1.39 -19.78 27.11
N ILE C 262 -0.44 -19.17 26.35
CA ILE C 262 0.67 -18.39 26.88
C ILE C 262 0.12 -17.19 27.69
N TYR C 263 -0.94 -16.51 27.19
CA TYR C 263 -1.59 -15.41 27.91
C TYR C 263 -2.24 -15.89 29.21
N LEU C 264 -2.88 -17.08 29.15
CA LEU C 264 -3.51 -17.73 30.31
C LEU C 264 -2.46 -18.05 31.38
N PHE C 265 -1.28 -18.57 30.95
CA PHE C 265 -0.14 -18.90 31.81
C PHE C 265 0.43 -17.68 32.50
N TYR C 266 0.47 -16.50 31.81
CA TYR C 266 0.93 -15.25 32.40
C TYR C 266 -0.03 -14.82 33.49
N PHE C 267 -1.34 -15.02 33.28
CA PHE C 267 -2.37 -14.68 34.26
C PHE C 267 -2.29 -15.60 35.48
N VAL C 268 -2.13 -16.93 35.25
CA VAL C 268 -2.02 -17.93 36.32
C VAL C 268 -0.78 -17.66 37.18
N ALA C 269 0.38 -17.37 36.54
CA ALA C 269 1.64 -17.04 37.22
C ALA C 269 1.49 -15.80 38.09
N VAL C 270 0.66 -14.82 37.65
CA VAL C 270 0.37 -13.61 38.43
C VAL C 270 -0.44 -14.03 39.67
N ILE C 271 -1.50 -14.85 39.49
CA ILE C 271 -2.34 -15.37 40.57
C ILE C 271 -1.47 -16.03 41.64
N GLU C 272 -0.55 -16.93 41.21
CA GLU C 272 0.40 -17.63 42.09
C GLU C 272 1.19 -16.61 42.91
N VAL C 273 1.90 -15.68 42.23
CA VAL C 273 2.71 -14.61 42.83
C VAL C 273 1.90 -13.82 43.85
N THR C 274 0.62 -13.50 43.52
CA THR C 274 -0.30 -12.79 44.40
C THR C 274 -0.66 -13.65 45.63
N VAL C 275 -1.02 -14.94 45.41
CA VAL C 275 -1.39 -15.91 46.45
C VAL C 275 -0.22 -16.13 47.42
N GLN C 276 0.98 -16.41 46.91
CA GLN C 276 2.21 -16.63 47.68
C GLN C 276 2.50 -15.47 48.63
N HIS C 277 2.47 -14.22 48.10
CA HIS C 277 2.70 -13.00 48.88
C HIS C 277 1.64 -12.80 49.97
N TYR C 278 0.34 -13.00 49.61
CA TYR C 278 -0.77 -12.87 50.55
C TYR C 278 -0.64 -13.86 51.71
N LEU C 279 -0.34 -15.13 51.41
CA LEU C 279 -0.15 -16.17 52.43
C LEU C 279 1.01 -15.85 53.36
N LYS C 280 2.12 -15.32 52.79
CA LYS C 280 3.31 -14.92 53.53
C LYS C 280 2.98 -13.77 54.48
N VAL C 281 2.30 -12.73 53.96
CA VAL C 281 1.88 -11.55 54.72
C VAL C 281 0.80 -11.92 55.78
N GLU C 282 -0.06 -12.91 55.47
CA GLU C 282 -1.11 -13.39 56.37
C GLU C 282 -0.65 -14.58 57.25
N SER C 283 0.60 -14.50 57.74
CA SER C 283 1.31 -15.43 58.64
C SER C 283 1.07 -16.94 58.34
N GLN C 284 1.23 -17.32 57.06
CA GLN C 284 1.09 -18.71 56.60
C GLN C 284 2.27 -19.05 55.65
N PRO C 285 3.55 -18.97 56.11
CA PRO C 285 4.68 -19.23 55.20
C PRO C 285 4.85 -20.69 54.75
N ALA C 286 4.23 -21.64 55.46
CA ALA C 286 4.29 -23.06 55.11
C ALA C 286 3.49 -23.33 53.83
N ARG C 287 2.28 -22.74 53.73
CA ARG C 287 1.41 -22.88 52.56
C ARG C 287 1.95 -22.14 51.35
N ALA C 288 2.49 -20.92 51.56
CA ALA C 288 3.09 -20.11 50.51
C ALA C 288 4.27 -20.85 49.87
N ALA C 289 5.25 -21.29 50.68
CA ALA C 289 6.43 -22.04 50.24
C ALA C 289 6.09 -23.36 49.55
N SER C 290 5.00 -24.05 49.97
CA SER C 290 4.60 -25.31 49.35
C SER C 290 3.97 -25.09 47.97
N ILE C 291 3.25 -23.97 47.76
CA ILE C 291 2.63 -23.61 46.49
C ILE C 291 3.73 -23.27 45.47
N THR C 292 4.65 -22.36 45.85
CA THR C 292 5.80 -21.92 45.04
C THR C 292 6.65 -23.10 44.60
N ARG C 293 6.89 -24.07 45.52
CA ARG C 293 7.67 -25.27 45.23
C ARG C 293 6.94 -26.20 44.26
N ALA C 294 5.60 -26.30 44.38
CA ALA C 294 4.76 -27.11 43.51
C ALA C 294 4.75 -26.52 42.09
N SER C 295 4.57 -25.17 42.00
CA SER C 295 4.54 -24.39 40.76
C SER C 295 5.76 -24.64 39.88
N ARG C 296 6.96 -24.80 40.51
CA ARG C 296 8.25 -25.09 39.87
C ARG C 296 8.18 -26.31 38.94
N ILE C 297 7.34 -27.30 39.30
CA ILE C 297 7.11 -28.52 38.55
C ILE C 297 5.78 -28.43 37.78
N ALA C 298 4.70 -27.98 38.47
CA ALA C 298 3.34 -27.83 37.93
C ALA C 298 3.29 -27.01 36.63
N PHE C 299 3.94 -25.82 36.60
CA PHE C 299 3.94 -24.95 35.43
C PHE C 299 4.60 -25.61 34.20
N PRO C 300 5.88 -26.07 34.21
CA PRO C 300 6.43 -26.74 32.99
C PRO C 300 5.69 -28.01 32.57
N VAL C 301 5.25 -28.83 33.56
CA VAL C 301 4.52 -30.09 33.30
C VAL C 301 3.15 -29.81 32.64
N VAL C 302 2.31 -28.93 33.23
CA VAL C 302 0.99 -28.57 32.68
C VAL C 302 1.16 -27.97 31.27
N PHE C 303 2.19 -27.13 31.06
CA PHE C 303 2.50 -26.53 29.77
C PHE C 303 2.83 -27.60 28.71
N LEU C 304 3.84 -28.45 28.99
CA LEU C 304 4.28 -29.55 28.13
C LEU C 304 3.12 -30.52 27.81
N LEU C 305 2.23 -30.80 28.80
CA LEU C 305 1.08 -31.68 28.64
C LEU C 305 0.00 -31.06 27.74
N ALA C 306 -0.41 -29.82 28.04
CA ALA C 306 -1.43 -29.09 27.27
C ALA C 306 -1.00 -28.90 25.80
N ASN C 307 0.32 -28.68 25.56
CA ASN C 307 0.90 -28.54 24.23
C ASN C 307 0.77 -29.84 23.44
N ILE C 308 0.98 -31.01 24.11
CA ILE C 308 0.83 -32.34 23.52
C ILE C 308 -0.64 -32.56 23.13
N ILE C 309 -1.58 -32.15 24.02
CA ILE C 309 -3.03 -32.22 23.78
C ILE C 309 -3.40 -31.39 22.54
N LEU C 310 -2.89 -30.12 22.47
CA LEU C 310 -3.13 -29.23 21.33
C LEU C 310 -2.59 -29.79 20.02
N ALA C 311 -1.30 -30.25 20.04
CA ALA C 311 -0.64 -30.85 18.88
C ALA C 311 -1.43 -32.08 18.41
N PHE C 312 -1.99 -32.86 19.35
CA PHE C 312 -2.81 -34.03 19.04
C PHE C 312 -4.13 -33.62 18.38
N LEU C 313 -4.83 -32.62 18.94
CA LEU C 313 -6.11 -32.12 18.43
C LEU C 313 -6.02 -31.53 17.03
N PHE C 314 -4.93 -30.78 16.73
CA PHE C 314 -4.75 -30.13 15.43
C PHE C 314 -4.15 -31.04 14.37
N PHE C 315 -3.31 -32.01 14.77
CA PHE C 315 -2.65 -32.93 13.85
C PHE C 315 -2.98 -34.40 14.17
N VAL D 5 3.80 -10.14 -43.74
CA VAL D 5 3.35 -10.54 -42.41
C VAL D 5 3.40 -12.09 -42.25
N SER D 6 4.55 -12.66 -42.65
CA SER D 6 4.93 -14.07 -42.58
C SER D 6 6.46 -14.06 -42.29
N PRO D 7 7.08 -15.05 -41.60
CA PRO D 7 8.52 -14.96 -41.35
C PRO D 7 9.39 -15.01 -42.61
N PRO D 8 10.61 -14.39 -42.61
CA PRO D 8 11.47 -14.43 -43.81
C PRO D 8 11.85 -15.86 -44.21
N PRO D 9 11.87 -16.20 -45.52
CA PRO D 9 12.21 -17.59 -45.89
C PRO D 9 13.69 -17.95 -45.71
N PRO D 10 14.03 -19.22 -45.34
CA PRO D 10 15.45 -19.58 -45.19
C PRO D 10 16.14 -19.79 -46.54
N ILE D 11 17.42 -19.40 -46.66
CA ILE D 11 18.19 -19.59 -47.90
C ILE D 11 18.47 -21.08 -48.13
N ALA D 12 18.69 -21.82 -47.03
CA ALA D 12 18.94 -23.26 -47.03
C ALA D 12 17.86 -23.96 -46.20
N ASP D 13 18.12 -24.14 -44.88
CA ASP D 13 17.23 -24.78 -43.90
C ASP D 13 17.61 -24.24 -42.50
N GLU D 14 18.49 -23.22 -42.47
CA GLU D 14 19.00 -22.57 -41.26
C GLU D 14 17.92 -21.83 -40.45
N PRO D 15 18.03 -21.77 -39.10
CA PRO D 15 17.04 -21.01 -38.33
C PRO D 15 17.30 -19.51 -38.42
N LEU D 16 16.29 -18.67 -38.13
CA LEU D 16 16.47 -17.23 -38.18
C LEU D 16 17.14 -16.73 -36.90
N THR D 17 18.24 -15.98 -37.07
CA THR D 17 18.96 -15.43 -35.93
C THR D 17 18.50 -13.99 -35.66
N VAL D 18 17.98 -13.78 -34.46
CA VAL D 18 17.54 -12.47 -34.00
C VAL D 18 18.60 -12.00 -33.00
N ASN D 19 19.41 -11.01 -33.41
CA ASN D 19 20.46 -10.41 -32.60
C ASN D 19 19.83 -9.40 -31.65
N THR D 20 20.00 -9.65 -30.35
CA THR D 20 19.42 -8.82 -29.30
C THR D 20 20.45 -7.97 -28.60
N GLY D 21 19.94 -7.04 -27.81
CA GLY D 21 20.69 -6.11 -26.99
C GLY D 21 19.74 -5.36 -26.08
N ILE D 22 20.15 -5.19 -24.81
CA ILE D 22 19.40 -4.44 -23.81
C ILE D 22 20.32 -3.37 -23.26
N TYR D 23 19.88 -2.11 -23.27
CA TYR D 23 20.64 -0.99 -22.74
C TYR D 23 19.82 -0.34 -21.63
N LEU D 24 20.27 -0.49 -20.35
CA LEU D 24 19.56 0.07 -19.19
C LEU D 24 19.59 1.58 -19.16
N ILE D 25 18.41 2.20 -19.16
CA ILE D 25 18.25 3.65 -19.06
C ILE D 25 18.07 3.98 -17.58
N GLU D 26 17.15 3.26 -16.92
CA GLU D 26 16.85 3.42 -15.51
C GLU D 26 16.59 2.09 -14.84
N SER D 27 17.07 1.98 -13.61
CA SER D 27 16.84 0.82 -12.75
C SER D 27 16.30 1.46 -11.48
N TYR D 28 15.16 0.95 -10.98
CA TYR D 28 14.54 1.52 -9.78
C TYR D 28 13.64 0.51 -9.09
N SER D 29 13.03 0.92 -7.97
CA SER D 29 12.08 0.15 -7.19
C SER D 29 12.49 -1.31 -6.96
N LEU D 30 13.71 -1.54 -6.44
CA LEU D 30 14.11 -2.91 -6.11
C LEU D 30 13.43 -3.22 -4.78
N ASP D 31 12.52 -4.20 -4.80
CA ASP D 31 11.77 -4.61 -3.63
C ASP D 31 12.32 -5.93 -3.12
N ASP D 32 12.93 -5.88 -1.94
CA ASP D 32 13.52 -7.03 -1.27
C ASP D 32 12.46 -8.02 -0.81
N CYS D 33 11.32 -7.52 -0.32
CA CYS D 33 10.21 -8.34 0.15
C CYS D 33 9.55 -9.12 -1.00
N ALA D 34 9.28 -8.43 -2.13
CA ALA D 34 8.63 -9.03 -3.30
C ALA D 34 9.59 -9.76 -4.25
N GLU D 35 10.92 -9.56 -4.11
CA GLU D 35 11.97 -10.12 -4.99
C GLU D 35 11.78 -9.65 -6.44
N THR D 36 11.33 -8.38 -6.61
CA THR D 36 11.09 -7.74 -7.89
C THR D 36 11.88 -6.46 -8.02
N PHE D 37 12.10 -6.02 -9.26
CA PHE D 37 12.78 -4.76 -9.58
C PHE D 37 12.20 -4.19 -10.86
N LYS D 38 12.04 -2.87 -10.88
CA LYS D 38 11.50 -2.19 -12.03
C LYS D 38 12.63 -1.65 -12.89
N VAL D 39 12.54 -1.92 -14.19
CA VAL D 39 13.55 -1.53 -15.15
C VAL D 39 12.96 -0.74 -16.32
N ASN D 40 13.73 0.24 -16.82
CA ASN D 40 13.39 1.05 -17.98
C ASN D 40 14.62 0.98 -18.90
N ALA D 41 14.46 0.39 -20.09
CA ALA D 41 15.57 0.15 -21.00
C ALA D 41 15.19 0.17 -22.48
N PHE D 42 16.23 0.08 -23.34
CA PHE D 42 16.11 -0.04 -24.78
C PHE D 42 16.25 -1.51 -25.11
N LEU D 43 15.47 -1.99 -26.08
CA LEU D 43 15.59 -3.35 -26.57
C LEU D 43 15.85 -3.24 -28.06
N SER D 44 17.05 -3.67 -28.48
CA SER D 44 17.44 -3.63 -29.88
C SER D 44 17.29 -5.04 -30.46
N LEU D 45 16.78 -5.11 -31.69
CA LEU D 45 16.58 -6.37 -32.40
C LEU D 45 17.10 -6.24 -33.82
N SER D 46 17.83 -7.26 -34.28
CA SER D 46 18.39 -7.27 -35.62
C SER D 46 18.32 -8.64 -36.28
N TRP D 47 17.75 -8.71 -37.48
CA TRP D 47 17.60 -9.94 -38.25
C TRP D 47 17.61 -9.63 -39.74
N LYS D 48 17.85 -10.65 -40.58
CA LYS D 48 17.88 -10.52 -42.03
C LYS D 48 16.59 -11.04 -42.67
N ASP D 49 15.95 -10.17 -43.47
CA ASP D 49 14.72 -10.45 -44.22
C ASP D 49 14.98 -9.94 -45.64
N ARG D 50 15.43 -10.86 -46.54
CA ARG D 50 15.79 -10.56 -47.92
C ARG D 50 14.62 -10.03 -48.77
N ARG D 51 13.35 -10.24 -48.33
CA ARG D 51 12.16 -9.70 -49.00
C ARG D 51 12.18 -8.15 -48.92
N LEU D 52 12.95 -7.60 -47.95
CA LEU D 52 13.12 -6.18 -47.69
C LEU D 52 14.38 -5.57 -48.34
N ALA D 53 15.27 -6.41 -48.93
CA ALA D 53 16.49 -5.94 -49.60
C ALA D 53 16.15 -5.06 -50.81
N PHE D 54 16.89 -3.96 -51.02
CA PHE D 54 16.65 -3.00 -52.09
C PHE D 54 17.95 -2.42 -52.69
N ASP D 55 17.86 -1.82 -53.89
CA ASP D 55 18.98 -1.15 -54.54
C ASP D 55 18.98 0.31 -54.09
N PRO D 56 20.04 0.80 -53.39
CA PRO D 56 20.05 2.20 -52.94
C PRO D 56 20.08 3.24 -54.06
N VAL D 57 20.44 2.79 -55.29
CA VAL D 57 20.53 3.61 -56.49
C VAL D 57 19.14 3.94 -57.04
N ARG D 58 18.32 2.94 -57.44
CA ARG D 58 16.98 3.21 -57.99
C ARG D 58 15.92 3.53 -56.93
N SER D 59 16.33 3.64 -55.65
CA SER D 59 15.48 4.02 -54.51
C SER D 59 15.83 5.43 -54.02
N GLY D 60 17.12 5.78 -54.08
CA GLY D 60 17.62 7.10 -53.69
C GLY D 60 18.00 7.24 -52.23
N VAL D 61 17.58 6.27 -51.38
CA VAL D 61 17.85 6.23 -49.94
C VAL D 61 18.82 5.11 -49.57
N ARG D 62 19.71 5.39 -48.59
CA ARG D 62 20.71 4.44 -48.09
C ARG D 62 20.08 3.50 -47.04
N VAL D 63 19.00 3.97 -46.37
CA VAL D 63 18.26 3.25 -45.32
C VAL D 63 16.75 3.47 -45.57
N LYS D 64 15.91 2.47 -45.23
CA LYS D 64 14.45 2.56 -45.33
C LYS D 64 13.80 2.46 -43.95
N THR D 65 12.83 3.35 -43.67
CA THR D 65 12.12 3.36 -42.39
C THR D 65 10.71 2.77 -42.60
N TYR D 66 10.31 1.86 -41.71
CA TYR D 66 9.02 1.20 -41.76
C TYR D 66 8.24 1.35 -40.45
N GLU D 67 6.91 1.18 -40.53
CA GLU D 67 6.04 1.19 -39.36
C GLU D 67 5.94 -0.27 -38.90
N PRO D 68 5.76 -0.56 -37.58
CA PRO D 68 5.72 -1.95 -37.13
C PRO D 68 4.74 -2.86 -37.85
N GLU D 69 3.60 -2.32 -38.25
CA GLU D 69 2.56 -3.06 -38.93
C GLU D 69 2.89 -3.34 -40.41
N ALA D 70 3.79 -2.55 -41.00
CA ALA D 70 4.20 -2.70 -42.40
C ALA D 70 5.07 -3.94 -42.68
N ILE D 71 5.87 -4.38 -41.69
CA ILE D 71 6.80 -5.51 -41.86
C ILE D 71 6.66 -6.59 -40.77
N TRP D 72 7.32 -7.75 -40.99
CA TRP D 72 7.35 -8.86 -40.04
C TRP D 72 8.38 -8.54 -38.97
N ILE D 73 7.98 -8.68 -37.70
CA ILE D 73 8.83 -8.45 -36.53
C ILE D 73 8.70 -9.68 -35.60
N PRO D 74 9.82 -10.27 -35.11
CA PRO D 74 9.71 -11.43 -34.21
C PRO D 74 9.04 -11.06 -32.89
N GLU D 75 8.24 -11.98 -32.34
CA GLU D 75 7.57 -11.73 -31.07
C GLU D 75 8.50 -12.11 -29.91
N ILE D 76 9.23 -11.12 -29.37
CA ILE D 76 10.13 -11.33 -28.24
C ILE D 76 9.35 -11.02 -26.97
N ARG D 77 9.39 -11.94 -26.01
CA ARG D 77 8.74 -11.79 -24.71
C ARG D 77 9.77 -12.01 -23.62
N PHE D 78 9.43 -11.59 -22.40
CA PHE D 78 10.29 -11.76 -21.22
C PHE D 78 9.69 -12.89 -20.42
N VAL D 79 10.52 -13.79 -19.89
CA VAL D 79 10.05 -14.94 -19.12
C VAL D 79 9.61 -14.52 -17.72
N ASN D 80 10.52 -13.88 -16.95
CA ASN D 80 10.29 -13.52 -15.55
C ASN D 80 9.73 -12.10 -15.33
N VAL D 81 8.56 -11.80 -15.93
CA VAL D 81 7.90 -10.51 -15.74
C VAL D 81 6.53 -10.69 -15.08
N GLU D 82 6.06 -9.66 -14.33
CA GLU D 82 4.75 -9.68 -13.66
C GLU D 82 3.69 -9.68 -14.76
N ASN D 83 3.67 -8.62 -15.60
CA ASN D 83 2.80 -8.47 -16.76
C ASN D 83 3.70 -8.17 -17.94
N ALA D 84 3.16 -8.21 -19.16
CA ALA D 84 3.92 -7.91 -20.38
C ALA D 84 4.43 -6.48 -20.31
N ARG D 85 5.70 -6.27 -20.75
CA ARG D 85 6.37 -4.97 -20.74
C ARG D 85 5.59 -3.89 -21.49
N ASP D 86 5.69 -2.63 -21.04
CA ASP D 86 5.07 -1.49 -21.70
C ASP D 86 6.14 -1.08 -22.70
N ALA D 87 5.87 -1.27 -24.00
CA ALA D 87 6.84 -0.96 -25.05
C ALA D 87 6.36 0.10 -26.01
N ASP D 88 7.30 0.90 -26.53
CA ASP D 88 7.03 1.94 -27.53
C ASP D 88 8.17 1.89 -28.52
N VAL D 89 7.86 1.50 -29.76
CA VAL D 89 8.84 1.37 -30.85
C VAL D 89 9.45 2.74 -31.14
N VAL D 90 10.76 2.83 -30.98
CA VAL D 90 11.52 4.06 -31.20
C VAL D 90 11.91 4.19 -32.69
N ASP D 91 12.48 3.12 -33.28
CA ASP D 91 12.95 3.13 -34.66
C ASP D 91 13.03 1.75 -35.33
N ILE D 92 12.71 1.71 -36.64
CA ILE D 92 12.81 0.52 -37.51
C ILE D 92 13.54 0.96 -38.77
N SER D 93 14.77 0.46 -38.97
CA SER D 93 15.62 0.80 -40.11
C SER D 93 16.01 -0.44 -40.90
N VAL D 94 15.83 -0.40 -42.22
CA VAL D 94 16.18 -1.50 -43.13
C VAL D 94 17.34 -1.03 -44.03
N SER D 95 18.43 -1.81 -44.09
CA SER D 95 19.60 -1.52 -44.92
C SER D 95 19.47 -2.21 -46.30
N PRO D 96 20.22 -1.79 -47.37
CA PRO D 96 20.01 -2.38 -48.71
C PRO D 96 20.06 -3.91 -48.86
N ASP D 97 20.76 -4.61 -47.97
CA ASP D 97 20.92 -6.07 -47.98
C ASP D 97 19.78 -6.83 -47.27
N GLY D 98 18.80 -6.09 -46.73
CA GLY D 98 17.64 -6.64 -46.04
C GLY D 98 17.79 -6.80 -44.53
N THR D 99 18.82 -6.16 -43.93
CA THR D 99 19.05 -6.23 -42.48
C THR D 99 18.13 -5.25 -41.77
N VAL D 100 17.29 -5.77 -40.88
CA VAL D 100 16.36 -4.96 -40.10
C VAL D 100 17.01 -4.60 -38.77
N GLN D 101 16.92 -3.34 -38.39
CA GLN D 101 17.42 -2.82 -37.13
C GLN D 101 16.25 -2.16 -36.41
N TYR D 102 15.69 -2.90 -35.45
CA TYR D 102 14.55 -2.53 -34.62
C TYR D 102 15.04 -2.02 -33.27
N LEU D 103 14.36 -0.99 -32.74
CA LEU D 103 14.65 -0.41 -31.44
C LEU D 103 13.36 0.05 -30.78
N GLU D 104 13.18 -0.33 -29.51
CA GLU D 104 12.03 0.03 -28.70
C GLU D 104 12.47 0.40 -27.30
N ARG D 105 11.70 1.27 -26.63
CA ARG D 105 11.95 1.61 -25.24
C ARG D 105 10.85 0.93 -24.44
N PHE D 106 11.25 0.19 -23.39
CA PHE D 106 10.29 -0.52 -22.58
C PHE D 106 10.50 -0.30 -21.08
N SER D 107 9.47 -0.59 -20.30
CA SER D 107 9.49 -0.57 -18.84
C SER D 107 8.86 -1.90 -18.43
N ALA D 108 9.44 -2.55 -17.41
CA ALA D 108 8.94 -3.85 -16.93
C ALA D 108 9.31 -4.09 -15.46
N ARG D 109 8.42 -4.81 -14.73
CA ARG D 109 8.66 -5.21 -13.35
C ARG D 109 9.08 -6.68 -13.43
N VAL D 110 10.39 -6.89 -13.25
CA VAL D 110 11.04 -8.19 -13.37
C VAL D 110 11.08 -8.93 -12.03
N LEU D 111 10.73 -10.22 -12.03
CA LEU D 111 10.75 -11.07 -10.85
C LEU D 111 12.08 -11.83 -10.84
N SER D 112 12.92 -11.57 -9.84
CA SER D 112 14.22 -12.23 -9.73
C SER D 112 14.49 -12.66 -8.27
N PRO D 113 14.65 -13.98 -7.99
CA PRO D 113 14.89 -14.42 -6.61
C PRO D 113 16.14 -13.83 -5.98
N LEU D 114 16.06 -13.52 -4.67
CA LEU D 114 17.15 -12.92 -3.90
C LEU D 114 17.57 -13.80 -2.74
N ASP D 115 18.89 -13.98 -2.56
CA ASP D 115 19.49 -14.77 -1.48
C ASP D 115 19.98 -13.84 -0.36
N PHE D 116 19.30 -13.90 0.77
CA PHE D 116 19.58 -13.05 1.93
C PHE D 116 20.44 -13.70 3.01
N ARG D 117 21.01 -14.90 2.74
CA ARG D 117 21.87 -15.61 3.69
C ARG D 117 23.04 -14.77 4.23
N ARG D 118 23.65 -13.90 3.40
CA ARG D 118 24.78 -13.05 3.79
C ARG D 118 24.44 -11.56 4.04
N TYR D 119 23.13 -11.22 4.16
CA TYR D 119 22.64 -9.87 4.41
C TYR D 119 23.25 -9.29 5.69
N PRO D 120 23.67 -8.01 5.69
CA PRO D 120 23.63 -7.00 4.61
C PRO D 120 24.91 -6.92 3.78
N PHE D 121 25.75 -7.97 3.83
CA PHE D 121 27.01 -8.06 3.09
C PHE D 121 26.83 -8.94 1.85
N ASP D 122 25.59 -8.98 1.34
CA ASP D 122 25.20 -9.81 0.20
C ASP D 122 25.35 -9.11 -1.14
N SER D 123 25.52 -9.93 -2.18
CA SER D 123 25.60 -9.53 -3.58
C SER D 123 24.52 -10.34 -4.31
N GLN D 124 23.89 -9.73 -5.30
CA GLN D 124 22.81 -10.36 -6.06
C GLN D 124 23.04 -10.27 -7.55
N THR D 125 22.53 -11.26 -8.29
CA THR D 125 22.55 -11.29 -9.75
C THR D 125 21.09 -11.24 -10.17
N LEU D 126 20.68 -10.09 -10.70
CA LEU D 126 19.32 -9.87 -11.18
C LEU D 126 19.23 -10.39 -12.61
N HIS D 127 18.20 -11.19 -12.90
CA HIS D 127 18.03 -11.81 -14.22
C HIS D 127 16.89 -11.23 -15.03
N ILE D 128 17.10 -11.13 -16.34
CA ILE D 128 16.11 -10.71 -17.33
C ILE D 128 16.22 -11.75 -18.43
N TYR D 129 15.19 -12.60 -18.56
CA TYR D 129 15.18 -13.67 -19.54
C TYR D 129 14.38 -13.35 -20.80
N LEU D 130 15.07 -13.15 -21.93
CA LEU D 130 14.46 -12.90 -23.24
C LEU D 130 14.06 -14.23 -23.83
N ILE D 131 12.94 -14.28 -24.54
CA ILE D 131 12.49 -15.53 -25.16
C ILE D 131 11.78 -15.26 -26.49
N VAL D 132 11.89 -16.24 -27.40
CA VAL D 132 11.23 -16.23 -28.71
C VAL D 132 10.69 -17.62 -29.01
N ARG D 133 9.44 -17.68 -29.45
CA ARG D 133 8.82 -18.94 -29.82
C ARG D 133 8.93 -19.10 -31.33
N SER D 134 9.40 -20.28 -31.78
CA SER D 134 9.55 -20.54 -33.20
C SER D 134 8.19 -20.66 -33.90
N VAL D 135 8.15 -20.42 -35.21
CA VAL D 135 6.92 -20.44 -35.98
C VAL D 135 6.85 -21.64 -36.94
N ASP D 136 5.65 -21.91 -37.49
CA ASP D 136 5.34 -23.01 -38.42
C ASP D 136 6.36 -23.19 -39.54
N THR D 137 6.61 -22.11 -40.31
CA THR D 137 7.51 -22.15 -41.47
C THR D 137 9.01 -22.24 -41.09
N ARG D 138 9.46 -21.59 -39.98
CA ARG D 138 10.88 -21.69 -39.58
C ARG D 138 11.15 -21.41 -38.10
N ASN D 139 12.27 -21.99 -37.62
CA ASN D 139 12.76 -21.85 -36.25
C ASN D 139 13.47 -20.52 -36.05
N ILE D 140 13.25 -19.91 -34.88
CA ILE D 140 13.85 -18.63 -34.51
C ILE D 140 14.78 -18.87 -33.33
N VAL D 141 16.02 -18.34 -33.45
CA VAL D 141 17.09 -18.45 -32.46
C VAL D 141 17.61 -17.06 -32.08
N LEU D 142 17.81 -16.82 -30.76
CA LEU D 142 18.31 -15.55 -30.24
C LEU D 142 19.84 -15.53 -30.17
N ALA D 143 20.43 -14.34 -30.30
CA ALA D 143 21.88 -14.09 -30.24
C ALA D 143 22.14 -12.76 -29.51
N VAL D 144 23.36 -12.53 -29.01
CA VAL D 144 23.71 -11.29 -28.30
C VAL D 144 24.66 -10.40 -29.11
N ASP D 145 24.23 -9.15 -29.37
CA ASP D 145 25.07 -8.15 -30.02
C ASP D 145 25.64 -7.34 -28.86
N LEU D 146 26.87 -7.68 -28.44
CA LEU D 146 27.56 -7.10 -27.29
C LEU D 146 27.79 -5.59 -27.41
N GLU D 147 27.83 -5.07 -28.65
CA GLU D 147 27.96 -3.64 -28.95
C GLU D 147 26.70 -2.90 -28.51
N LYS D 148 25.54 -3.61 -28.52
CA LYS D 148 24.23 -3.10 -28.15
C LYS D 148 23.81 -3.42 -26.70
N VAL D 149 24.70 -4.03 -25.90
CA VAL D 149 24.42 -4.35 -24.49
C VAL D 149 25.20 -3.39 -23.59
N GLY D 150 24.48 -2.74 -22.66
CA GLY D 150 25.08 -1.78 -21.74
C GLY D 150 24.11 -1.16 -20.76
N LYS D 151 24.58 -0.11 -20.07
CA LYS D 151 23.79 0.63 -19.10
C LYS D 151 24.26 2.08 -19.00
N ASN D 152 23.31 3.00 -18.75
CA ASN D 152 23.56 4.43 -18.55
C ASN D 152 24.45 4.58 -17.31
N ASP D 153 25.41 5.51 -17.36
CA ASP D 153 26.36 5.76 -16.28
C ASP D 153 25.67 6.25 -15.00
N ASP D 154 24.52 6.93 -15.15
CA ASP D 154 23.72 7.48 -14.06
C ASP D 154 22.76 6.47 -13.41
N VAL D 155 22.71 5.23 -13.94
CA VAL D 155 21.88 4.14 -13.41
C VAL D 155 22.24 3.88 -11.95
N PHE D 156 21.24 3.86 -11.07
CA PHE D 156 21.45 3.65 -9.65
C PHE D 156 20.31 2.93 -8.98
N LEU D 157 20.64 2.25 -7.89
CA LEU D 157 19.71 1.61 -6.98
C LEU D 157 20.21 2.04 -5.63
N THR D 158 19.35 2.69 -4.84
CA THR D 158 19.74 3.19 -3.52
C THR D 158 20.15 2.04 -2.61
N GLY D 159 21.32 2.18 -2.01
CA GLY D 159 21.90 1.19 -1.11
C GLY D 159 22.59 0.04 -1.81
N TRP D 160 22.82 0.17 -3.11
CA TRP D 160 23.47 -0.86 -3.92
C TRP D 160 24.54 -0.28 -4.83
N ASP D 161 25.53 -1.11 -5.16
CA ASP D 161 26.59 -0.75 -6.10
C ASP D 161 26.37 -1.63 -7.33
N ILE D 162 26.21 -1.00 -8.50
CA ILE D 162 25.97 -1.74 -9.74
C ILE D 162 27.32 -2.10 -10.35
N GLU D 163 27.68 -3.38 -10.23
CA GLU D 163 28.95 -3.92 -10.71
C GLU D 163 28.99 -3.99 -12.23
N SER D 164 28.03 -4.71 -12.84
CA SER D 164 27.99 -4.92 -14.29
C SER D 164 26.63 -5.32 -14.81
N PHE D 165 26.41 -5.08 -16.11
CA PHE D 165 25.23 -5.52 -16.83
C PHE D 165 25.73 -6.26 -18.06
N THR D 166 25.55 -7.58 -18.07
CA THR D 166 26.03 -8.45 -19.15
C THR D 166 24.97 -9.47 -19.56
N ALA D 167 25.26 -10.23 -20.61
CA ALA D 167 24.36 -11.29 -21.09
C ALA D 167 25.16 -12.55 -21.36
N VAL D 168 24.54 -13.72 -21.08
CA VAL D 168 25.14 -15.03 -21.36
C VAL D 168 24.86 -15.26 -22.84
N VAL D 169 25.90 -15.05 -23.69
CA VAL D 169 25.86 -15.09 -25.16
C VAL D 169 25.25 -16.38 -25.74
N LYS D 170 25.49 -17.54 -25.11
CA LYS D 170 24.94 -18.81 -25.58
C LYS D 170 23.47 -18.95 -25.15
N PRO D 171 22.50 -18.99 -26.10
CA PRO D 171 21.09 -19.12 -25.69
C PRO D 171 20.74 -20.53 -25.22
N ALA D 172 19.64 -20.63 -24.46
CA ALA D 172 19.12 -21.88 -23.95
C ALA D 172 17.98 -22.28 -24.86
N ASN D 173 18.26 -23.20 -25.79
CA ASN D 173 17.27 -23.69 -26.74
C ASN D 173 16.70 -24.99 -26.26
N PHE D 174 15.37 -25.01 -26.13
CA PHE D 174 14.60 -26.14 -25.61
C PHE D 174 13.24 -26.18 -26.28
N ALA D 175 12.43 -27.21 -25.96
CA ALA D 175 11.11 -27.40 -26.52
C ALA D 175 10.01 -27.11 -25.50
N LEU D 176 9.05 -26.28 -25.91
CA LEU D 176 7.95 -25.89 -25.03
C LEU D 176 6.66 -25.87 -25.81
N GLU D 177 5.66 -26.63 -25.33
CA GLU D 177 4.33 -26.75 -25.94
C GLU D 177 4.44 -27.13 -27.45
N ASP D 178 5.31 -28.12 -27.75
CA ASP D 178 5.61 -28.69 -29.07
C ASP D 178 6.26 -27.73 -30.07
N ARG D 179 6.94 -26.69 -29.59
CA ARG D 179 7.66 -25.74 -30.43
C ARG D 179 8.99 -25.39 -29.79
N LEU D 180 10.02 -25.15 -30.60
CA LEU D 180 11.34 -24.79 -30.12
C LEU D 180 11.33 -23.33 -29.63
N GLU D 181 12.01 -23.08 -28.51
CA GLU D 181 12.10 -21.74 -27.91
C GLU D 181 13.55 -21.45 -27.55
N SER D 182 14.02 -20.25 -27.91
CA SER D 182 15.38 -19.80 -27.64
C SER D 182 15.34 -18.74 -26.56
N LYS D 183 16.03 -18.98 -25.45
CA LYS D 183 16.05 -18.10 -24.29
C LYS D 183 17.41 -17.46 -24.02
N LEU D 184 17.41 -16.18 -23.62
CA LEU D 184 18.64 -15.48 -23.27
C LEU D 184 18.66 -15.03 -21.82
N ASP D 185 19.86 -15.01 -21.22
CA ASP D 185 20.01 -14.58 -19.83
C ASP D 185 20.79 -13.28 -19.72
N TYR D 186 20.10 -12.19 -19.37
CA TYR D 186 20.69 -10.88 -19.13
C TYR D 186 20.84 -10.75 -17.63
N GLN D 187 22.06 -10.45 -17.17
CA GLN D 187 22.41 -10.37 -15.76
C GLN D 187 22.88 -9.01 -15.32
N LEU D 188 22.30 -8.52 -14.22
CA LEU D 188 22.67 -7.27 -13.58
C LEU D 188 23.26 -7.65 -12.23
N ARG D 189 24.58 -7.44 -12.06
CA ARG D 189 25.26 -7.76 -10.80
C ARG D 189 25.35 -6.56 -9.90
N ILE D 190 24.78 -6.71 -8.70
CA ILE D 190 24.70 -5.67 -7.68
C ILE D 190 25.21 -6.21 -6.36
N SER D 191 25.89 -5.37 -5.59
CA SER D 191 26.38 -5.74 -4.26
C SER D 191 25.84 -4.70 -3.31
N ARG D 192 25.37 -5.15 -2.15
CA ARG D 192 24.79 -4.25 -1.16
C ARG D 192 25.82 -3.34 -0.54
N GLN D 193 25.54 -2.04 -0.58
CA GLN D 193 26.34 -1.00 0.03
C GLN D 193 25.54 -0.57 1.25
N TYR D 194 25.96 -0.99 2.42
CA TYR D 194 25.26 -0.57 3.61
C TYR D 194 26.29 -0.16 4.62
N PHE D 195 26.91 0.99 4.32
CA PHE D 195 27.96 1.60 5.13
C PHE D 195 27.45 1.85 6.53
N SER D 196 26.21 2.36 6.64
CA SER D 196 25.58 2.68 7.90
C SER D 196 24.92 1.52 8.63
N TYR D 197 25.06 0.26 8.16
CA TYR D 197 24.45 -0.87 8.88
C TYR D 197 25.00 -1.00 10.30
N ILE D 198 26.32 -0.86 10.47
CA ILE D 198 27.01 -0.95 11.75
C ILE D 198 26.48 0.11 12.76
N PRO D 199 26.60 1.43 12.49
CA PRO D 199 26.08 2.43 13.44
C PRO D 199 24.56 2.45 13.62
N ASN D 200 23.80 2.21 12.54
CA ASN D 200 22.34 2.28 12.58
C ASN D 200 21.66 1.11 13.27
N ILE D 201 22.13 -0.13 13.06
CA ILE D 201 21.46 -1.30 13.64
C ILE D 201 22.32 -2.07 14.65
N ILE D 202 23.53 -2.51 14.25
CA ILE D 202 24.43 -3.34 15.07
C ILE D 202 24.80 -2.74 16.43
N LEU D 203 25.50 -1.60 16.43
CA LEU D 203 26.01 -0.99 17.65
C LEU D 203 24.93 -0.69 18.68
N PRO D 204 23.78 -0.02 18.34
CA PRO D 204 22.74 0.19 19.36
C PRO D 204 22.21 -1.13 19.92
N MET D 205 22.15 -2.18 19.06
CA MET D 205 21.73 -3.50 19.47
C MET D 205 22.75 -4.14 20.41
N LEU D 206 24.05 -3.88 20.18
CA LEU D 206 25.11 -4.42 21.05
C LEU D 206 25.15 -3.69 22.38
N PHE D 207 24.93 -2.36 22.38
CA PHE D 207 24.90 -1.54 23.60
C PHE D 207 23.83 -2.05 24.56
N ILE D 208 22.62 -2.37 24.05
CA ILE D 208 21.52 -2.91 24.88
C ILE D 208 21.91 -4.23 25.53
N LEU D 209 22.58 -5.12 24.77
CA LEU D 209 23.07 -6.40 25.25
C LEU D 209 24.15 -6.18 26.32
N PHE D 210 25.07 -5.23 26.08
CA PHE D 210 26.13 -4.92 27.02
C PHE D 210 25.58 -4.38 28.34
N ILE D 211 24.48 -3.58 28.30
CA ILE D 211 23.81 -3.04 29.49
C ILE D 211 23.33 -4.21 30.38
N SER D 212 22.79 -5.28 29.76
CA SER D 212 22.34 -6.47 30.49
C SER D 212 23.48 -7.17 31.23
N TRP D 213 24.73 -7.02 30.72
CA TRP D 213 25.92 -7.63 31.32
C TRP D 213 26.40 -6.89 32.57
N THR D 214 25.85 -5.69 32.87
CA THR D 214 26.25 -4.95 34.08
C THR D 214 25.70 -5.62 35.35
N ALA D 215 24.74 -6.57 35.17
CA ALA D 215 24.14 -7.37 36.25
C ALA D 215 25.18 -8.29 36.90
N PHE D 216 26.34 -8.46 36.22
CA PHE D 216 27.46 -9.29 36.70
C PHE D 216 28.37 -8.52 37.68
N TRP D 217 28.09 -7.23 37.91
CA TRP D 217 28.80 -6.37 38.85
C TRP D 217 27.81 -5.85 39.90
N SER D 218 26.72 -6.60 40.12
CA SER D 218 25.66 -6.28 41.07
C SER D 218 25.16 -7.52 41.79
N THR D 219 24.84 -7.38 43.07
CA THR D 219 24.31 -8.45 43.93
C THR D 219 22.82 -8.25 44.20
N SER D 220 22.30 -7.05 43.89
CA SER D 220 20.89 -6.69 44.05
C SER D 220 20.02 -7.40 43.02
N TYR D 221 19.24 -8.40 43.47
CA TYR D 221 18.35 -9.19 42.62
C TYR D 221 17.29 -8.32 41.96
N GLU D 222 16.71 -7.38 42.70
CA GLU D 222 15.70 -6.45 42.18
C GLU D 222 16.28 -5.58 41.06
N ALA D 223 17.51 -5.05 41.24
CA ALA D 223 18.19 -4.25 40.22
C ALA D 223 18.60 -5.11 39.02
N ASN D 224 19.01 -6.38 39.27
CA ASN D 224 19.40 -7.32 38.21
C ASN D 224 18.22 -7.73 37.34
N VAL D 225 17.05 -8.03 37.95
CA VAL D 225 15.82 -8.40 37.25
C VAL D 225 15.41 -7.24 36.33
N THR D 226 15.47 -6.00 36.85
CA THR D 226 15.17 -4.78 36.08
C THR D 226 16.18 -4.64 34.94
N LEU D 227 17.48 -4.91 35.18
CA LEU D 227 18.50 -4.82 34.13
C LEU D 227 18.26 -5.78 32.96
N VAL D 228 18.23 -7.11 33.20
CA VAL D 228 18.08 -8.09 32.12
C VAL D 228 16.71 -8.06 31.45
N VAL D 229 15.60 -7.96 32.21
CA VAL D 229 14.26 -7.97 31.61
C VAL D 229 13.96 -6.64 30.89
N SER D 230 14.31 -5.47 31.48
CA SER D 230 14.08 -4.19 30.80
C SER D 230 14.90 -4.05 29.52
N THR D 231 16.16 -4.57 29.50
CA THR D 231 16.98 -4.53 28.28
C THR D 231 16.42 -5.46 27.21
N LEU D 232 15.82 -6.60 27.62
CA LEU D 232 15.17 -7.52 26.69
C LEU D 232 14.03 -6.76 25.99
N ILE D 233 13.21 -5.99 26.76
CA ILE D 233 12.12 -5.14 26.25
C ILE D 233 12.70 -4.10 25.27
N ALA D 234 13.81 -3.42 25.67
CA ALA D 234 14.49 -2.43 24.83
C ALA D 234 15.01 -3.04 23.51
N HIS D 235 15.54 -4.30 23.57
CA HIS D 235 16.04 -5.05 22.41
C HIS D 235 14.91 -5.29 21.43
N ILE D 236 13.80 -5.89 21.91
CA ILE D 236 12.60 -6.18 21.13
C ILE D 236 12.09 -4.86 20.52
N ALA D 237 11.96 -3.79 21.36
CA ALA D 237 11.52 -2.46 20.93
C ALA D 237 12.41 -1.93 19.81
N PHE D 238 13.75 -2.07 19.94
CA PHE D 238 14.70 -1.63 18.92
C PHE D 238 14.50 -2.40 17.63
N ASN D 239 14.26 -3.72 17.72
CA ASN D 239 14.02 -4.54 16.54
C ASN D 239 12.72 -4.19 15.82
N ILE D 240 11.70 -3.69 16.57
CA ILE D 240 10.44 -3.20 15.98
C ILE D 240 10.79 -1.92 15.18
N LEU D 241 11.65 -1.06 15.76
CA LEU D 241 12.09 0.19 15.16
C LEU D 241 12.86 -0.02 13.84
N VAL D 242 13.92 -0.86 13.88
CA VAL D 242 14.79 -1.14 12.71
C VAL D 242 14.30 -2.34 11.87
N GLU D 243 13.03 -2.75 12.06
CA GLU D 243 12.36 -3.87 11.40
C GLU D 243 12.59 -3.84 9.91
N THR D 244 12.97 -5.01 9.36
CA THR D 244 13.24 -5.18 7.93
C THR D 244 12.00 -4.78 7.14
N ASN D 245 10.79 -5.04 7.72
CA ASN D 245 9.47 -4.83 7.14
C ASN D 245 9.23 -5.86 6.00
N CYS D 246 10.10 -6.89 5.94
CA CYS D 246 10.04 -7.99 4.99
C CYS D 246 9.62 -9.26 5.69
N PRO D 247 8.67 -10.05 5.08
CA PRO D 247 8.27 -11.31 5.71
C PRO D 247 9.50 -12.17 5.92
N LYS D 248 9.60 -12.76 7.11
CA LYS D 248 10.73 -13.62 7.51
C LYS D 248 11.07 -14.61 6.41
N THR D 249 12.36 -14.74 6.12
CA THR D 249 12.84 -15.67 5.12
C THR D 249 12.72 -17.07 5.68
N PRO D 250 12.37 -18.06 4.83
CA PRO D 250 12.24 -19.45 5.32
C PRO D 250 13.54 -20.01 5.86
N TYR D 251 14.67 -19.61 5.23
CA TYR D 251 16.01 -20.05 5.58
C TYR D 251 16.63 -19.19 6.68
N MET D 252 17.71 -19.71 7.27
CA MET D 252 18.45 -19.00 8.31
C MET D 252 19.49 -18.09 7.69
N THR D 253 19.34 -16.78 7.93
CA THR D 253 20.24 -15.73 7.45
C THR D 253 21.36 -15.50 8.48
N TYR D 254 22.41 -14.75 8.08
CA TYR D 254 23.54 -14.41 8.96
C TYR D 254 23.05 -13.55 10.11
N THR D 255 22.38 -12.41 9.79
CA THR D 255 21.79 -11.47 10.75
C THR D 255 20.79 -12.20 11.65
N GLY D 256 20.03 -13.13 11.05
CA GLY D 256 19.04 -13.95 11.73
C GLY D 256 19.62 -14.81 12.83
N ALA D 257 20.82 -15.38 12.57
CA ALA D 257 21.56 -16.21 13.53
C ALA D 257 22.07 -15.37 14.71
N ILE D 258 22.66 -14.18 14.42
CA ILE D 258 23.17 -13.22 15.42
C ILE D 258 22.03 -12.83 16.38
N ILE D 259 20.86 -12.45 15.81
CA ILE D 259 19.67 -12.03 16.57
C ILE D 259 19.16 -13.19 17.45
N PHE D 260 19.10 -14.43 16.91
CA PHE D 260 18.69 -15.61 17.68
C PHE D 260 19.62 -15.83 18.87
N MET D 261 20.93 -15.64 18.66
CA MET D 261 21.97 -15.78 19.66
C MET D 261 21.80 -14.73 20.77
N ILE D 262 21.46 -13.47 20.38
CA ILE D 262 21.20 -12.37 21.30
C ILE D 262 20.03 -12.73 22.24
N TYR D 263 18.94 -13.34 21.70
CA TYR D 263 17.80 -13.81 22.51
C TYR D 263 18.22 -14.90 23.48
N LEU D 264 19.07 -15.85 23.01
CA LEU D 264 19.61 -16.94 23.82
C LEU D 264 20.46 -16.38 24.98
N PHE D 265 21.28 -15.34 24.69
CA PHE D 265 22.12 -14.65 25.68
C PHE D 265 21.29 -13.95 26.75
N TYR D 266 20.11 -13.36 26.37
CA TYR D 266 19.21 -12.73 27.33
C TYR D 266 18.64 -13.78 28.28
N PHE D 267 18.33 -14.99 27.74
CA PHE D 267 17.81 -16.09 28.53
C PHE D 267 18.87 -16.64 29.47
N VAL D 268 20.11 -16.83 28.98
CA VAL D 268 21.24 -17.34 29.78
C VAL D 268 21.56 -16.36 30.93
N ALA D 269 21.61 -15.04 30.63
CA ALA D 269 21.85 -13.99 31.63
C ALA D 269 20.76 -13.99 32.72
N VAL D 270 19.50 -14.32 32.35
CA VAL D 270 18.40 -14.45 33.32
C VAL D 270 18.68 -15.66 34.22
N ILE D 271 19.04 -16.81 33.61
CA ILE D 271 19.38 -18.05 34.34
C ILE D 271 20.46 -17.75 35.37
N GLU D 272 21.55 -17.07 34.97
CA GLU D 272 22.66 -16.67 35.84
C GLU D 272 22.12 -15.88 37.03
N VAL D 273 21.42 -14.75 36.75
CA VAL D 273 20.80 -13.86 37.75
C VAL D 273 19.93 -14.64 38.73
N THR D 274 19.15 -15.62 38.21
CA THR D 274 18.29 -16.50 39.01
C THR D 274 19.14 -17.43 39.90
N VAL D 275 20.17 -18.09 39.32
CA VAL D 275 21.09 -19.00 39.98
C VAL D 275 21.84 -18.30 41.11
N GLN D 276 22.46 -17.13 40.81
CA GLN D 276 23.20 -16.30 41.76
C GLN D 276 22.38 -15.95 42.99
N HIS D 277 21.14 -15.46 42.79
CA HIS D 277 20.21 -15.10 43.86
C HIS D 277 19.81 -16.32 44.71
N TYR D 278 19.48 -17.46 44.05
CA TYR D 278 19.10 -18.69 44.74
C TYR D 278 20.23 -19.19 45.62
N LEU D 279 21.47 -19.23 45.10
CA LEU D 279 22.65 -19.66 45.86
C LEU D 279 22.90 -18.76 47.07
N LYS D 280 22.74 -17.44 46.89
CA LYS D 280 22.90 -16.43 47.93
C LYS D 280 21.86 -16.65 49.03
N VAL D 281 20.57 -16.80 48.65
CA VAL D 281 19.46 -17.04 49.57
C VAL D 281 19.58 -18.43 50.25
N GLU D 282 20.13 -19.44 49.54
CA GLU D 282 20.33 -20.79 50.06
C GLU D 282 21.72 -20.98 50.69
N SER D 283 22.17 -19.95 51.46
CA SER D 283 23.41 -19.87 52.23
C SER D 283 24.66 -20.46 51.54
N GLN D 284 24.88 -20.07 50.27
CA GLN D 284 26.05 -20.49 49.48
C GLN D 284 26.64 -19.26 48.76
N PRO D 285 27.09 -18.21 49.48
CA PRO D 285 27.62 -17.01 48.79
C PRO D 285 28.94 -17.18 48.06
N ALA D 286 29.70 -18.24 48.38
CA ALA D 286 30.97 -18.53 47.72
C ALA D 286 30.74 -18.97 46.27
N ARG D 287 29.75 -19.85 46.02
CA ARG D 287 29.43 -20.32 44.68
C ARG D 287 28.69 -19.30 43.85
N ALA D 288 27.85 -18.46 44.48
CA ALA D 288 27.15 -17.36 43.81
C ALA D 288 28.16 -16.35 43.28
N ALA D 289 29.04 -15.83 44.16
CA ALA D 289 30.09 -14.86 43.83
C ALA D 289 31.08 -15.36 42.78
N SER D 290 31.39 -16.68 42.78
CA SER D 290 32.31 -17.25 41.80
C SER D 290 31.69 -17.37 40.41
N ILE D 291 30.36 -17.62 40.33
CA ILE D 291 29.62 -17.71 39.06
C ILE D 291 29.55 -16.32 38.43
N THR D 292 29.10 -15.31 39.21
CA THR D 292 28.98 -13.90 38.79
C THR D 292 30.31 -13.36 38.28
N ARG D 293 31.41 -13.69 38.97
CA ARG D 293 32.76 -13.27 38.58
C ARG D 293 33.22 -13.95 37.30
N ALA D 294 32.85 -15.23 37.09
CA ALA D 294 33.18 -15.99 35.89
C ALA D 294 32.41 -15.42 34.69
N SER D 295 31.10 -15.15 34.88
CA SER D 295 30.17 -14.59 33.88
C SER D 295 30.70 -13.30 33.25
N ARG D 296 31.37 -12.44 34.06
CA ARG D 296 31.99 -11.17 33.66
C ARG D 296 32.96 -11.36 32.48
N ILE D 297 33.64 -12.52 32.42
CA ILE D 297 34.56 -12.90 31.36
C ILE D 297 33.89 -13.87 30.37
N ALA D 298 33.20 -14.89 30.90
CA ALA D 298 32.49 -15.93 30.13
C ALA D 298 31.53 -15.37 29.08
N PHE D 299 30.66 -14.41 29.47
CA PHE D 299 29.69 -13.80 28.56
C PHE D 299 30.35 -13.06 27.38
N PRO D 300 31.24 -12.04 27.54
CA PRO D 300 31.86 -11.41 26.36
C PRO D 300 32.71 -12.36 25.52
N VAL D 301 33.46 -13.29 26.16
CA VAL D 301 34.32 -14.26 25.47
C VAL D 301 33.48 -15.24 24.62
N VAL D 302 32.45 -15.89 25.21
CA VAL D 302 31.56 -16.82 24.49
C VAL D 302 30.86 -16.10 23.32
N PHE D 303 30.43 -14.84 23.53
CA PHE D 303 29.79 -14.01 22.51
C PHE D 303 30.74 -13.76 21.33
N LEU D 304 31.92 -13.18 21.60
CA LEU D 304 32.96 -12.88 20.62
C LEU D 304 33.40 -14.15 19.85
N LEU D 305 33.47 -15.31 20.53
CA LEU D 305 33.85 -16.59 19.92
C LEU D 305 32.76 -17.12 18.99
N ALA D 306 31.50 -17.20 19.48
CA ALA D 306 30.35 -17.67 18.70
C ALA D 306 30.11 -16.82 17.45
N ASN D 307 30.35 -15.49 17.55
CA ASN D 307 30.23 -14.54 16.45
C ASN D 307 31.25 -14.84 15.36
N ILE D 308 32.51 -15.20 15.76
CA ILE D 308 33.60 -15.58 14.86
C ILE D 308 33.19 -16.88 14.13
N ILE D 309 32.62 -17.86 14.88
CA ILE D 309 32.12 -19.13 14.34
C ILE D 309 31.02 -18.87 13.28
N LEU D 310 30.04 -17.99 13.61
CA LEU D 310 28.95 -17.62 12.69
C LEU D 310 29.47 -16.93 11.43
N ALA D 311 30.36 -15.93 11.60
CA ALA D 311 30.97 -15.19 10.49
C ALA D 311 31.75 -16.15 9.59
N PHE D 312 32.41 -17.17 10.19
CA PHE D 312 33.14 -18.20 9.45
C PHE D 312 32.19 -19.08 8.64
N LEU D 313 31.10 -19.56 9.28
CA LEU D 313 30.09 -20.43 8.67
C LEU D 313 29.37 -19.79 7.48
N PHE D 314 29.03 -18.49 7.59
CA PHE D 314 28.31 -17.78 6.55
C PHE D 314 29.19 -17.23 5.45
N PHE D 315 30.45 -16.87 5.77
CA PHE D 315 31.39 -16.30 4.80
C PHE D 315 32.66 -17.14 4.70
N VAL E 5 5.05 11.83 -43.14
CA VAL E 5 5.47 10.98 -42.02
C VAL E 5 6.94 10.54 -42.20
N SER E 6 7.80 11.55 -42.46
CA SER E 6 9.25 11.51 -42.60
C SER E 6 9.76 12.85 -42.01
N PRO E 7 10.98 12.99 -41.43
CA PRO E 7 11.38 14.29 -40.88
C PRO E 7 11.53 15.41 -41.93
N PRO E 8 11.28 16.70 -41.59
CA PRO E 8 11.41 17.76 -42.61
C PRO E 8 12.83 17.88 -43.15
N PRO E 9 12.99 18.17 -44.46
CA PRO E 9 14.35 18.22 -45.04
C PRO E 9 15.19 19.44 -44.63
N PRO E 10 16.53 19.31 -44.47
CA PRO E 10 17.34 20.48 -44.11
C PRO E 10 17.51 21.44 -45.28
N ILE E 11 17.72 22.72 -44.97
CA ILE E 11 17.96 23.75 -45.99
C ILE E 11 19.43 23.74 -46.45
N ALA E 12 20.35 23.45 -45.51
CA ALA E 12 21.79 23.37 -45.79
C ALA E 12 22.32 22.00 -45.35
N ASP E 13 22.71 21.86 -44.08
CA ASP E 13 23.21 20.63 -43.47
C ASP E 13 22.81 20.62 -41.99
N GLU E 14 22.27 21.76 -41.52
CA GLU E 14 21.95 22.05 -40.12
C GLU E 14 20.97 21.00 -39.50
N PRO E 15 21.09 20.71 -38.18
CA PRO E 15 20.16 19.76 -37.56
C PRO E 15 18.81 20.43 -37.27
N LEU E 16 17.75 19.64 -37.07
CA LEU E 16 16.45 20.21 -36.75
C LEU E 16 16.41 20.63 -35.28
N THR E 17 15.94 21.85 -35.01
CA THR E 17 15.82 22.38 -33.66
C THR E 17 14.37 22.28 -33.19
N VAL E 18 14.17 21.53 -32.10
CA VAL E 18 12.87 21.37 -31.48
C VAL E 18 12.91 22.21 -30.20
N ASN E 19 12.19 23.34 -30.20
CA ASN E 19 12.09 24.25 -29.07
C ASN E 19 11.07 23.70 -28.09
N THR E 20 11.54 23.43 -26.86
CA THR E 20 10.73 22.86 -25.80
C THR E 20 10.37 23.88 -24.72
N GLY E 21 9.44 23.48 -23.85
CA GLY E 21 8.94 24.24 -22.72
C GLY E 21 8.00 23.41 -21.87
N ILE E 22 8.25 23.37 -20.56
CA ILE E 22 7.43 22.63 -19.60
C ILE E 22 6.81 23.63 -18.63
N TYR E 23 5.49 23.57 -18.47
CA TYR E 23 4.78 24.44 -17.54
C TYR E 23 4.05 23.57 -16.51
N LEU E 24 4.52 23.58 -15.24
CA LEU E 24 3.94 22.77 -14.17
C LEU E 24 2.53 23.21 -13.78
N ILE E 25 1.57 22.30 -13.90
CA ILE E 25 0.19 22.55 -13.52
C ILE E 25 0.03 22.06 -12.08
N GLU E 26 0.49 20.84 -11.82
CA GLU E 26 0.45 20.21 -10.50
C GLU E 26 1.70 19.42 -10.21
N SER E 27 2.15 19.49 -8.97
CA SER E 27 3.26 18.73 -8.44
C SER E 27 2.66 18.06 -7.21
N TYR E 28 2.85 16.75 -7.07
CA TYR E 28 2.27 16.00 -5.95
C TYR E 28 3.02 14.69 -5.73
N SER E 29 2.60 13.95 -4.69
CA SER E 29 3.12 12.64 -4.31
C SER E 29 4.65 12.54 -4.33
N LEU E 30 5.32 13.43 -3.58
CA LEU E 30 6.78 13.34 -3.48
C LEU E 30 7.08 12.28 -2.43
N ASP E 31 7.61 11.13 -2.87
CA ASP E 31 7.98 10.04 -1.98
C ASP E 31 9.46 10.10 -1.71
N ASP E 32 9.81 10.45 -0.48
CA ASP E 32 11.18 10.52 -0.03
C ASP E 32 11.85 9.14 -0.04
N CYS E 33 11.10 8.10 0.34
CA CYS E 33 11.60 6.72 0.40
C CYS E 33 11.88 6.16 -1.00
N ALA E 34 10.96 6.40 -1.96
CA ALA E 34 11.10 5.93 -3.34
C ALA E 34 11.97 6.84 -4.22
N GLU E 35 12.23 8.10 -3.74
CA GLU E 35 12.98 9.15 -4.47
C GLU E 35 12.23 9.48 -5.79
N THR E 36 10.88 9.44 -5.74
CA THR E 36 10.01 9.69 -6.90
C THR E 36 8.98 10.77 -6.60
N PHE E 37 8.58 11.52 -7.64
CA PHE E 37 7.58 12.58 -7.53
C PHE E 37 6.66 12.56 -8.75
N LYS E 38 5.38 12.78 -8.52
CA LYS E 38 4.40 12.78 -9.58
C LYS E 38 4.15 14.22 -10.04
N VAL E 39 4.18 14.41 -11.35
CA VAL E 39 4.04 15.71 -11.97
C VAL E 39 2.94 15.71 -13.04
N ASN E 40 2.21 16.82 -13.14
CA ASN E 40 1.17 17.07 -14.14
C ASN E 40 1.51 18.42 -14.76
N ALA E 41 1.84 18.43 -16.06
CA ALA E 41 2.29 19.64 -16.74
C ALA E 41 1.94 19.70 -18.23
N PHE E 42 2.24 20.86 -18.84
CA PHE E 42 2.11 21.11 -20.26
C PHE E 42 3.48 20.90 -20.87
N LEU E 43 3.53 20.32 -22.07
CA LEU E 43 4.77 20.17 -22.83
C LEU E 43 4.55 20.84 -24.16
N SER E 44 5.27 21.93 -24.41
CA SER E 44 5.18 22.66 -25.66
C SER E 44 6.34 22.27 -26.56
N LEU E 45 6.07 22.10 -27.85
CA LEU E 45 7.07 21.74 -28.84
C LEU E 45 6.92 22.64 -30.05
N SER E 46 8.05 23.17 -30.53
CA SER E 46 8.07 24.08 -31.67
C SER E 46 9.17 23.73 -32.65
N TRP E 47 8.81 23.60 -33.92
CA TRP E 47 9.74 23.28 -35.01
C TRP E 47 9.18 23.77 -36.32
N LYS E 48 10.03 23.81 -37.36
CA LYS E 48 9.60 24.25 -38.69
C LYS E 48 9.72 23.13 -39.69
N ASP E 49 8.61 22.87 -40.38
CA ASP E 49 8.45 21.88 -41.42
C ASP E 49 7.94 22.65 -42.63
N ARG E 50 8.85 23.02 -43.55
CA ARG E 50 8.52 23.81 -44.74
C ARG E 50 7.52 23.12 -45.67
N ARG E 51 7.37 21.77 -45.56
CA ARG E 51 6.41 20.98 -46.33
C ARG E 51 4.97 21.39 -45.93
N LEU E 52 4.82 22.01 -44.74
CA LEU E 52 3.54 22.46 -44.18
C LEU E 52 3.23 23.96 -44.45
N ALA E 53 4.18 24.71 -45.04
CA ALA E 53 3.99 26.13 -45.37
C ALA E 53 2.85 26.31 -46.36
N PHE E 54 2.10 27.41 -46.22
CA PHE E 54 0.95 27.68 -47.08
C PHE E 54 0.70 29.17 -47.34
N ASP E 55 -0.05 29.49 -48.42
CA ASP E 55 -0.44 30.86 -48.70
C ASP E 55 -1.74 31.11 -47.94
N PRO E 56 -1.77 32.04 -46.96
CA PRO E 56 -3.01 32.28 -46.20
C PRO E 56 -4.16 32.85 -47.06
N VAL E 57 -3.83 33.40 -48.23
CA VAL E 57 -4.79 33.97 -49.18
C VAL E 57 -5.56 32.84 -49.89
N ARG E 58 -4.81 31.89 -50.50
CA ARG E 58 -5.35 30.73 -51.20
C ARG E 58 -6.18 29.86 -50.24
N SER E 59 -5.63 29.65 -49.02
CA SER E 59 -6.16 28.80 -47.97
C SER E 59 -7.36 29.37 -47.21
N GLY E 60 -7.45 30.70 -47.15
CA GLY E 60 -8.53 31.39 -46.45
C GLY E 60 -8.39 31.42 -44.94
N VAL E 61 -7.38 30.71 -44.41
CA VAL E 61 -7.06 30.61 -42.98
C VAL E 61 -5.66 31.15 -42.69
N ARG E 62 -5.51 31.80 -41.53
CA ARG E 62 -4.23 32.35 -41.09
C ARG E 62 -3.42 31.33 -40.31
N VAL E 63 -4.10 30.32 -39.73
CA VAL E 63 -3.52 29.19 -38.98
C VAL E 63 -4.23 27.90 -39.43
N LYS E 64 -3.49 26.78 -39.44
CA LYS E 64 -4.02 25.45 -39.79
C LYS E 64 -3.88 24.51 -38.59
N THR E 65 -4.96 23.76 -38.29
CA THR E 65 -4.99 22.79 -37.20
C THR E 65 -4.90 21.39 -37.78
N TYR E 66 -4.02 20.55 -37.20
CA TYR E 66 -3.81 19.18 -37.64
C TYR E 66 -3.98 18.17 -36.52
N GLU E 67 -4.25 16.91 -36.89
CA GLU E 67 -4.34 15.80 -35.95
C GLU E 67 -2.92 15.21 -35.84
N PRO E 68 -2.50 14.65 -34.67
CA PRO E 68 -1.11 14.16 -34.55
C PRO E 68 -0.67 13.18 -35.63
N GLU E 69 -1.61 12.34 -36.11
CA GLU E 69 -1.39 11.33 -37.13
C GLU E 69 -1.19 11.93 -38.53
N ALA E 70 -1.76 13.13 -38.77
CA ALA E 70 -1.70 13.83 -40.06
C ALA E 70 -0.32 14.37 -40.43
N ILE E 71 0.50 14.75 -39.43
CA ILE E 71 1.82 15.36 -39.67
C ILE E 71 2.97 14.67 -38.91
N TRP E 72 4.23 15.03 -39.26
CA TRP E 72 5.43 14.52 -38.59
C TRP E 72 5.60 15.28 -37.29
N ILE E 73 5.78 14.53 -36.19
CA ILE E 73 6.00 15.07 -34.85
C ILE E 73 7.24 14.36 -34.26
N PRO E 74 8.21 15.11 -33.68
CA PRO E 74 9.39 14.43 -33.10
C PRO E 74 9.01 13.55 -31.92
N GLU E 75 9.71 12.42 -31.76
CA GLU E 75 9.45 11.51 -30.65
C GLU E 75 10.24 11.98 -29.42
N ILE E 76 9.59 12.78 -28.55
CA ILE E 76 10.22 13.27 -27.33
C ILE E 76 9.86 12.31 -26.21
N ARG E 77 10.87 11.84 -25.49
CA ARG E 77 10.70 10.95 -24.35
C ARG E 77 11.38 11.55 -23.14
N PHE E 78 11.05 11.04 -21.96
CA PHE E 78 11.65 11.48 -20.71
C PHE E 78 12.62 10.39 -20.30
N VAL E 79 13.80 10.76 -19.82
CA VAL E 79 14.83 9.80 -19.44
C VAL E 79 14.49 9.14 -18.10
N ASN E 80 14.29 9.94 -17.05
CA ASN E 80 14.07 9.45 -15.69
C ASN E 80 12.58 9.29 -15.29
N VAL E 81 11.84 8.47 -16.05
CA VAL E 81 10.43 8.16 -15.73
C VAL E 81 10.26 6.68 -15.47
N GLU E 82 9.24 6.33 -14.63
CA GLU E 82 8.92 4.93 -14.30
C GLU E 82 8.42 4.26 -15.60
N ASN E 83 7.31 4.76 -16.15
CA ASN E 83 6.74 4.31 -17.42
C ASN E 83 6.60 5.56 -18.28
N ALA E 84 6.28 5.40 -19.58
CA ALA E 84 6.08 6.53 -20.49
C ALA E 84 4.92 7.37 -19.99
N ARG E 85 5.07 8.69 -20.07
CA ARG E 85 4.07 9.67 -19.62
C ARG E 85 2.70 9.46 -20.26
N ASP E 86 1.63 9.78 -19.52
CA ASP E 86 0.27 9.71 -20.02
C ASP E 86 0.07 11.07 -20.65
N ALA E 87 -0.04 11.14 -21.99
CA ALA E 87 -0.15 12.41 -22.69
C ALA E 87 -1.48 12.57 -23.42
N ASP E 88 -1.93 13.82 -23.50
CA ASP E 88 -3.15 14.24 -24.17
C ASP E 88 -2.81 15.47 -25.01
N VAL E 89 -2.81 15.34 -26.35
CA VAL E 89 -2.49 16.45 -27.24
C VAL E 89 -3.60 17.49 -27.10
N VAL E 90 -3.22 18.69 -26.65
CA VAL E 90 -4.13 19.81 -26.44
C VAL E 90 -4.33 20.59 -27.74
N ASP E 91 -3.23 20.94 -28.45
CA ASP E 91 -3.30 21.73 -29.69
C ASP E 91 -2.09 21.54 -30.62
N ILE E 92 -2.35 21.56 -31.94
CA ILE E 92 -1.34 21.54 -33.01
C ILE E 92 -1.73 22.63 -34.00
N SER E 93 -0.91 23.69 -34.07
CA SER E 93 -1.14 24.84 -34.94
C SER E 93 0.00 25.06 -35.90
N VAL E 94 -0.32 25.24 -37.19
CA VAL E 94 0.64 25.49 -38.26
C VAL E 94 0.38 26.87 -38.87
N SER E 95 1.40 27.73 -38.85
CA SER E 95 1.37 29.08 -39.40
C SER E 95 1.83 29.04 -40.88
N PRO E 96 1.52 30.07 -41.72
CA PRO E 96 1.85 30.01 -43.17
C PRO E 96 3.29 29.66 -43.58
N ASP E 97 4.26 29.74 -42.67
CA ASP E 97 5.67 29.46 -42.97
C ASP E 97 6.08 28.02 -42.69
N GLY E 98 5.17 27.25 -42.08
CA GLY E 98 5.41 25.87 -41.73
C GLY E 98 5.89 25.64 -40.30
N THR E 99 5.65 26.62 -39.40
CA THR E 99 6.02 26.52 -37.98
C THR E 99 4.93 25.71 -37.26
N VAL E 100 5.33 24.73 -36.45
CA VAL E 100 4.38 23.89 -35.72
C VAL E 100 4.40 24.24 -34.24
N GLN E 101 3.22 24.57 -33.68
CA GLN E 101 3.03 24.91 -32.27
C GLN E 101 2.31 23.73 -31.64
N TYR E 102 3.08 22.74 -31.20
CA TYR E 102 2.52 21.56 -30.56
C TYR E 102 2.40 21.80 -29.06
N LEU E 103 1.29 21.34 -28.46
CA LEU E 103 1.03 21.43 -27.03
C LEU E 103 0.27 20.21 -26.56
N GLU E 104 0.75 19.60 -25.47
CA GLU E 104 0.13 18.44 -24.84
C GLU E 104 0.14 18.58 -23.33
N ARG E 105 -0.83 17.95 -22.67
CA ARG E 105 -0.87 17.90 -21.22
C ARG E 105 -0.50 16.47 -20.83
N PHE E 106 0.47 16.34 -19.93
CA PHE E 106 0.94 15.02 -19.52
C PHE E 106 1.03 14.87 -18.00
N SER E 107 1.06 13.62 -17.54
CA SER E 107 1.28 13.25 -16.16
C SER E 107 2.37 12.19 -16.18
N ALA E 108 3.31 12.25 -15.23
CA ALA E 108 4.42 11.31 -15.16
C ALA E 108 4.97 11.17 -13.75
N ARG E 109 5.45 9.96 -13.38
CA ARG E 109 6.10 9.69 -12.11
C ARG E 109 7.59 9.69 -12.42
N VAL E 110 8.25 10.77 -12.00
CA VAL E 110 9.66 11.04 -12.28
C VAL E 110 10.55 10.50 -11.16
N LEU E 111 11.63 9.81 -11.52
CA LEU E 111 12.61 9.27 -10.58
C LEU E 111 13.76 10.27 -10.46
N SER E 112 13.95 10.86 -9.28
CA SER E 112 15.00 11.85 -9.06
C SER E 112 15.70 11.59 -7.73
N PRO E 113 17.04 11.30 -7.74
CA PRO E 113 17.74 11.01 -6.48
C PRO E 113 17.69 12.17 -5.48
N LEU E 114 17.54 11.83 -4.19
CA LEU E 114 17.46 12.82 -3.12
C LEU E 114 18.59 12.62 -2.12
N ASP E 115 19.24 13.74 -1.72
CA ASP E 115 20.35 13.74 -0.75
C ASP E 115 19.83 14.15 0.62
N PHE E 116 19.80 13.17 1.55
CA PHE E 116 19.30 13.36 2.90
C PHE E 116 20.37 13.64 3.93
N ARG E 117 21.63 13.86 3.51
CA ARG E 117 22.74 14.15 4.43
C ARG E 117 22.46 15.32 5.40
N ARG E 118 21.75 16.38 4.94
CA ARG E 118 21.42 17.57 5.74
C ARG E 118 19.97 17.63 6.27
N TYR E 119 19.21 16.51 6.18
CA TYR E 119 17.82 16.42 6.65
C TYR E 119 17.69 16.79 8.14
N PRO E 120 16.67 17.57 8.58
CA PRO E 120 15.55 18.15 7.82
C PRO E 120 15.81 19.57 7.30
N PHE E 121 17.09 19.97 7.22
CA PHE E 121 17.51 21.30 6.75
C PHE E 121 18.05 21.21 5.32
N ASP E 122 17.53 20.23 4.56
CA ASP E 122 17.93 19.95 3.20
C ASP E 122 17.12 20.68 2.15
N SER E 123 17.76 20.90 1.00
CA SER E 123 17.20 21.47 -0.20
C SER E 123 17.48 20.46 -1.30
N GLN E 124 16.53 20.31 -2.23
CA GLN E 124 16.64 19.35 -3.32
C GLN E 124 16.39 19.98 -4.67
N THR E 125 17.05 19.43 -5.70
CA THR E 125 16.88 19.83 -7.09
C THR E 125 16.28 18.60 -7.78
N LEU E 126 14.99 18.68 -8.11
CA LEU E 126 14.27 17.63 -8.80
C LEU E 126 14.52 17.78 -10.30
N HIS E 127 14.88 16.68 -10.97
CA HIS E 127 15.21 16.70 -12.38
C HIS E 127 14.18 16.03 -13.27
N ILE E 128 13.97 16.60 -14.46
CA ILE E 128 13.12 16.07 -15.52
C ILE E 128 13.98 16.17 -16.77
N TYR E 129 14.40 15.02 -17.30
CA TYR E 129 15.26 14.98 -18.47
C TYR E 129 14.51 14.68 -19.76
N LEU E 130 14.40 15.69 -20.65
CA LEU E 130 13.77 15.53 -21.98
C LEU E 130 14.82 14.97 -22.91
N ILE E 131 14.41 14.09 -23.83
CA ILE E 131 15.33 13.50 -24.79
C ILE E 131 14.69 13.26 -26.14
N VAL E 132 15.51 13.34 -27.20
CA VAL E 132 15.12 13.07 -28.58
C VAL E 132 16.22 12.28 -29.26
N ARG E 133 15.85 11.20 -29.94
CA ARG E 133 16.80 10.37 -30.68
C ARG E 133 16.79 10.83 -32.13
N SER E 134 17.99 11.16 -32.65
CA SER E 134 18.15 11.62 -34.03
C SER E 134 17.88 10.48 -35.00
N VAL E 135 17.21 10.80 -36.12
CA VAL E 135 16.81 9.81 -37.13
C VAL E 135 17.86 9.62 -38.23
N ASP E 136 17.52 8.75 -39.17
CA ASP E 136 18.28 8.33 -40.34
C ASP E 136 18.64 9.47 -41.28
N THR E 137 17.63 10.25 -41.74
CA THR E 137 17.83 11.33 -42.69
C THR E 137 18.47 12.59 -42.07
N ARG E 138 18.11 12.98 -40.81
CA ARG E 138 18.74 14.15 -40.18
C ARG E 138 18.75 14.12 -38.64
N ASN E 139 19.70 14.87 -38.06
CA ASN E 139 19.88 15.00 -36.62
C ASN E 139 18.86 15.96 -36.02
N ILE E 140 18.35 15.60 -34.83
CA ILE E 140 17.38 16.39 -34.08
C ILE E 140 18.02 16.86 -32.78
N VAL E 141 17.96 18.18 -32.55
CA VAL E 141 18.53 18.88 -31.41
C VAL E 141 17.45 19.64 -30.63
N LEU E 142 17.48 19.53 -29.29
CA LEU E 142 16.53 20.21 -28.41
C LEU E 142 17.03 21.59 -28.01
N ALA E 143 16.08 22.51 -27.75
CA ALA E 143 16.33 23.88 -27.31
C ALA E 143 15.27 24.29 -26.27
N VAL E 144 15.58 25.31 -25.44
CA VAL E 144 14.67 25.78 -24.40
C VAL E 144 14.35 27.25 -24.61
N ASP E 145 13.07 27.60 -24.45
CA ASP E 145 12.71 29.00 -24.36
C ASP E 145 12.22 29.18 -22.92
N LEU E 146 13.04 29.82 -22.08
CA LEU E 146 12.77 30.00 -20.65
C LEU E 146 11.50 30.80 -20.33
N GLU E 147 10.92 31.47 -21.34
CA GLU E 147 9.66 32.19 -21.18
C GLU E 147 8.56 31.13 -21.01
N LYS E 148 8.67 30.02 -21.79
CA LYS E 148 7.73 28.90 -21.82
C LYS E 148 7.93 27.89 -20.70
N VAL E 149 9.00 28.05 -19.91
CA VAL E 149 9.31 27.22 -18.76
C VAL E 149 8.77 27.96 -17.53
N GLY E 150 7.69 27.44 -16.96
CA GLY E 150 7.09 28.03 -15.79
C GLY E 150 6.33 27.04 -14.93
N LYS E 151 5.62 27.57 -13.94
CA LYS E 151 4.80 26.78 -13.01
C LYS E 151 3.62 27.60 -12.50
N ASN E 152 2.49 26.93 -12.27
CA ASN E 152 1.27 27.50 -11.71
C ASN E 152 1.60 28.03 -10.32
N ASP E 153 1.03 29.19 -9.95
CA ASP E 153 1.26 29.83 -8.65
C ASP E 153 0.77 28.97 -7.48
N ASP E 154 -0.26 28.15 -7.73
CA ASP E 154 -0.87 27.26 -6.74
C ASP E 154 -0.16 25.91 -6.58
N VAL E 155 0.90 25.63 -7.39
CA VAL E 155 1.70 24.40 -7.31
C VAL E 155 2.26 24.31 -5.90
N PHE E 156 2.14 23.13 -5.29
CA PHE E 156 2.61 22.92 -3.93
C PHE E 156 3.01 21.48 -3.66
N LEU E 157 3.93 21.32 -2.71
CA LEU E 157 4.39 20.06 -2.16
C LEU E 157 4.36 20.30 -0.67
N THR E 158 3.57 19.51 0.05
CA THR E 158 3.44 19.68 1.51
C THR E 158 4.79 19.47 2.19
N GLY E 159 5.18 20.44 3.02
CA GLY E 159 6.44 20.43 3.76
C GLY E 159 7.63 20.96 2.99
N TRP E 160 7.38 21.58 1.82
CA TRP E 160 8.42 22.12 0.97
C TRP E 160 8.08 23.49 0.45
N ASP E 161 9.13 24.30 0.24
CA ASP E 161 9.07 25.63 -0.35
C ASP E 161 9.61 25.44 -1.75
N ILE E 162 8.83 25.81 -2.78
CA ILE E 162 9.24 25.69 -4.17
C ILE E 162 9.90 27.00 -4.55
N GLU E 163 11.21 26.94 -4.69
CA GLU E 163 12.04 28.10 -5.03
C GLU E 163 11.87 28.50 -6.48
N SER E 164 12.12 27.57 -7.43
CA SER E 164 12.07 27.86 -8.86
C SER E 164 11.92 26.62 -9.73
N PHE E 165 11.43 26.83 -10.95
CA PHE E 165 11.35 25.80 -11.98
C PHE E 165 12.01 26.37 -13.22
N THR E 166 13.19 25.83 -13.57
CA THR E 166 14.00 26.32 -14.69
C THR E 166 14.55 25.17 -15.52
N ALA E 167 15.21 25.49 -16.63
CA ALA E 167 15.84 24.52 -17.51
C ALA E 167 17.25 24.96 -17.87
N VAL E 168 18.18 23.99 -17.97
CA VAL E 168 19.57 24.24 -18.37
C VAL E 168 19.50 24.32 -19.90
N VAL E 169 19.55 25.57 -20.43
CA VAL E 169 19.42 25.95 -21.84
C VAL E 169 20.31 25.15 -22.81
N LYS E 170 21.56 24.83 -22.40
CA LYS E 170 22.49 24.07 -23.24
C LYS E 170 22.15 22.57 -23.17
N PRO E 171 21.73 21.94 -24.30
CA PRO E 171 21.42 20.51 -24.24
C PRO E 171 22.68 19.64 -24.18
N ALA E 172 22.52 18.40 -23.71
CA ALA E 172 23.60 17.44 -23.63
C ALA E 172 23.46 16.52 -24.83
N ASN E 173 24.28 16.79 -25.86
CA ASN E 173 24.27 16.02 -27.10
C ASN E 173 25.37 14.98 -27.04
N PHE E 174 24.99 13.72 -27.22
CA PHE E 174 25.90 12.58 -27.13
C PHE E 174 25.45 11.45 -28.03
N ALA E 175 26.37 10.51 -28.30
CA ALA E 175 26.10 9.33 -29.11
C ALA E 175 25.65 8.17 -28.24
N LEU E 176 24.63 7.45 -28.71
CA LEU E 176 24.06 6.28 -28.04
C LEU E 176 23.49 5.36 -29.09
N GLU E 177 23.96 4.10 -29.10
CA GLU E 177 23.56 3.04 -30.04
C GLU E 177 23.63 3.52 -31.51
N ASP E 178 24.78 4.16 -31.85
CA ASP E 178 25.16 4.71 -33.16
C ASP E 178 24.28 5.86 -33.67
N ARG E 179 23.63 6.61 -32.75
CA ARG E 179 22.81 7.78 -33.10
C ARG E 179 22.96 8.87 -32.06
N LEU E 180 22.66 10.11 -32.45
CA LEU E 180 22.72 11.28 -31.57
C LEU E 180 21.48 11.37 -30.68
N GLU E 181 21.69 11.78 -29.43
CA GLU E 181 20.65 12.01 -28.43
C GLU E 181 20.87 13.43 -27.89
N SER E 182 19.83 14.27 -27.96
CA SER E 182 19.88 15.63 -27.43
C SER E 182 19.03 15.64 -26.16
N LYS E 183 19.68 15.82 -25.00
CA LYS E 183 19.06 15.78 -23.69
C LYS E 183 18.95 17.16 -23.03
N LEU E 184 17.79 17.46 -22.44
CA LEU E 184 17.58 18.72 -21.71
C LEU E 184 17.32 18.46 -20.23
N ASP E 185 17.83 19.35 -19.37
CA ASP E 185 17.67 19.23 -17.94
C ASP E 185 16.72 20.29 -17.37
N TYR E 186 15.52 19.86 -16.95
CA TYR E 186 14.53 20.72 -16.30
C TYR E 186 14.68 20.50 -14.81
N GLN E 187 14.87 21.58 -14.06
CA GLN E 187 15.11 21.54 -12.62
C GLN E 187 14.07 22.26 -11.81
N LEU E 188 13.57 21.57 -10.76
CA LEU E 188 12.62 22.09 -9.80
C LEU E 188 13.36 22.17 -8.48
N ARG E 189 13.62 23.40 -8.01
CA ARG E 189 14.34 23.61 -6.75
C ARG E 189 13.38 23.79 -5.60
N ILE E 190 13.51 22.92 -4.59
CA ILE E 190 12.68 22.87 -3.40
C ILE E 190 13.54 22.87 -2.14
N SER E 191 13.03 23.51 -1.06
CA SER E 191 13.70 23.56 0.24
C SER E 191 12.69 23.16 1.32
N ARG E 192 13.09 22.24 2.22
CA ARG E 192 12.24 21.70 3.27
C ARG E 192 11.78 22.71 4.32
N GLN E 193 10.52 22.57 4.78
CA GLN E 193 9.88 23.38 5.83
C GLN E 193 10.07 22.65 7.18
N TYR E 194 11.27 22.85 7.75
CA TYR E 194 11.77 22.22 8.98
C TYR E 194 11.26 22.77 10.32
N PHE E 195 10.24 23.66 10.36
CA PHE E 195 9.90 24.22 11.67
C PHE E 195 9.27 23.25 12.66
N SER E 196 8.15 22.57 12.34
CA SER E 196 7.52 21.65 13.30
C SER E 196 8.44 20.51 13.80
N TYR E 197 9.61 20.29 13.14
CA TYR E 197 10.58 19.26 13.52
CA TYR E 197 10.57 19.24 13.52
C TYR E 197 11.15 19.47 14.91
N ILE E 198 11.43 20.75 15.28
CA ILE E 198 11.96 21.11 16.60
C ILE E 198 10.94 20.70 17.70
N PRO E 199 9.69 21.24 17.76
CA PRO E 199 8.74 20.80 18.80
C PRO E 199 8.20 19.38 18.67
N ASN E 200 8.14 18.83 17.44
CA ASN E 200 7.59 17.48 17.25
C ASN E 200 8.60 16.35 17.42
N ILE E 201 9.86 16.51 16.97
CA ILE E 201 10.85 15.44 17.04
C ILE E 201 12.02 15.75 17.99
N ILE E 202 12.80 16.82 17.72
CA ILE E 202 14.01 17.19 18.48
C ILE E 202 13.76 17.42 19.98
N LEU E 203 12.92 18.41 20.34
CA LEU E 203 12.67 18.75 21.74
C LEU E 203 12.17 17.56 22.60
N PRO E 204 11.13 16.75 22.24
CA PRO E 204 10.77 15.61 23.11
C PRO E 204 11.87 14.57 23.22
N MET E 205 12.69 14.38 22.14
CA MET E 205 13.81 13.45 22.16
C MET E 205 14.92 13.90 23.11
N LEU E 206 15.12 15.22 23.23
CA LEU E 206 16.13 15.78 24.13
C LEU E 206 15.70 15.66 25.59
N PHE E 207 14.39 15.89 25.86
CA PHE E 207 13.81 15.79 27.21
C PHE E 207 14.02 14.38 27.79
N ILE E 208 13.79 13.33 26.97
CA ILE E 208 13.99 11.92 27.36
C ILE E 208 15.45 11.69 27.80
N LEU E 209 16.41 12.21 27.00
CA LEU E 209 17.84 12.10 27.27
C LEU E 209 18.20 12.85 28.56
N PHE E 210 17.62 14.06 28.75
CA PHE E 210 17.86 14.85 29.95
C PHE E 210 17.36 14.15 31.21
N ILE E 211 16.21 13.41 31.12
CA ILE E 211 15.66 12.63 32.24
C ILE E 211 16.68 11.60 32.72
N SER E 212 17.39 10.92 31.78
CA SER E 212 18.44 9.94 32.12
C SER E 212 19.60 10.59 32.88
N TRP E 213 19.82 11.89 32.68
CA TRP E 213 20.89 12.62 33.36
C TRP E 213 20.58 12.95 34.82
N THR E 214 19.33 12.75 35.28
CA THR E 214 18.96 12.99 36.68
C THR E 214 19.57 11.93 37.61
N ALA E 215 20.07 10.81 37.01
CA ALA E 215 20.74 9.72 37.72
C ALA E 215 22.07 10.19 38.33
N PHE E 216 22.55 11.38 37.90
CA PHE E 216 23.77 12.00 38.40
C PHE E 216 23.55 12.79 39.70
N TRP E 217 22.29 12.87 40.16
CA TRP E 217 21.90 13.52 41.41
C TRP E 217 21.21 12.49 42.33
N SER E 218 21.54 11.21 42.12
CA SER E 218 21.00 10.09 42.87
C SER E 218 22.08 9.04 43.15
N THR E 219 22.02 8.44 44.34
CA THR E 219 22.93 7.39 44.80
C THR E 219 22.24 6.01 44.76
N SER E 220 20.90 6.01 44.66
CA SER E 220 20.07 4.79 44.61
C SER E 220 20.27 4.08 43.27
N TYR E 221 20.96 2.93 43.30
CA TYR E 221 21.24 2.11 42.12
C TYR E 221 19.98 1.62 41.48
N GLU E 222 18.99 1.18 42.28
CA GLU E 222 17.69 0.69 41.80
C GLU E 222 16.94 1.80 41.05
N ALA E 223 16.93 3.03 41.60
CA ALA E 223 16.30 4.18 40.97
C ALA E 223 17.06 4.62 39.71
N ASN E 224 18.41 4.53 39.73
CA ASN E 224 19.27 4.88 38.60
C ASN E 224 19.09 3.92 37.42
N VAL E 225 19.04 2.60 37.69
CA VAL E 225 18.82 1.56 36.68
C VAL E 225 17.48 1.81 35.99
N THR E 226 16.43 2.10 36.78
CA THR E 226 15.10 2.42 36.27
C THR E 226 15.17 3.69 35.42
N LEU E 227 15.92 4.73 35.87
CA LEU E 227 16.05 5.97 35.11
C LEU E 227 16.67 5.77 33.71
N VAL E 228 17.92 5.27 33.64
CA VAL E 228 18.64 5.12 32.37
C VAL E 228 18.00 4.08 31.42
N VAL E 229 17.62 2.88 31.94
CA VAL E 229 17.05 1.82 31.09
C VAL E 229 15.62 2.17 30.65
N SER E 230 14.76 2.69 31.56
CA SER E 230 13.40 3.06 31.16
C SER E 230 13.37 4.22 30.15
N THR E 231 14.30 5.20 30.27
CA THR E 231 14.38 6.30 29.30
C THR E 231 14.88 5.79 27.94
N LEU E 232 15.78 4.78 27.94
CA LEU E 232 16.25 4.16 26.71
C LEU E 232 15.05 3.55 25.98
N ILE E 233 14.16 2.83 26.73
CA ILE E 233 12.91 2.25 26.21
C ILE E 233 12.03 3.38 25.65
N ALA E 234 11.84 4.48 26.42
CA ALA E 234 11.05 5.64 26.00
C ALA E 234 11.61 6.29 24.71
N HIS E 235 12.96 6.37 24.57
CA HIS E 235 13.66 6.92 23.41
C HIS E 235 13.35 6.09 22.18
N ILE E 236 13.57 4.75 22.27
CA ILE E 236 13.28 3.80 21.21
C ILE E 236 11.80 3.91 20.83
N ALA E 237 10.90 3.88 21.84
CA ALA E 237 9.45 4.01 21.66
C ALA E 237 9.11 5.29 20.90
N PHE E 238 9.72 6.42 21.29
CA PHE E 238 9.51 7.72 20.62
C PHE E 238 9.96 7.67 19.18
N ASN E 239 11.11 7.03 18.90
CA ASN E 239 11.64 6.87 17.55
C ASN E 239 10.68 6.04 16.68
N ILE E 240 10.03 5.00 17.26
CA ILE E 240 9.02 4.18 16.56
C ILE E 240 7.85 5.11 16.18
N LEU E 241 7.44 5.99 17.11
CA LEU E 241 6.36 6.96 16.89
C LEU E 241 6.66 7.98 15.78
N VAL E 242 7.83 8.66 15.85
CA VAL E 242 8.22 9.69 14.88
C VAL E 242 9.01 9.10 13.68
N GLU E 243 8.88 7.78 13.46
CA GLU E 243 9.52 7.06 12.36
C GLU E 243 9.52 7.93 11.15
N THR E 244 10.72 8.19 10.60
CA THR E 244 10.89 8.95 9.35
C THR E 244 9.97 8.28 8.34
N ASN E 245 9.75 6.95 8.54
CA ASN E 245 8.95 6.01 7.76
C ASN E 245 9.69 5.63 6.47
N CYS E 246 10.96 6.09 6.37
CA CYS E 246 11.84 5.80 5.24
C CYS E 246 12.90 4.81 5.70
N PRO E 247 13.19 3.77 4.88
CA PRO E 247 14.22 2.80 5.27
C PRO E 247 15.55 3.51 5.41
N LYS E 248 16.36 3.08 6.39
CA LYS E 248 17.67 3.69 6.63
C LYS E 248 18.46 3.83 5.35
N THR E 249 18.97 5.03 5.16
CA THR E 249 19.75 5.36 4.00
C THR E 249 21.07 4.61 4.11
N PRO E 250 21.73 4.36 2.97
CA PRO E 250 23.05 3.70 3.01
C PRO E 250 24.12 4.59 3.65
N TYR E 251 24.03 5.92 3.41
CA TYR E 251 24.98 6.89 3.91
C TYR E 251 24.62 7.43 5.28
N MET E 252 25.58 8.10 5.94
CA MET E 252 25.34 8.69 7.26
C MET E 252 24.78 10.10 7.11
N THR E 253 23.54 10.29 7.61
CA THR E 253 22.83 11.56 7.61
C THR E 253 23.17 12.37 8.87
N TYR E 254 22.79 13.67 8.90
CA TYR E 254 23.02 14.55 10.04
C TYR E 254 22.22 14.04 11.23
N THR E 255 20.89 13.88 11.05
CA THR E 255 19.97 13.36 12.06
C THR E 255 20.39 11.96 12.52
N GLY E 256 20.90 11.17 11.58
CA GLY E 256 21.39 9.82 11.82
C GLY E 256 22.55 9.78 12.78
N ALA E 257 23.48 10.76 12.66
CA ALA E 257 24.65 10.91 13.53
C ALA E 257 24.22 11.30 14.96
N ILE E 258 23.30 12.29 15.08
CA ILE E 258 22.75 12.77 16.37
C ILE E 258 22.12 11.58 17.12
N ILE E 259 21.25 10.79 16.42
CA ILE E 259 20.55 9.64 17.00
C ILE E 259 21.57 8.57 17.46
N PHE E 260 22.62 8.27 16.63
CA PHE E 260 23.66 7.32 17.01
C PHE E 260 24.37 7.76 18.28
N MET E 261 24.65 9.07 18.40
CA MET E 261 25.29 9.70 19.54
C MET E 261 24.42 9.57 20.79
N ILE E 262 23.08 9.75 20.65
CA ILE E 262 22.10 9.61 21.73
C ILE E 262 22.15 8.17 22.29
N TYR E 263 22.25 7.15 21.41
CA TYR E 263 22.38 5.74 21.83
C TYR E 263 23.70 5.51 22.58
N LEU E 264 24.80 6.12 22.10
CA LEU E 264 26.11 6.06 22.72
C LEU E 264 26.07 6.67 24.13
N PHE E 265 25.38 7.81 24.28
CA PHE E 265 25.18 8.52 25.55
C PHE E 265 24.38 7.69 26.56
N TYR E 266 23.38 6.90 26.09
CA TYR E 266 22.60 6.02 26.97
C TYR E 266 23.50 4.90 27.49
N PHE E 267 24.41 4.39 26.63
CA PHE E 267 25.37 3.36 27.00
C PHE E 267 26.39 3.88 28.00
N VAL E 268 26.95 5.09 27.75
CA VAL E 268 27.94 5.73 28.63
C VAL E 268 27.31 6.01 30.02
N ALA E 269 26.07 6.55 30.06
CA ALA E 269 25.34 6.82 31.30
C ALA E 269 25.12 5.54 32.09
N VAL E 270 24.92 4.39 31.41
CA VAL E 270 24.78 3.08 32.07
C VAL E 270 26.12 2.71 32.71
N ILE E 271 27.24 2.84 31.94
CA ILE E 271 28.60 2.56 32.42
C ILE E 271 28.87 3.35 33.70
N GLU E 272 28.56 4.68 33.69
CA GLU E 272 28.72 5.57 34.84
C GLU E 272 27.96 5.00 36.05
N VAL E 273 26.63 4.79 35.89
CA VAL E 273 25.73 4.24 36.92
C VAL E 273 26.29 2.92 37.50
N THR E 274 26.83 2.06 36.62
CA THR E 274 27.44 0.79 37.01
C THR E 274 28.74 1.02 37.81
N VAL E 275 29.63 1.92 37.32
CA VAL E 275 30.90 2.29 37.94
C VAL E 275 30.66 2.88 39.33
N GLN E 276 29.74 3.87 39.42
CA GLN E 276 29.34 4.56 40.66
C GLN E 276 29.01 3.53 41.73
N HIS E 277 28.03 2.66 41.43
CA HIS E 277 27.53 1.62 42.33
C HIS E 277 28.64 0.65 42.77
N TYR E 278 29.48 0.20 41.83
CA TYR E 278 30.58 -0.73 42.12
C TYR E 278 31.59 -0.12 43.08
N LEU E 279 32.04 1.13 42.83
CA LEU E 279 32.98 1.81 43.73
C LEU E 279 32.35 2.03 45.11
N LYS E 280 31.06 2.47 45.15
CA LYS E 280 30.30 2.67 46.39
C LYS E 280 30.23 1.37 47.22
N VAL E 281 29.97 0.21 46.56
CA VAL E 281 29.88 -1.12 47.17
C VAL E 281 31.30 -1.66 47.55
N GLU E 282 32.33 -1.33 46.75
CA GLU E 282 33.70 -1.79 46.97
C GLU E 282 34.52 -0.78 47.80
N SER E 283 33.89 -0.26 48.87
CA SER E 283 34.41 0.67 49.89
C SER E 283 35.29 1.82 49.34
N GLN E 284 34.82 2.49 48.27
CA GLN E 284 35.49 3.64 47.66
C GLN E 284 34.45 4.74 47.36
N PRO E 285 33.72 5.27 48.38
CA PRO E 285 32.69 6.29 48.10
C PRO E 285 33.22 7.65 47.65
N ALA E 286 34.53 7.90 47.83
CA ALA E 286 35.17 9.15 47.42
C ALA E 286 35.24 9.25 45.90
N ARG E 287 35.62 8.14 45.21
CA ARG E 287 35.70 8.09 43.75
C ARG E 287 34.32 8.13 43.12
N ALA E 288 33.39 7.28 43.61
CA ALA E 288 31.99 7.19 43.16
C ALA E 288 31.30 8.55 43.19
N ALA E 289 31.46 9.32 44.30
CA ALA E 289 30.89 10.66 44.43
C ALA E 289 31.56 11.69 43.53
N SER E 290 32.89 11.57 43.29
CA SER E 290 33.61 12.50 42.42
C SER E 290 33.28 12.28 40.94
N ILE E 291 33.03 11.02 40.52
CA ILE E 291 32.66 10.67 39.15
C ILE E 291 31.26 11.22 38.85
N THR E 292 30.28 10.91 39.72
CA THR E 292 28.88 11.34 39.63
C THR E 292 28.79 12.87 39.54
N ARG E 293 29.61 13.58 40.36
CA ARG E 293 29.64 15.05 40.37
C ARG E 293 30.24 15.60 39.07
N ALA E 294 31.26 14.91 38.50
CA ALA E 294 31.90 15.30 37.24
C ALA E 294 30.93 15.12 36.08
N SER E 295 30.23 13.96 36.05
CA SER E 295 29.23 13.58 35.04
C SER E 295 28.14 14.64 34.86
N ARG E 296 27.71 15.29 35.97
CA ARG E 296 26.71 16.36 36.02
C ARG E 296 27.06 17.51 35.05
N ILE E 297 28.36 17.77 34.85
CA ILE E 297 28.89 18.80 33.95
C ILE E 297 29.39 18.16 32.65
N ALA E 298 30.16 17.05 32.76
CA ALA E 298 30.75 16.31 31.64
C ALA E 298 29.73 15.90 30.58
N PHE E 299 28.58 15.30 31.00
CA PHE E 299 27.54 14.85 30.07
C PHE E 299 26.92 16.01 29.25
N PRO E 300 26.33 17.10 29.85
CA PRO E 300 25.81 18.19 29.00
C PRO E 300 26.86 18.89 28.14
N VAL E 301 28.08 19.10 28.69
CA VAL E 301 29.18 19.77 27.99
C VAL E 301 29.66 18.94 26.78
N VAL E 302 29.98 17.63 26.97
CA VAL E 302 30.41 16.74 25.88
C VAL E 302 29.31 16.66 24.79
N PHE E 303 28.03 16.60 25.20
CA PHE E 303 26.88 16.56 24.30
C PHE E 303 26.81 17.82 23.43
N LEU E 304 26.75 19.01 24.07
CA LEU E 304 26.71 20.33 23.43
C LEU E 304 27.92 20.54 22.50
N LEU E 305 29.11 20.05 22.89
CA LEU E 305 30.34 20.16 22.09
C LEU E 305 30.29 19.28 20.86
N ALA E 306 29.99 17.97 21.03
CA ALA E 306 29.89 17.00 19.95
C ALA E 306 28.84 17.39 18.90
N ASN E 307 27.72 18.00 19.37
CA ASN E 307 26.64 18.49 18.51
C ASN E 307 27.12 19.64 17.62
N ILE E 308 27.95 20.55 18.18
CA ILE E 308 28.56 21.68 17.47
C ILE E 308 29.51 21.13 16.39
N ILE E 309 30.31 20.08 16.75
CA ILE E 309 31.22 19.40 15.83
C ILE E 309 30.44 18.78 14.66
N LEU E 310 29.33 18.06 14.97
CA LEU E 310 28.46 17.44 13.96
C LEU E 310 27.82 18.47 13.03
N ALA E 311 27.23 19.55 13.61
CA ALA E 311 26.62 20.64 12.87
C ALA E 311 27.64 21.30 11.94
N PHE E 312 28.91 21.42 12.41
CA PHE E 312 29.99 21.98 11.63
C PHE E 312 30.36 21.07 10.46
N LEU E 313 30.50 19.75 10.72
CA LEU E 313 30.86 18.75 9.71
C LEU E 313 29.83 18.62 8.59
N PHE E 314 28.53 18.68 8.93
CA PHE E 314 27.45 18.53 7.95
C PHE E 314 27.10 19.82 7.22
N PHE E 315 27.27 20.97 7.89
CA PHE E 315 26.93 22.28 7.31
C PHE E 315 28.15 23.20 7.28
#